data_4K35
#
_entry.id   4K35
#
_cell.length_a   95.042
_cell.length_b   118.802
_cell.length_c   139.422
_cell.angle_alpha   90.00
_cell.angle_beta   90.00
_cell.angle_gamma   90.00
#
_symmetry.space_group_name_H-M   'P 21 21 21'
#
loop_
_entity.id
_entity.type
_entity.pdbx_description
1 polymer 'glycoside hydrolase family 81 endo-beta-1,3-glucanase'
2 non-polymer 2-AMINO-2-HYDROXYMETHYL-PROPANE-1,3-DIOL
3 non-polymer (4S)-2-METHYL-2,4-PENTANEDIOL
4 water water
#
_entity_poly.entity_id   1
_entity_poly.type   'polypeptide(L)'
_entity_poly.pdbx_seq_one_letter_code
;STSDGDDLFVPVSNFDPKSIFPEIKHPFEP(MSE)YANTENGKIVPTNSWISNLFYPSADNLAPTTPDPYTLRLLDGYGG
NPGLTIRQPSAKVLGSYPPTNDVPYTDAGY(MSE)INSVVVDLRLTSSEWSDVVPDRQVTDWDHLSANLRLSTPQDSNSY
IDFPIVRG(MSE)AYITANYNNLTPQFLSQHAIISVEADEKKSDDNTSTFSGRKFKIT(MSE)NDDPTSTFIIYSLGDKP
LELRKQDNSNLVASKPYTGVIRVAKLPAPEFETLLDASRAVWPTGGDISARSDDNNGASYTIKWKTNSNEAPLLTYAYAH
HLTSIDDSNVKRTD(MSE)TLQSATKGP(MSE)TALVGNEWTLRETELSPVEWLPLQAAPNPTTINEI(MSE)TEINKDI
ASNYTQETAKEDNYFSGKGLQKFA(MSE)LALILNKSDQTQLRNPELAQIALDKLKAAFLPYLQNEQADPFRYDTLYKGI
VAKAGLPTS(MSE)GGTDDLSAEFGHSYYSDHHYHQGYFVVTAAIIHHLDPTWNADRLKAWTEALIRDVNNANDGDEYFA
AFRNWDWFAGHSWAGGIKPDGALDGRDQESVPESVNFYWGAKLWGLATGNTPLTKLASLQLAVTKRTTYEYFW(MSE)LD
GNKNRPENIVRNKVIGIYFEQKTDYTTYFGRFLEYIHGIQQLP(MSE)TPEL(MSE)EYIRTPEFVSQEWDEKLGAIAPT
VQSPWAGVLYLNYAIINPAEAYPALRKVQ(MSE)DDGQTRSYSLYLTATRPHFFRRSLLAALARHGSTRRPSLPSSGDDD
KHEDGFLLRFRRLNPFNLKHRIY
;
_entity_poly.pdbx_strand_id   A,B
#
loop_
_chem_comp.id
_chem_comp.type
_chem_comp.name
_chem_comp.formula
MPD non-polymer (4S)-2-METHYL-2,4-PENTANEDIOL 'C6 H14 O2'
TRS non-polymer 2-AMINO-2-HYDROXYMETHYL-PROPANE-1,3-DIOL 'C4 H12 N O3 1'
#
# COMPACT_ATOMS: atom_id res chain seq x y z
C GLY A 5 -14.13 15.47 15.58
N ASP A 6 -13.93 14.21 15.98
CA ASP A 6 -14.79 13.60 16.97
C ASP A 6 -14.00 13.33 18.24
N ASP A 7 -14.59 13.64 19.38
CA ASP A 7 -14.01 13.38 20.69
C ASP A 7 -13.94 11.86 20.92
N LEU A 8 -12.73 11.33 21.15
CA LEU A 8 -12.57 9.89 21.31
C LEU A 8 -12.64 9.48 22.77
N PHE A 9 -12.51 10.43 23.67
CA PHE A 9 -12.53 10.12 25.09
C PHE A 9 -13.92 10.30 25.66
N VAL A 10 -14.84 9.44 25.23
CA VAL A 10 -16.22 9.48 25.67
C VAL A 10 -16.59 8.08 26.16
N PRO A 11 -17.63 7.96 27.01
CA PRO A 11 -17.93 6.62 27.54
C PRO A 11 -18.42 5.67 26.47
N VAL A 12 -18.21 4.37 26.67
CA VAL A 12 -18.84 3.36 25.82
C VAL A 12 -20.30 3.30 26.21
N SER A 13 -20.52 3.27 27.52
CA SER A 13 -21.86 3.30 28.11
C SER A 13 -21.71 3.54 29.60
N ASN A 14 -22.83 3.70 30.30
CA ASN A 14 -22.83 3.76 31.77
C ASN A 14 -23.76 2.72 32.35
N PHE A 15 -23.89 1.60 31.63
CA PHE A 15 -24.61 0.44 32.11
C PHE A 15 -24.00 -0.07 33.43
N ASP A 16 -24.86 -0.40 34.38
CA ASP A 16 -24.43 -0.91 35.68
C ASP A 16 -24.15 -2.41 35.58
N PRO A 17 -22.87 -2.79 35.67
CA PRO A 17 -22.45 -4.19 35.47
C PRO A 17 -22.94 -5.11 36.60
N LYS A 18 -23.43 -4.55 37.70
CA LYS A 18 -23.91 -5.40 38.79
C LYS A 18 -25.14 -6.22 38.39
N SER A 19 -25.81 -5.81 37.32
CA SER A 19 -26.97 -6.54 36.79
C SER A 19 -26.55 -7.76 35.99
N ILE A 20 -25.26 -7.90 35.75
CA ILE A 20 -24.76 -8.99 34.93
C ILE A 20 -23.75 -9.86 35.69
N PHE A 21 -22.89 -9.22 36.49
CA PHE A 21 -21.92 -9.98 37.28
C PHE A 21 -22.19 -9.80 38.78
N PRO A 22 -22.08 -10.90 39.55
CA PRO A 22 -22.17 -10.76 41.02
C PRO A 22 -21.16 -9.77 41.57
N GLU A 23 -21.63 -8.92 42.47
CA GLU A 23 -20.82 -7.88 43.10
C GLU A 23 -19.82 -8.42 44.14
N ILE A 24 -18.60 -7.89 44.13
CA ILE A 24 -17.67 -8.11 45.24
C ILE A 24 -16.90 -6.83 45.55
N LYS A 25 -16.21 -6.83 46.68
CA LYS A 25 -15.19 -5.82 46.96
C LYS A 25 -13.87 -6.56 46.99
N HIS A 26 -12.92 -6.14 46.16
CA HIS A 26 -11.65 -6.87 46.08
C HIS A 26 -11.04 -7.00 47.47
N PRO A 27 -10.60 -8.21 47.81
CA PRO A 27 -10.07 -8.49 49.15
C PRO A 27 -8.68 -7.91 49.38
N PHE A 28 -7.98 -7.52 48.32
CA PHE A 28 -6.66 -6.95 48.52
C PHE A 28 -6.66 -5.44 48.28
N GLU A 29 -6.63 -4.69 49.38
CA GLU A 29 -6.84 -3.23 49.32
C GLU A 29 -5.54 -2.47 49.13
N PRO A 30 -5.64 -1.25 48.53
CA PRO A 30 -4.45 -0.39 48.46
C PRO A 30 -4.12 0.16 49.84
N MSE A 31 -2.88 0.00 50.28
CA MSE A 31 -2.52 0.34 51.64
C MSE A 31 -2.26 1.82 51.84
O MSE A 31 -2.57 2.38 52.90
CB MSE A 31 -1.29 -0.46 52.07
CG MSE A 31 -0.98 -0.34 53.56
SE MSE A 31 0.41 -1.59 54.12
CE MSE A 31 -0.44 -3.27 53.62
N TYR A 32 -1.72 2.49 50.83
CA TYR A 32 -1.24 3.85 51.03
C TYR A 32 -2.04 4.85 50.23
N ALA A 33 -3.22 4.44 49.78
CA ALA A 33 -4.05 5.33 48.97
C ALA A 33 -4.86 6.26 49.85
N ASN A 34 -4.90 7.53 49.46
CA ASN A 34 -5.86 8.44 50.04
C ASN A 34 -7.27 7.98 49.65
N THR A 35 -7.99 7.40 50.60
CA THR A 35 -9.32 6.84 50.31
C THR A 35 -10.45 7.88 50.24
N GLU A 36 -10.15 9.13 50.59
CA GLU A 36 -11.18 10.16 50.69
C GLU A 36 -11.21 11.13 49.52
N ASN A 37 -10.46 10.82 48.46
CA ASN A 37 -10.36 11.74 47.34
C ASN A 37 -11.29 11.43 46.17
N GLY A 38 -12.01 10.33 46.26
CA GLY A 38 -12.95 9.95 45.21
C GLY A 38 -12.29 9.48 43.93
N LYS A 39 -10.99 9.17 43.99
CA LYS A 39 -10.32 8.64 42.83
C LYS A 39 -10.11 7.13 42.93
N ILE A 40 -9.90 6.50 41.78
CA ILE A 40 -9.73 5.06 41.72
C ILE A 40 -8.27 4.67 41.59
N VAL A 41 -7.81 3.77 42.45
CA VAL A 41 -6.44 3.27 42.38
C VAL A 41 -6.25 2.40 41.14
N PRO A 42 -5.27 2.76 40.27
CA PRO A 42 -5.04 1.97 39.05
C PRO A 42 -4.29 0.67 39.36
N THR A 43 -4.58 -0.38 38.60
CA THR A 43 -4.02 -1.70 38.87
C THR A 43 -2.84 -2.08 37.98
N ASN A 44 -2.77 -1.46 36.80
CA ASN A 44 -1.78 -1.82 35.80
C ASN A 44 -1.02 -0.57 35.35
N SER A 45 -0.83 0.36 36.27
CA SER A 45 -0.23 1.64 35.93
C SER A 45 1.22 1.71 36.31
N TRP A 46 1.94 2.61 35.65
CA TRP A 46 3.30 2.90 36.08
C TRP A 46 3.33 3.45 37.51
N ILE A 47 2.23 3.98 38.03
CA ILE A 47 2.27 4.43 39.43
C ILE A 47 1.84 3.37 40.45
N SER A 48 1.43 2.19 40.00
CA SER A 48 0.73 1.26 40.89
C SER A 48 1.56 0.75 42.08
N ASN A 49 2.88 0.62 41.95
CA ASN A 49 3.70 0.18 43.10
C ASN A 49 3.63 1.12 44.31
N LEU A 50 3.33 2.40 44.08
CA LEU A 50 3.28 3.40 45.16
C LEU A 50 2.25 3.08 46.25
N PHE A 51 1.22 2.34 45.90
CA PHE A 51 0.07 2.11 46.79
C PHE A 51 0.23 0.92 47.71
N TYR A 52 1.32 0.18 47.56
CA TYR A 52 1.51 -1.09 48.24
C TYR A 52 2.91 -1.23 48.84
N PRO A 53 3.05 -2.05 49.89
CA PRO A 53 4.38 -2.35 50.42
C PRO A 53 5.16 -3.25 49.47
N SER A 54 6.45 -3.41 49.75
CA SER A 54 7.29 -4.32 49.00
C SER A 54 8.46 -4.71 49.88
N ALA A 55 9.03 -5.89 49.62
CA ALA A 55 10.19 -6.39 50.35
C ALA A 55 11.31 -5.35 50.38
N ASP A 56 11.69 -4.94 51.59
CA ASP A 56 12.71 -3.91 51.79
C ASP A 56 12.37 -2.61 51.07
N ASN A 57 11.10 -2.44 50.73
CA ASN A 57 10.60 -1.26 50.03
C ASN A 57 11.34 -0.99 48.72
N LEU A 58 11.69 -2.05 48.01
CA LEU A 58 12.51 -1.92 46.80
C LEU A 58 11.71 -1.79 45.50
N ALA A 59 10.38 -1.91 45.56
CA ALA A 59 9.59 -1.80 44.34
C ALA A 59 9.76 -0.42 43.71
N PRO A 60 10.13 -0.37 42.41
CA PRO A 60 10.42 0.92 41.78
C PRO A 60 9.22 1.54 41.10
N THR A 61 9.23 2.87 41.04
CA THR A 61 8.26 3.63 40.26
C THR A 61 9.07 4.45 39.29
N THR A 62 8.70 4.41 38.02
CA THR A 62 9.59 4.85 36.95
C THR A 62 8.96 5.91 36.04
N PRO A 63 8.91 7.18 36.49
CA PRO A 63 8.40 8.25 35.61
C PRO A 63 9.22 8.38 34.35
N ASP A 64 10.54 8.14 34.45
CA ASP A 64 11.49 8.17 33.33
C ASP A 64 11.79 9.60 32.90
N PRO A 65 13.07 9.95 32.74
CA PRO A 65 14.28 9.12 32.84
C PRO A 65 14.69 8.73 34.26
N TYR A 66 13.98 9.22 35.27
CA TYR A 66 14.32 8.83 36.64
C TYR A 66 13.58 7.57 37.06
N THR A 67 14.30 6.73 37.80
CA THR A 67 13.73 5.58 38.50
C THR A 67 13.68 5.97 39.97
N LEU A 68 12.55 5.69 40.63
CA LEU A 68 12.38 6.08 42.02
C LEU A 68 12.03 4.89 42.91
N ARG A 69 12.51 4.93 44.15
CA ARG A 69 12.09 3.99 45.16
C ARG A 69 11.74 4.76 46.43
N LEU A 70 10.78 4.23 47.19
CA LEU A 70 10.24 4.94 48.36
C LEU A 70 10.53 4.19 49.64
N LEU A 71 11.35 4.80 50.49
CA LEU A 71 11.68 4.27 51.81
C LEU A 71 12.38 2.94 51.71
N ASP A 72 13.03 2.69 50.57
CA ASP A 72 13.90 1.53 50.43
C ASP A 72 14.92 1.50 51.58
N GLY A 73 15.16 0.30 52.07
CA GLY A 73 15.75 0.12 53.39
C GLY A 73 17.22 0.32 53.60
N TYR A 74 18.00 0.48 52.53
CA TYR A 74 19.46 0.51 52.66
C TYR A 74 20.04 1.92 52.55
N GLY A 75 21.30 2.07 52.94
CA GLY A 75 22.02 3.31 52.70
C GLY A 75 21.88 4.44 53.68
N GLY A 76 20.98 4.32 54.65
CA GLY A 76 20.82 5.37 55.63
C GLY A 76 19.39 5.86 55.73
N ASN A 77 19.24 7.11 56.18
CA ASN A 77 17.90 7.67 56.41
C ASN A 77 17.00 7.44 55.19
N PRO A 78 15.78 6.95 55.42
CA PRO A 78 14.85 6.62 54.33
C PRO A 78 14.19 7.84 53.70
N GLY A 79 13.86 7.76 52.41
CA GLY A 79 13.21 8.87 51.75
C GLY A 79 12.89 8.54 50.30
N LEU A 80 13.02 9.54 49.43
CA LEU A 80 12.76 9.33 48.00
C LEU A 80 14.10 9.08 47.31
N THR A 81 14.28 7.84 46.87
CA THR A 81 15.53 7.41 46.27
C THR A 81 15.50 7.58 44.74
N ILE A 82 16.54 8.18 44.19
CA ILE A 82 16.67 8.38 42.74
C ILE A 82 17.76 7.50 42.14
N ARG A 83 17.41 6.79 41.08
CA ARG A 83 18.39 6.14 40.24
C ARG A 83 18.18 6.66 38.82
N GLN A 84 19.26 7.04 38.15
CA GLN A 84 19.18 7.48 36.76
C GLN A 84 20.22 6.68 35.99
N PRO A 85 19.77 5.59 35.35
CA PRO A 85 20.71 4.61 34.77
C PRO A 85 21.32 5.03 33.44
N SER A 86 22.48 5.68 33.49
CA SER A 86 23.25 5.99 32.29
C SER A 86 23.65 4.73 31.52
N ALA A 87 23.92 3.66 32.25
CA ALA A 87 24.40 2.42 31.65
C ALA A 87 23.59 1.23 32.16
N LYS A 88 23.48 0.20 31.33
CA LYS A 88 22.75 -1.00 31.72
C LYS A 88 23.71 -2.13 32.06
N VAL A 89 23.23 -3.09 32.84
CA VAL A 89 23.97 -4.31 33.04
C VAL A 89 23.41 -5.35 32.06
N LEU A 90 24.27 -5.86 31.19
CA LEU A 90 23.86 -6.85 30.19
C LEU A 90 24.34 -8.23 30.58
N GLY A 91 23.51 -9.25 30.33
CA GLY A 91 23.93 -10.62 30.56
C GLY A 91 23.57 -11.47 29.36
N SER A 92 24.28 -12.59 29.20
CA SER A 92 24.04 -13.46 28.07
C SER A 92 23.65 -14.87 28.50
N TYR A 93 22.81 -15.50 27.69
CA TYR A 93 22.50 -16.91 27.87
C TYR A 93 23.55 -17.63 27.03
N PRO A 94 24.21 -18.64 27.59
CA PRO A 94 25.20 -19.28 26.72
C PRO A 94 24.52 -19.97 25.52
N PRO A 95 25.25 -20.10 24.40
CA PRO A 95 24.71 -20.72 23.18
C PRO A 95 24.28 -22.17 23.40
N THR A 96 23.16 -22.55 22.77
CA THR A 96 22.72 -23.93 22.73
C THR A 96 22.50 -24.29 21.27
N ASN A 97 22.34 -25.57 20.97
CA ASN A 97 22.00 -25.99 19.61
C ASN A 97 20.74 -25.29 19.12
N ASP A 98 19.82 -25.05 20.05
CA ASP A 98 18.53 -24.44 19.75
C ASP A 98 18.65 -22.93 19.53
N VAL A 99 19.40 -22.28 20.42
CA VAL A 99 19.65 -20.83 20.36
C VAL A 99 21.18 -20.60 20.32
N PRO A 100 21.77 -20.72 19.12
CA PRO A 100 23.23 -20.73 18.95
C PRO A 100 23.89 -19.35 18.87
N TYR A 101 23.11 -18.29 18.73
CA TYR A 101 23.67 -16.97 18.51
C TYR A 101 24.22 -16.38 19.81
N THR A 102 25.50 -16.02 19.81
CA THR A 102 26.20 -15.61 21.03
C THR A 102 26.04 -14.13 21.36
N ASP A 103 24.81 -13.63 21.34
CA ASP A 103 24.54 -12.25 21.70
C ASP A 103 23.97 -12.17 23.12
N ALA A 104 23.59 -10.97 23.54
CA ALA A 104 23.05 -10.71 24.88
C ALA A 104 21.59 -11.14 25.01
N GLY A 105 21.21 -11.56 26.22
CA GLY A 105 19.85 -12.01 26.47
C GLY A 105 19.01 -11.08 27.32
N TYR A 106 19.63 -10.43 28.30
CA TYR A 106 18.84 -9.59 29.19
C TYR A 106 19.54 -8.29 29.52
N MSE A 107 18.72 -7.33 29.89
CA MSE A 107 19.13 -5.95 30.13
C MSE A 107 18.52 -5.56 31.47
O MSE A 107 17.31 -5.67 31.64
CB MSE A 107 18.60 -5.05 29.00
CG MSE A 107 19.25 -3.71 28.85
SE MSE A 107 18.85 -3.06 27.04
CE MSE A 107 16.88 -3.00 27.14
N ILE A 108 19.33 -5.16 32.44
CA ILE A 108 18.80 -4.74 33.73
C ILE A 108 19.42 -3.44 34.19
N ASN A 109 18.74 -2.75 35.11
CA ASN A 109 19.24 -1.51 35.67
C ASN A 109 19.67 -1.74 37.11
N SER A 110 20.90 -1.32 37.47
CA SER A 110 21.40 -1.59 38.82
C SER A 110 20.56 -0.89 39.89
N VAL A 111 20.38 -1.56 41.02
CA VAL A 111 19.65 -1.00 42.13
C VAL A 111 20.67 -0.36 43.09
N VAL A 112 20.81 0.96 42.98
CA VAL A 112 21.72 1.70 43.84
C VAL A 112 21.16 3.09 44.02
N VAL A 113 21.44 3.68 45.17
CA VAL A 113 21.00 5.04 45.44
C VAL A 113 21.94 6.02 44.79
N ASP A 114 21.56 6.58 43.64
CA ASP A 114 22.39 7.65 43.09
C ASP A 114 22.30 8.87 43.99
N LEU A 115 21.06 9.24 44.32
CA LEU A 115 20.79 10.35 45.24
C LEU A 115 19.45 10.14 45.90
N ARG A 116 19.39 10.42 47.21
CA ARG A 116 18.14 10.28 47.94
C ARG A 116 17.81 11.57 48.69
N LEU A 117 16.55 11.98 48.62
CA LEU A 117 16.08 13.11 49.42
CA LEU A 117 16.08 13.11 49.42
C LEU A 117 15.42 12.58 50.68
N THR A 118 15.96 12.94 51.84
CA THR A 118 15.39 12.49 53.10
C THR A 118 15.45 13.64 54.11
N SER A 119 15.46 13.35 55.40
CA SER A 119 15.57 14.39 56.42
CA SER A 119 15.48 14.36 56.46
C SER A 119 16.32 13.87 57.64
N SER A 120 16.97 14.78 58.35
CA SER A 120 17.75 14.41 59.53
CA SER A 120 17.75 14.38 59.52
C SER A 120 16.82 13.87 60.61
N GLU A 121 15.57 14.33 60.60
CA GLU A 121 14.55 13.90 61.55
C GLU A 121 14.17 12.44 61.37
N TRP A 122 14.53 11.85 60.23
CA TRP A 122 14.15 10.47 59.96
C TRP A 122 15.33 9.53 60.17
N SER A 123 16.19 9.88 61.13
CA SER A 123 17.33 9.05 61.48
C SER A 123 16.89 7.76 62.16
N ASP A 124 15.84 7.83 62.98
CA ASP A 124 15.42 6.67 63.74
C ASP A 124 13.92 6.41 63.71
N VAL A 125 13.23 6.98 62.73
CA VAL A 125 11.82 6.66 62.52
C VAL A 125 11.59 6.53 61.01
N VAL A 126 10.65 5.66 60.65
CA VAL A 126 10.23 5.50 59.25
C VAL A 126 9.01 6.35 58.97
N PRO A 127 9.13 7.29 58.01
CA PRO A 127 8.03 8.20 57.65
C PRO A 127 6.75 7.46 57.27
N ASP A 128 5.60 8.01 57.63
CA ASP A 128 4.34 7.56 57.06
C ASP A 128 4.33 8.00 55.61
N ARG A 129 3.57 7.30 54.79
CA ARG A 129 3.49 7.66 53.39
C ARG A 129 2.04 7.62 52.93
N GLN A 130 1.71 8.48 51.97
CA GLN A 130 0.40 8.41 51.34
C GLN A 130 0.46 8.93 49.91
N VAL A 131 -0.26 8.26 49.01
CA VAL A 131 -0.46 8.79 47.68
C VAL A 131 -1.70 9.67 47.80
N THR A 132 -1.50 10.98 47.83
CA THR A 132 -2.59 11.90 48.18
C THR A 132 -3.51 12.19 47.00
N ASP A 133 -2.96 12.07 45.79
CA ASP A 133 -3.71 12.34 44.58
C ASP A 133 -2.93 11.76 43.40
N TRP A 134 -3.61 11.49 42.30
CA TRP A 134 -2.96 10.93 41.13
C TRP A 134 -3.81 11.14 39.90
N ASP A 135 -3.20 11.02 38.73
CA ASP A 135 -3.95 10.89 37.49
C ASP A 135 -3.18 9.92 36.58
N HIS A 136 -3.50 9.90 35.30
CA HIS A 136 -2.86 8.97 34.37
C HIS A 136 -1.35 9.20 34.27
N LEU A 137 -0.93 10.44 34.50
CA LEU A 137 0.45 10.84 34.22
C LEU A 137 1.26 11.20 35.45
N SER A 138 0.69 11.02 36.63
CA SER A 138 1.33 11.57 37.82
C SER A 138 0.76 10.99 39.10
N ALA A 139 1.50 11.15 40.19
CA ALA A 139 0.99 10.87 41.52
C ALA A 139 1.70 11.77 42.51
N ASN A 140 0.98 12.29 43.50
CA ASN A 140 1.64 13.01 44.57
C ASN A 140 1.85 12.11 45.77
N LEU A 141 3.12 11.95 46.14
CA LEU A 141 3.49 11.11 47.26
C LEU A 141 3.89 12.02 48.43
N ARG A 142 3.24 11.84 49.58
CA ARG A 142 3.62 12.58 50.77
C ARG A 142 4.30 11.69 51.78
N LEU A 143 5.46 12.13 52.27
CA LEU A 143 6.15 11.46 53.36
C LEU A 143 6.10 12.35 54.59
N SER A 144 5.70 11.81 55.73
CA SER A 144 5.59 12.64 56.93
C SER A 144 6.08 11.92 58.20
N THR A 145 6.53 12.72 59.16
CA THR A 145 6.89 12.19 60.47
C THR A 145 5.65 11.59 61.13
N PRO A 146 5.74 10.33 61.56
CA PRO A 146 4.55 9.65 62.11
C PRO A 146 3.89 10.41 63.27
N GLN A 147 4.68 10.97 64.20
CA GLN A 147 4.07 11.72 65.30
C GLN A 147 3.62 13.15 64.95
N ASP A 148 3.95 13.64 63.76
CA ASP A 148 3.69 15.05 63.45
C ASP A 148 3.43 15.25 61.97
N SER A 149 2.14 15.28 61.61
CA SER A 149 1.72 15.38 60.23
C SER A 149 2.04 16.74 59.61
N ASN A 150 2.41 17.70 60.46
CA ASN A 150 2.83 19.01 59.97
C ASN A 150 4.30 19.03 59.49
N SER A 151 5.03 17.95 59.74
CA SER A 151 6.37 17.80 59.21
C SER A 151 6.39 16.79 58.06
N TYR A 152 6.44 17.28 56.83
CA TYR A 152 6.23 16.43 55.67
C TYR A 152 6.93 16.93 54.42
N ILE A 153 7.02 16.05 53.42
CA ILE A 153 7.48 16.42 52.08
C ILE A 153 6.46 15.94 51.07
N ASP A 154 6.04 16.82 50.15
CA ASP A 154 5.23 16.42 48.99
C ASP A 154 6.13 16.25 47.77
N PHE A 155 6.02 15.11 47.09
CA PHE A 155 6.71 14.89 45.83
C PHE A 155 5.72 14.73 44.66
N PRO A 156 5.58 15.75 43.80
CA PRO A 156 4.80 15.54 42.58
C PRO A 156 5.61 14.73 41.56
N ILE A 157 5.20 13.47 41.36
CA ILE A 157 5.92 12.54 40.50
C ILE A 157 5.21 12.48 39.17
N VAL A 158 5.87 12.93 38.12
CA VAL A 158 5.22 13.11 36.83
C VAL A 158 6.02 12.45 35.71
N ARG A 159 5.35 11.76 34.79
CA ARG A 159 5.99 11.21 33.60
C ARG A 159 6.92 12.22 32.94
N GLY A 160 8.13 11.79 32.60
CA GLY A 160 9.06 12.62 31.83
C GLY A 160 9.74 13.75 32.60
N MSE A 161 9.50 13.87 33.90
CA MSE A 161 9.98 15.06 34.62
C MSE A 161 11.50 15.13 34.61
O MSE A 161 12.19 14.09 34.79
CB MSE A 161 9.43 15.11 36.05
CG MSE A 161 9.93 14.04 37.00
SE MSE A 161 9.06 14.28 38.74
CE MSE A 161 9.94 12.84 39.74
N ALA A 162 12.03 16.33 34.40
CA ALA A 162 13.46 16.57 34.19
C ALA A 162 14.20 16.82 35.50
N TYR A 163 13.43 17.14 36.54
CA TYR A 163 13.93 17.29 37.91
C TYR A 163 13.06 16.45 38.83
N ILE A 164 13.59 16.12 40.01
CA ILE A 164 12.73 15.68 41.12
C ILE A 164 12.34 16.90 41.92
N THR A 165 11.06 17.05 42.23
CA THR A 165 10.58 18.20 43.00
C THR A 165 10.11 17.74 44.38
N ALA A 166 10.49 18.49 45.40
CA ALA A 166 10.18 18.13 46.78
C ALA A 166 9.81 19.37 47.58
N ASN A 167 8.56 19.42 48.04
CA ASN A 167 8.15 20.53 48.88
C ASN A 167 8.32 20.18 50.34
N TYR A 168 9.41 20.65 50.94
CA TYR A 168 9.70 20.37 52.35
C TYR A 168 8.88 21.26 53.28
N ASN A 169 8.39 20.68 54.37
CA ASN A 169 7.69 21.47 55.37
C ASN A 169 8.14 21.12 56.78
N ASN A 170 8.88 22.04 57.41
CA ASN A 170 9.39 21.85 58.77
C ASN A 170 10.21 20.58 58.92
N LEU A 171 11.13 20.34 57.99
CA LEU A 171 12.02 19.19 58.07
C LEU A 171 13.42 19.63 57.67
N THR A 172 14.42 18.98 58.25
CA THR A 172 15.82 19.31 57.97
C THR A 172 16.30 18.50 56.77
N PRO A 173 16.44 19.14 55.59
CA PRO A 173 16.79 18.38 54.40
C PRO A 173 18.12 17.64 54.52
N GLN A 174 18.13 16.41 54.02
CA GLN A 174 19.34 15.59 53.98
C GLN A 174 19.41 14.93 52.60
N PHE A 175 20.60 14.93 52.01
CA PHE A 175 20.82 14.36 50.69
C PHE A 175 21.87 13.27 50.85
N LEU A 176 21.56 12.04 50.46
CA LEU A 176 22.57 11.02 50.59
C LEU A 176 22.70 10.22 49.32
N SER A 177 23.82 9.50 49.23
CA SER A 177 24.11 8.66 48.07
C SER A 177 24.67 7.36 48.56
N GLN A 178 24.62 6.32 47.72
CA GLN A 178 25.41 5.12 48.02
C GLN A 178 26.78 5.21 47.37
N HIS A 179 26.97 6.25 46.55
CA HIS A 179 28.29 6.63 46.06
C HIS A 179 28.91 7.63 47.02
N ALA A 180 30.19 7.95 46.84
CA ALA A 180 30.78 9.06 47.58
C ALA A 180 30.43 10.33 46.84
N ILE A 181 30.12 11.40 47.58
CA ILE A 181 29.96 12.72 46.97
C ILE A 181 31.32 13.38 47.02
N ILE A 182 31.99 13.50 45.87
CA ILE A 182 33.38 13.93 45.89
C ILE A 182 33.61 15.41 45.64
N SER A 183 32.56 16.15 45.31
CA SER A 183 32.68 17.60 45.20
CA SER A 183 32.69 17.60 45.21
C SER A 183 31.33 18.28 45.34
N VAL A 184 31.34 19.45 45.95
CA VAL A 184 30.16 20.29 46.14
C VAL A 184 30.53 21.70 45.73
N GLU A 185 29.78 22.29 44.81
CA GLU A 185 29.95 23.70 44.47
C GLU A 185 28.68 24.48 44.81
N ALA A 186 28.77 25.37 45.78
CA ALA A 186 27.60 26.17 46.15
C ALA A 186 27.58 27.50 45.42
N ASP A 187 26.41 27.85 44.86
CA ASP A 187 26.22 29.10 44.11
C ASP A 187 27.36 29.37 43.11
N GLU A 188 27.74 28.33 42.38
CA GLU A 188 28.71 28.42 41.28
C GLU A 188 30.10 28.92 41.68
N LYS A 189 30.47 28.64 42.93
CA LYS A 189 31.81 28.93 43.44
C LYS A 189 32.57 27.66 43.77
N LYS A 190 33.83 27.59 43.33
CA LYS A 190 34.66 26.46 43.72
C LYS A 190 35.05 26.64 45.18
N SER A 191 35.02 25.57 45.94
CA SER A 191 35.45 25.65 47.34
C SER A 191 36.79 24.91 47.51
N ASP A 192 37.47 25.17 48.62
CA ASP A 192 38.73 24.48 48.92
C ASP A 192 38.49 23.00 49.23
N ASP A 193 39.56 22.22 49.18
CA ASP A 193 39.48 20.76 49.35
C ASP A 193 39.14 20.35 50.79
N ASN A 194 39.30 21.28 51.72
CA ASN A 194 39.08 20.95 53.12
C ASN A 194 37.83 21.65 53.68
N THR A 195 37.01 22.16 52.78
CA THR A 195 35.74 22.76 53.13
CA THR A 195 35.74 22.75 53.16
C THR A 195 34.70 21.65 53.35
N SER A 196 33.92 21.73 54.42
CA SER A 196 32.93 20.70 54.70
C SER A 196 31.53 21.26 54.96
N THR A 197 31.37 22.56 54.83
CA THR A 197 30.05 23.19 54.93
C THR A 197 29.83 24.07 53.70
N PHE A 198 28.62 24.05 53.17
CA PHE A 198 28.32 24.72 51.91
C PHE A 198 26.96 25.40 52.05
N SER A 199 26.90 26.69 51.75
CA SER A 199 25.65 27.44 51.91
C SER A 199 25.26 28.13 50.61
N GLY A 200 23.97 28.27 50.37
CA GLY A 200 23.53 28.93 49.16
C GLY A 200 22.19 28.40 48.71
N ARG A 201 21.89 28.59 47.43
CA ARG A 201 20.58 28.19 46.91
CA ARG A 201 20.58 28.19 46.90
C ARG A 201 20.72 27.27 45.70
N LYS A 202 21.95 27.03 45.27
CA LYS A 202 22.26 26.09 44.18
C LYS A 202 23.50 25.30 44.55
N PHE A 203 23.42 23.97 44.42
CA PHE A 203 24.54 23.09 44.76
C PHE A 203 24.76 22.10 43.63
N LYS A 204 25.96 22.14 43.07
CA LYS A 204 26.33 21.22 42.02
C LYS A 204 27.22 20.16 42.65
N ILE A 205 26.77 18.91 42.64
CA ILE A 205 27.51 17.87 43.33
C ILE A 205 27.88 16.74 42.36
N THR A 206 29.06 16.16 42.58
CA THR A 206 29.58 15.10 41.73
CA THR A 206 29.49 15.05 41.73
C THR A 206 29.83 13.83 42.57
N MSE A 207 29.51 12.66 42.02
CA MSE A 207 29.75 11.38 42.69
C MSE A 207 30.93 10.62 42.11
O MSE A 207 31.41 10.97 41.01
CB MSE A 207 28.49 10.52 42.64
CG MSE A 207 27.40 10.96 43.61
SE MSE A 207 26.57 12.66 43.10
CE MSE A 207 24.95 12.46 44.18
N ASN A 208 31.39 9.59 42.80
CA ASN A 208 32.51 8.79 42.30
C ASN A 208 32.05 7.54 41.57
N ASP A 209 30.84 7.59 40.98
CA ASP A 209 30.34 6.45 40.23
C ASP A 209 30.86 6.49 38.79
N ASP A 210 30.51 5.46 38.03
CA ASP A 210 30.96 5.31 36.65
C ASP A 210 29.80 4.84 35.76
N PRO A 211 29.40 5.67 34.79
CA PRO A 211 29.96 6.99 34.49
C PRO A 211 29.60 8.04 35.55
N THR A 212 30.41 9.08 35.63
CA THR A 212 30.29 10.12 36.66
C THR A 212 28.94 10.81 36.65
N SER A 213 28.24 10.77 37.78
CA SER A 213 27.00 11.52 37.94
C SER A 213 27.24 12.93 38.48
N THR A 214 26.63 13.91 37.83
CA THR A 214 26.58 15.26 38.37
C THR A 214 25.11 15.61 38.61
N PHE A 215 24.80 16.04 39.84
CA PHE A 215 23.45 16.51 40.16
C PHE A 215 23.48 17.97 40.57
N ILE A 216 22.41 18.68 40.26
CA ILE A 216 22.23 20.04 40.74
C ILE A 216 21.04 20.12 41.68
N ILE A 217 21.26 20.62 42.88
CA ILE A 217 20.21 20.87 43.86
C ILE A 217 19.82 22.34 43.81
N TYR A 218 18.53 22.60 43.60
CA TYR A 218 18.03 23.97 43.63
C TYR A 218 17.15 24.20 44.85
N SER A 219 17.51 25.18 45.66
CA SER A 219 16.70 25.50 46.84
C SER A 219 15.89 26.77 46.56
N LEU A 220 14.56 26.63 46.51
CA LEU A 220 13.71 27.73 46.07
C LEU A 220 13.01 28.42 47.23
N GLY A 221 13.16 27.89 48.44
CA GLY A 221 12.51 28.48 49.60
C GLY A 221 13.10 29.84 49.96
N ASP A 222 12.45 30.55 50.88
CA ASP A 222 12.90 31.89 51.28
C ASP A 222 14.27 31.93 51.95
N LYS A 223 14.62 30.85 52.64
CA LYS A 223 15.90 30.81 53.35
C LYS A 223 16.86 29.91 52.59
N PRO A 224 18.16 30.22 52.65
CA PRO A 224 19.13 29.35 52.00
C PRO A 224 19.37 28.05 52.74
N LEU A 225 20.07 27.11 52.11
CA LEU A 225 20.44 25.88 52.79
C LEU A 225 21.86 26.03 53.28
N GLU A 226 22.14 25.45 54.45
CA GLU A 226 23.51 25.36 54.95
C GLU A 226 23.82 23.88 55.09
N LEU A 227 24.56 23.32 54.15
CA LEU A 227 24.75 21.87 54.14
C LEU A 227 26.13 21.47 54.64
N ARG A 228 26.14 20.56 55.62
CA ARG A 228 27.38 20.01 56.13
C ARG A 228 27.60 18.63 55.55
N LYS A 229 28.80 18.39 55.04
CA LYS A 229 29.19 17.05 54.58
C LYS A 229 29.63 16.24 55.79
N GLN A 230 28.73 15.38 56.28
CA GLN A 230 28.97 14.69 57.53
C GLN A 230 29.80 13.43 57.39
N ASP A 231 29.77 12.84 56.19
CA ASP A 231 30.67 11.75 55.86
C ASP A 231 30.80 11.70 54.34
N ASN A 232 31.32 10.62 53.78
CA ASN A 232 31.55 10.58 52.32
C ASN A 232 30.30 10.77 51.47
N SER A 233 29.13 10.48 52.06
CA SER A 233 27.93 10.31 51.26
C SER A 233 26.68 11.05 51.73
N ASN A 234 26.84 11.96 52.70
CA ASN A 234 25.69 12.65 53.30
C ASN A 234 25.89 14.16 53.41
N LEU A 235 24.95 14.93 52.88
CA LEU A 235 24.90 16.37 53.08
C LEU A 235 23.69 16.67 53.93
N VAL A 236 23.90 17.31 55.08
CA VAL A 236 22.82 17.50 56.04
C VAL A 236 22.62 18.99 56.34
N ALA A 237 21.38 19.46 56.22
CA ALA A 237 21.13 20.88 56.46
C ALA A 237 21.24 21.18 57.94
N SER A 238 21.38 22.46 58.28
CA SER A 238 21.70 22.86 59.65
C SER A 238 20.47 23.11 60.52
N LYS A 239 19.30 23.19 59.90
CA LYS A 239 18.07 23.46 60.63
C LYS A 239 16.82 23.09 59.82
N PRO A 240 15.64 23.03 60.47
CA PRO A 240 14.42 22.74 59.69
C PRO A 240 14.19 23.76 58.59
N TYR A 241 13.63 23.29 57.49
CA TYR A 241 13.45 24.06 56.28
C TYR A 241 12.01 23.97 55.79
N THR A 242 11.51 25.04 55.19
CA THR A 242 10.22 25.01 54.54
C THR A 242 10.37 25.65 53.17
N GLY A 243 10.01 24.90 52.13
CA GLY A 243 10.15 25.39 50.77
C GLY A 243 10.41 24.26 49.79
N VAL A 244 10.41 24.61 48.50
CA VAL A 244 10.55 23.60 47.47
C VAL A 244 12.03 23.42 47.11
N ILE A 245 12.45 22.16 47.08
CA ILE A 245 13.78 21.79 46.65
C ILE A 245 13.65 20.91 45.42
N ARG A 246 14.47 21.16 44.41
CA ARG A 246 14.47 20.35 43.20
C ARG A 246 15.88 19.83 42.94
N VAL A 247 15.98 18.63 42.38
CA VAL A 247 17.28 18.11 42.01
C VAL A 247 17.20 17.57 40.58
N ALA A 248 18.21 17.89 39.78
CA ALA A 248 18.24 17.37 38.43
C ALA A 248 19.58 16.75 38.15
N LYS A 249 19.58 15.64 37.42
CA LYS A 249 20.82 15.13 36.87
C LYS A 249 21.21 16.05 35.73
N LEU A 250 22.47 16.52 35.75
CA LEU A 250 23.05 17.29 34.65
C LEU A 250 23.62 16.33 33.62
N PRO A 251 22.96 16.22 32.46
CA PRO A 251 23.38 15.17 31.51
C PRO A 251 24.73 15.47 30.88
N ALA A 252 25.07 16.75 30.74
CA ALA A 252 26.31 17.19 30.11
C ALA A 252 26.50 18.65 30.47
N PRO A 253 27.75 19.14 30.45
CA PRO A 253 28.00 20.51 30.92
C PRO A 253 27.22 21.59 30.17
N GLU A 254 27.00 21.40 28.88
CA GLU A 254 26.36 22.44 28.05
C GLU A 254 24.87 22.65 28.36
N PHE A 255 24.32 21.86 29.26
CA PHE A 255 22.88 21.99 29.55
C PHE A 255 22.62 22.60 30.92
N GLU A 256 23.66 23.10 31.56
CA GLU A 256 23.50 23.64 32.90
C GLU A 256 22.64 24.91 32.87
N THR A 257 22.89 25.81 31.92
CA THR A 257 22.12 27.05 31.85
C THR A 257 20.67 26.75 31.54
N LEU A 258 20.43 25.71 30.74
CA LEU A 258 19.08 25.26 30.43
C LEU A 258 18.33 24.84 31.69
N LEU A 259 18.95 23.98 32.50
CA LEU A 259 18.33 23.53 33.74
C LEU A 259 18.16 24.68 34.74
N ASP A 260 19.16 25.56 34.82
CA ASP A 260 19.06 26.76 35.66
C ASP A 260 17.82 27.58 35.30
N ALA A 261 17.61 27.81 34.02
CA ALA A 261 16.54 28.69 33.55
C ALA A 261 15.15 28.17 33.87
N SER A 262 14.99 26.85 33.99
CA SER A 262 13.66 26.29 34.20
C SER A 262 13.45 25.82 35.62
N ARG A 263 14.33 26.23 36.53
CA ARG A 263 14.31 25.68 37.88
C ARG A 263 13.01 25.99 38.63
N ALA A 264 12.34 27.08 38.27
CA ALA A 264 11.18 27.55 39.03
C ALA A 264 9.88 26.92 38.59
N VAL A 265 9.92 26.14 37.50
CA VAL A 265 8.70 25.55 36.97
C VAL A 265 8.74 24.03 36.94
N TRP A 266 7.75 23.41 37.58
CA TRP A 266 7.65 21.96 37.63
C TRP A 266 6.27 21.46 37.25
N PRO A 267 6.20 20.23 36.71
CA PRO A 267 4.90 19.63 36.40
C PRO A 267 4.22 19.11 37.66
N THR A 268 2.89 19.11 37.66
CA THR A 268 2.12 18.58 38.79
C THR A 268 1.14 17.50 38.33
N GLY A 269 0.99 17.34 37.02
CA GLY A 269 0.09 16.35 36.45
C GLY A 269 -0.15 16.66 35.00
N GLY A 270 -1.22 16.12 34.42
CA GLY A 270 -1.54 16.41 33.03
C GLY A 270 -2.92 15.91 32.63
N ASP A 271 -3.51 16.58 31.65
CA ASP A 271 -4.80 16.17 31.11
C ASP A 271 -4.65 15.67 29.69
N ILE A 272 -5.27 14.54 29.41
CA ILE A 272 -5.15 13.94 28.09
C ILE A 272 -6.49 13.98 27.34
N SER A 273 -6.42 14.27 26.06
CA SER A 273 -7.59 14.31 25.20
C SER A 273 -7.22 13.65 23.89
N ALA A 274 -8.22 13.28 23.08
CA ALA A 274 -7.91 12.67 21.80
C ALA A 274 -9.05 12.90 20.81
N ARG A 275 -8.69 13.06 19.53
CA ARG A 275 -9.70 13.31 18.48
C ARG A 275 -9.33 12.60 17.19
N SER A 276 -10.34 12.15 16.45
CA SER A 276 -10.14 11.68 15.10
C SER A 276 -10.42 12.83 14.13
N ASP A 277 -9.89 12.72 12.91
CA ASP A 277 -10.23 13.67 11.86
C ASP A 277 -10.96 12.96 10.72
N ASP A 278 -11.12 13.63 9.59
CA ASP A 278 -11.81 13.05 8.45
C ASP A 278 -10.85 12.61 7.35
N ASN A 279 -9.58 12.47 7.70
CA ASN A 279 -8.57 12.09 6.73
C ASN A 279 -7.79 10.86 7.16
N ASN A 280 -8.51 9.93 7.81
CA ASN A 280 -7.93 8.67 8.28
C ASN A 280 -6.79 8.89 9.26
N GLY A 281 -6.91 9.93 10.07
CA GLY A 281 -5.91 10.21 11.09
C GLY A 281 -6.55 10.46 12.44
N ALA A 282 -5.73 10.47 13.49
CA ALA A 282 -6.20 10.84 14.81
C ALA A 282 -5.02 11.39 15.60
N SER A 283 -5.31 12.02 16.72
CA SER A 283 -4.27 12.60 17.54
C SER A 283 -4.68 12.50 19.00
N TYR A 284 -3.68 12.60 19.88
CA TYR A 284 -3.93 12.72 21.30
C TYR A 284 -3.05 13.83 21.83
N THR A 285 -3.56 14.56 22.81
CA THR A 285 -2.89 15.75 23.33
C THR A 285 -2.70 15.64 24.82
N ILE A 286 -1.47 15.93 25.27
CA ILE A 286 -1.19 16.04 26.70
C ILE A 286 -1.02 17.50 27.07
N LYS A 287 -1.89 18.00 27.95
CA LYS A 287 -1.75 19.34 28.47
C LYS A 287 -1.19 19.22 29.89
N TRP A 288 0.11 19.47 30.01
CA TRP A 288 0.80 19.38 31.28
C TRP A 288 0.33 20.44 32.26
N LYS A 289 0.07 20.05 33.49
CA LYS A 289 -0.22 21.00 34.57
C LYS A 289 1.09 21.40 35.22
N THR A 290 1.23 22.67 35.55
CA THR A 290 2.45 23.19 36.15
C THR A 290 2.15 24.11 37.33
N ASN A 291 3.16 24.40 38.13
CA ASN A 291 3.00 25.33 39.25
C ASN A 291 2.82 26.77 38.76
N SER A 292 3.42 27.08 37.62
CA SER A 292 3.39 28.43 37.08
C SER A 292 3.85 28.45 35.64
N ASN A 293 3.68 29.59 34.96
CA ASN A 293 4.14 29.74 33.60
C ASN A 293 5.28 30.74 33.47
N GLU A 294 5.99 31.01 34.58
CA GLU A 294 7.07 32.00 34.61
C GLU A 294 8.32 31.59 33.82
N ALA A 295 8.42 30.32 33.45
CA ALA A 295 9.61 29.82 32.77
C ALA A 295 9.24 28.59 31.94
N PRO A 296 10.12 28.17 31.00
CA PRO A 296 9.75 27.04 30.14
C PRO A 296 9.58 25.72 30.90
N LEU A 297 8.64 24.89 30.45
CA LEU A 297 8.53 23.52 30.95
C LEU A 297 9.44 22.62 30.12
N LEU A 298 10.38 21.97 30.79
CA LEU A 298 11.30 21.02 30.16
C LEU A 298 10.84 19.59 30.45
N THR A 299 10.49 18.82 29.42
CA THR A 299 9.97 17.46 29.65
C THR A 299 10.65 16.43 28.77
N TYR A 300 11.15 15.34 29.36
CA TYR A 300 11.78 14.29 28.58
C TYR A 300 10.73 13.50 27.80
N ALA A 301 11.07 13.17 26.55
CA ALA A 301 10.16 12.46 25.66
C ALA A 301 10.80 11.18 25.15
N TYR A 302 9.98 10.15 24.93
CA TYR A 302 10.47 8.88 24.35
C TYR A 302 10.71 9.00 22.84
N ALA A 303 11.41 8.02 22.28
CA ALA A 303 11.67 7.98 20.84
C ALA A 303 10.40 8.08 19.99
N HIS A 304 9.34 7.39 20.40
CA HIS A 304 8.12 7.35 19.59
C HIS A 304 7.37 8.67 19.70
N HIS A 305 7.63 9.43 20.76
CA HIS A 305 7.09 10.80 20.85
C HIS A 305 7.71 11.68 19.77
N LEU A 306 9.03 11.59 19.63
CA LEU A 306 9.74 12.45 18.67
C LEU A 306 9.25 12.21 17.24
N THR A 307 8.92 10.97 16.91
CA THR A 307 8.51 10.68 15.53
C THR A 307 7.04 10.95 15.26
N SER A 308 6.25 11.23 16.30
CA SER A 308 4.83 11.50 16.06
C SER A 308 4.36 12.86 16.57
N ILE A 309 5.23 13.60 17.27
CA ILE A 309 4.79 14.87 17.84
C ILE A 309 4.67 15.96 16.78
N ASP A 310 3.69 16.83 16.98
CA ASP A 310 3.48 18.03 16.19
C ASP A 310 4.46 19.13 16.66
N ASP A 311 5.42 19.46 15.81
CA ASP A 311 6.46 20.43 16.17
C ASP A 311 6.01 21.89 16.18
N SER A 312 4.73 22.16 15.94
CA SER A 312 4.31 23.55 15.77
C SER A 312 4.31 24.34 17.10
N ASN A 313 4.14 23.68 18.24
CA ASN A 313 4.13 24.40 19.52
C ASN A 313 5.11 23.87 20.59
N VAL A 314 6.11 23.11 20.19
CA VAL A 314 7.17 22.70 21.09
C VAL A 314 8.51 22.93 20.45
N LYS A 315 9.55 23.04 21.27
CA LYS A 315 10.91 23.12 20.77
C LYS A 315 11.72 21.92 21.28
N ARG A 316 12.50 21.32 20.38
CA ARG A 316 13.39 20.21 20.74
C ARG A 316 14.72 20.70 21.27
N THR A 317 15.21 20.07 22.34
CA THR A 317 16.57 20.35 22.81
C THR A 317 17.47 19.17 22.46
N ASP A 318 18.76 19.31 22.72
CA ASP A 318 19.70 18.21 22.55
C ASP A 318 19.92 17.49 23.87
N MSE A 319 19.20 17.88 24.92
CA MSE A 319 19.47 17.33 26.25
C MSE A 319 18.87 15.94 26.37
O MSE A 319 17.66 15.77 26.20
CB MSE A 319 18.90 18.21 27.35
CG MSE A 319 19.36 17.77 28.74
SE MSE A 319 18.85 19.00 30.16
CE MSE A 319 16.91 18.85 30.05
N THR A 320 19.71 14.94 26.62
CA THR A 320 19.27 13.55 26.59
CA THR A 320 19.27 13.55 26.59
C THR A 320 19.73 12.77 27.81
N LEU A 321 18.89 11.84 28.26
CA LEU A 321 19.20 10.90 29.34
C LEU A 321 18.63 9.56 28.93
N GLN A 322 19.23 8.46 29.37
CA GLN A 322 18.69 7.13 29.05
C GLN A 322 17.46 6.82 29.90
N SER A 323 16.41 6.34 29.25
CA SER A 323 15.27 5.79 29.97
C SER A 323 15.65 4.44 30.57
N ALA A 324 14.79 3.89 31.43
CA ALA A 324 15.08 2.60 32.06
C ALA A 324 15.20 1.48 31.01
N THR A 325 14.22 1.37 30.11
CA THR A 325 14.24 0.29 29.13
C THR A 325 13.71 0.68 27.74
N LYS A 326 13.67 1.97 27.41
CA LYS A 326 13.14 2.40 26.10
C LYS A 326 14.14 3.20 25.29
N GLY A 327 15.41 3.15 25.66
CA GLY A 327 16.42 3.92 24.94
C GLY A 327 16.47 5.36 25.40
N PRO A 328 17.19 6.20 24.65
CA PRO A 328 17.42 7.60 25.03
C PRO A 328 16.15 8.43 24.98
N MSE A 329 16.04 9.36 25.93
CA MSE A 329 14.95 10.33 25.93
C MSE A 329 15.52 11.70 25.64
O MSE A 329 16.68 11.95 25.95
CB MSE A 329 14.22 10.35 27.27
CG MSE A 329 13.54 9.03 27.60
SE MSE A 329 12.69 9.14 29.37
CE MSE A 329 10.97 9.92 28.84
N THR A 330 14.70 12.57 25.07
CA THR A 330 15.14 13.91 24.66
C THR A 330 14.22 14.94 25.28
N ALA A 331 14.78 15.99 25.88
CA ALA A 331 13.94 16.99 26.54
C ALA A 331 13.29 17.92 25.51
N LEU A 332 12.00 18.15 25.69
CA LEU A 332 11.21 19.05 24.84
C LEU A 332 10.74 20.24 25.66
N VAL A 333 10.71 21.42 25.05
CA VAL A 333 10.16 22.62 25.69
C VAL A 333 8.71 22.87 25.26
N GLY A 334 7.83 23.09 26.23
CA GLY A 334 6.43 23.39 25.93
C GLY A 334 5.48 22.80 26.95
N ASN A 335 4.36 23.48 27.19
CA ASN A 335 3.39 23.03 28.20
C ASN A 335 2.36 22.04 27.66
N GLU A 336 2.47 21.74 26.37
CA GLU A 336 1.46 20.99 25.62
C GLU A 336 2.09 20.16 24.51
N TRP A 337 1.77 18.87 24.46
CA TRP A 337 2.22 18.01 23.37
C TRP A 337 1.03 17.49 22.58
N THR A 338 1.09 17.55 21.26
CA THR A 338 0.12 16.84 20.44
C THR A 338 0.84 15.78 19.61
N LEU A 339 0.42 14.51 19.78
CA LEU A 339 0.99 13.38 19.06
C LEU A 339 0.02 12.95 17.96
N ARG A 340 0.51 12.70 16.76
CA ARG A 340 -0.38 12.40 15.64
C ARG A 340 -0.13 11.05 15.03
N GLU A 341 -1.21 10.35 14.70
CA GLU A 341 -1.12 9.14 13.89
C GLU A 341 -1.93 9.36 12.62
N THR A 342 -1.24 9.55 11.50
CA THR A 342 -1.92 9.91 10.26
C THR A 342 -2.27 8.70 9.40
N GLU A 343 -1.79 7.52 9.77
CA GLU A 343 -2.08 6.33 8.99
C GLU A 343 -2.74 5.21 9.80
N LEU A 344 -4.04 5.34 9.99
CA LEU A 344 -4.79 4.37 10.77
C LEU A 344 -5.01 3.10 9.97
N SER A 345 -5.04 1.97 10.66
CA SER A 345 -5.20 0.69 9.96
C SER A 345 -6.48 0.67 9.13
N PRO A 346 -6.41 0.14 7.91
CA PRO A 346 -7.61 -0.03 7.07
C PRO A 346 -8.33 -1.35 7.34
N VAL A 347 -7.78 -2.19 8.22
CA VAL A 347 -8.31 -3.53 8.42
C VAL A 347 -9.64 -3.48 9.15
N GLU A 348 -10.60 -4.27 8.66
CA GLU A 348 -11.86 -4.50 9.37
C GLU A 348 -11.98 -6.00 9.68
N TRP A 349 -12.89 -6.73 9.02
CA TRP A 349 -13.18 -8.12 9.39
C TRP A 349 -12.29 -9.13 8.66
N LEU A 350 -11.90 -8.80 7.44
CA LEU A 350 -11.31 -9.75 6.51
C LEU A 350 -9.94 -9.29 5.99
N PRO A 351 -9.16 -10.21 5.42
CA PRO A 351 -7.95 -9.82 4.67
C PRO A 351 -8.28 -8.78 3.61
N LEU A 352 -7.30 -7.98 3.20
CA LEU A 352 -7.55 -6.92 2.23
C LEU A 352 -8.05 -7.52 0.91
N GLN A 353 -7.51 -8.67 0.52
CA GLN A 353 -8.10 -9.49 -0.55
C GLN A 353 -8.99 -10.55 0.10
N ALA A 354 -10.30 -10.31 0.09
CA ALA A 354 -11.25 -11.11 0.87
C ALA A 354 -11.43 -12.53 0.35
N ALA A 355 -11.36 -12.72 -0.96
CA ALA A 355 -11.53 -14.04 -1.55
C ALA A 355 -10.19 -14.70 -1.84
N PRO A 356 -10.04 -15.95 -1.41
CA PRO A 356 -8.78 -16.63 -1.71
C PRO A 356 -8.66 -16.93 -3.20
N ASN A 357 -7.45 -17.24 -3.65
CA ASN A 357 -7.24 -17.66 -5.03
C ASN A 357 -8.24 -18.78 -5.36
N PRO A 358 -8.99 -18.63 -6.46
CA PRO A 358 -10.07 -19.59 -6.82
C PRO A 358 -9.65 -21.06 -6.80
N THR A 359 -8.38 -21.37 -7.09
CA THR A 359 -7.93 -22.77 -7.13
C THR A 359 -7.87 -23.40 -5.75
N THR A 360 -8.01 -22.59 -4.70
CA THR A 360 -7.95 -23.10 -3.33
C THR A 360 -9.32 -23.19 -2.66
N ILE A 361 -10.36 -22.71 -3.32
CA ILE A 361 -11.66 -22.59 -2.67
C ILE A 361 -12.18 -23.95 -2.18
N ASN A 362 -12.12 -24.95 -3.03
CA ASN A 362 -12.62 -26.27 -2.67
C ASN A 362 -11.84 -26.90 -1.53
N GLU A 363 -10.50 -26.81 -1.60
CA GLU A 363 -9.64 -27.28 -0.52
C GLU A 363 -9.97 -26.64 0.80
N ILE A 364 -10.10 -25.31 0.75
CA ILE A 364 -10.36 -24.55 1.97
C ILE A 364 -11.73 -24.94 2.52
N MSE A 365 -12.72 -25.06 1.64
CA MSE A 365 -14.05 -25.46 2.09
C MSE A 365 -14.03 -26.84 2.75
O MSE A 365 -14.69 -27.06 3.77
CB MSE A 365 -15.05 -25.46 0.92
CG MSE A 365 -16.48 -25.82 1.36
SE MSE A 365 -17.21 -24.42 2.55
CE MSE A 365 -16.45 -22.91 1.55
N THR A 366 -13.28 -27.77 2.17
CA THR A 366 -13.08 -29.09 2.74
C THR A 366 -12.53 -29.01 4.16
N GLU A 367 -11.51 -28.18 4.36
CA GLU A 367 -10.92 -28.00 5.69
C GLU A 367 -11.86 -27.27 6.65
N ILE A 368 -12.63 -26.31 6.15
CA ILE A 368 -13.53 -25.56 7.03
C ILE A 368 -14.61 -26.48 7.60
N ASN A 369 -15.15 -27.33 6.74
CA ASN A 369 -16.17 -28.28 7.18
C ASN A 369 -15.64 -29.19 8.27
N LYS A 370 -14.43 -29.70 8.09
CA LYS A 370 -13.84 -30.60 9.09
C LYS A 370 -13.59 -29.86 10.40
N ASP A 371 -13.08 -28.64 10.33
CA ASP A 371 -12.85 -27.85 11.56
C ASP A 371 -14.15 -27.54 12.31
N ILE A 372 -15.20 -27.22 11.57
CA ILE A 372 -16.51 -26.94 12.18
C ILE A 372 -17.11 -28.19 12.82
N ALA A 373 -16.70 -29.36 12.33
CA ALA A 373 -17.17 -30.63 12.88
C ALA A 373 -16.46 -30.98 14.19
N SER A 374 -15.52 -30.15 14.62
CA SER A 374 -14.89 -30.33 15.93
C SER A 374 -15.93 -30.36 17.06
N ASN A 375 -15.54 -30.95 18.19
CA ASN A 375 -16.31 -30.87 19.42
C ASN A 375 -16.08 -29.51 20.09
N TYR A 376 -17.04 -28.58 19.94
CA TYR A 376 -16.83 -27.22 20.41
C TYR A 376 -16.75 -27.13 21.92
N THR A 377 -17.48 -28.01 22.63
CA THR A 377 -17.40 -28.01 24.08
C THR A 377 -16.00 -28.40 24.57
N GLN A 378 -15.46 -29.47 24.00
CA GLN A 378 -14.09 -29.87 24.33
C GLN A 378 -13.07 -28.76 24.03
N GLU A 379 -13.25 -28.03 22.94
CA GLU A 379 -12.24 -27.05 22.51
C GLU A 379 -12.51 -25.61 22.94
N THR A 380 -13.68 -25.33 23.51
CA THR A 380 -13.98 -23.97 23.99
C THR A 380 -14.38 -23.89 25.48
N ALA A 381 -14.66 -25.03 26.10
CA ALA A 381 -15.02 -25.03 27.52
C ALA A 381 -13.87 -25.59 28.34
N LYS A 382 -12.78 -24.84 28.40
CA LYS A 382 -11.59 -25.26 29.15
C LYS A 382 -11.70 -24.86 30.62
N GLU A 383 -10.74 -25.28 31.43
CA GLU A 383 -10.72 -24.95 32.86
C GLU A 383 -10.61 -23.45 33.11
N ASP A 384 -10.02 -22.74 32.14
CA ASP A 384 -9.78 -21.31 32.31
C ASP A 384 -10.35 -20.52 31.13
N ASN A 385 -10.53 -19.22 31.33
CA ASN A 385 -11.07 -18.33 30.31
C ASN A 385 -10.11 -18.09 29.17
N TYR A 386 -8.82 -18.15 29.45
CA TYR A 386 -7.80 -17.81 28.46
C TYR A 386 -7.82 -18.82 27.31
N PHE A 387 -7.63 -20.11 27.63
CA PHE A 387 -7.59 -21.11 26.56
C PHE A 387 -8.98 -21.32 25.95
N SER A 388 -10.03 -21.07 26.74
CA SER A 388 -11.38 -21.08 26.18
C SER A 388 -11.55 -19.98 25.14
N GLY A 389 -11.13 -18.77 25.48
CA GLY A 389 -11.18 -17.65 24.54
C GLY A 389 -10.43 -17.91 23.23
N LYS A 390 -9.24 -18.51 23.33
CA LYS A 390 -8.47 -18.85 22.14
C LYS A 390 -9.31 -19.75 21.23
N GLY A 391 -10.01 -20.71 21.83
CA GLY A 391 -10.87 -21.63 21.09
C GLY A 391 -12.09 -20.96 20.50
N LEU A 392 -12.73 -20.11 21.29
CA LEU A 392 -13.93 -19.41 20.80
C LEU A 392 -13.58 -18.58 19.59
N GLN A 393 -12.47 -17.85 19.68
CA GLN A 393 -12.09 -16.96 18.58
C GLN A 393 -11.71 -17.73 17.31
N LYS A 394 -11.04 -18.87 17.44
CA LYS A 394 -10.65 -19.61 16.23
C LYS A 394 -11.87 -20.11 15.47
N PHE A 395 -12.94 -20.47 16.18
CA PHE A 395 -14.17 -20.90 15.51
C PHE A 395 -14.99 -19.70 15.04
N ALA A 396 -14.83 -18.57 15.72
CA ALA A 396 -15.49 -17.33 15.28
C ALA A 396 -14.99 -16.92 13.90
N MSE A 397 -13.70 -17.10 13.66
CA MSE A 397 -13.11 -16.82 12.34
C MSE A 397 -13.84 -17.57 11.23
O MSE A 397 -14.02 -17.04 10.14
CB MSE A 397 -11.63 -17.20 12.30
CG MSE A 397 -10.74 -16.46 13.26
SE MSE A 397 -10.59 -14.53 12.85
CE MSE A 397 -11.61 -13.86 14.37
N LEU A 398 -14.23 -18.82 11.50
CA LEU A 398 -14.86 -19.65 10.48
C LEU A 398 -16.30 -19.24 10.24
N ALA A 399 -17.05 -18.95 11.31
CA ALA A 399 -18.39 -18.42 11.13
C ALA A 399 -18.34 -17.13 10.31
N LEU A 400 -17.31 -16.32 10.57
CA LEU A 400 -17.18 -15.03 9.92
C LEU A 400 -16.98 -15.17 8.41
N ILE A 401 -16.01 -15.96 7.97
CA ILE A 401 -15.70 -16.00 6.54
C ILE A 401 -16.78 -16.73 5.74
N LEU A 402 -17.46 -17.69 6.35
CA LEU A 402 -18.58 -18.37 5.69
C LEU A 402 -19.81 -17.48 5.58
N ASN A 403 -19.99 -16.57 6.53
CA ASN A 403 -21.15 -15.67 6.50
C ASN A 403 -20.87 -14.29 5.89
N LYS A 404 -19.70 -14.13 5.28
CA LYS A 404 -19.44 -12.98 4.42
C LYS A 404 -19.08 -13.48 3.03
N SER A 405 -19.81 -14.51 2.58
CA SER A 405 -19.47 -15.22 1.35
C SER A 405 -19.59 -14.35 0.10
N ASP A 406 -20.35 -13.27 0.18
CA ASP A 406 -20.42 -12.29 -0.91
CA ASP A 406 -20.40 -12.33 -0.94
C ASP A 406 -19.03 -11.71 -1.17
N GLN A 407 -18.21 -11.67 -0.12
CA GLN A 407 -16.83 -11.18 -0.25
C GLN A 407 -15.83 -12.32 -0.36
N THR A 408 -15.97 -13.33 0.48
CA THR A 408 -14.97 -14.39 0.56
C THR A 408 -15.11 -15.44 -0.53
N GLN A 409 -16.30 -15.51 -1.14
CA GLN A 409 -16.63 -16.54 -2.15
C GLN A 409 -16.63 -17.95 -1.55
N LEU A 410 -16.66 -18.03 -0.23
CA LEU A 410 -16.78 -19.32 0.45
C LEU A 410 -18.27 -19.55 0.69
N ARG A 411 -18.94 -20.04 -0.33
CA ARG A 411 -20.40 -20.11 -0.33
C ARG A 411 -20.92 -21.49 0.01
N ASN A 412 -21.59 -21.61 1.16
CA ASN A 412 -22.20 -22.86 1.61
C ASN A 412 -23.19 -22.49 2.70
N PRO A 413 -24.43 -22.15 2.31
CA PRO A 413 -25.43 -21.63 3.25
C PRO A 413 -25.65 -22.54 4.45
N GLU A 414 -25.73 -23.85 4.21
CA GLU A 414 -25.96 -24.80 5.29
C GLU A 414 -24.80 -24.84 6.29
N LEU A 415 -23.57 -24.88 5.80
CA LEU A 415 -22.41 -24.87 6.71
C LEU A 415 -22.27 -23.54 7.40
N ALA A 416 -22.63 -22.45 6.71
CA ALA A 416 -22.52 -21.11 7.30
C ALA A 416 -23.44 -21.00 8.52
N GLN A 417 -24.62 -21.60 8.42
CA GLN A 417 -25.55 -21.62 9.53
C GLN A 417 -25.06 -22.46 10.70
N ILE A 418 -24.56 -23.66 10.40
CA ILE A 418 -24.01 -24.54 11.43
C ILE A 418 -22.85 -23.86 12.15
N ALA A 419 -21.97 -23.21 11.39
CA ALA A 419 -20.81 -22.54 11.98
C ALA A 419 -21.24 -21.48 12.99
N LEU A 420 -22.27 -20.69 12.66
CA LEU A 420 -22.74 -19.62 13.54
C LEU A 420 -23.57 -20.17 14.71
N ASP A 421 -24.42 -21.16 14.42
CA ASP A 421 -25.17 -21.86 15.46
C ASP A 421 -24.25 -22.49 16.49
N LYS A 422 -23.23 -23.22 16.05
CA LYS A 422 -22.30 -23.87 17.00
C LYS A 422 -21.53 -22.83 17.80
N LEU A 423 -21.14 -21.74 17.14
CA LEU A 423 -20.43 -20.67 17.85
C LEU A 423 -21.30 -20.05 18.95
N LYS A 424 -22.55 -19.74 18.60
CA LYS A 424 -23.53 -19.22 19.56
C LYS A 424 -23.66 -20.14 20.77
N ALA A 425 -23.82 -21.44 20.50
CA ALA A 425 -24.04 -22.41 21.57
C ALA A 425 -22.82 -22.52 22.48
N ALA A 426 -21.62 -22.46 21.91
CA ALA A 426 -20.37 -22.48 22.70
C ALA A 426 -20.18 -21.20 23.50
N PHE A 427 -20.64 -20.09 22.93
CA PHE A 427 -20.43 -18.78 23.55
C PHE A 427 -21.44 -18.49 24.63
N LEU A 428 -22.65 -19.02 24.47
CA LEU A 428 -23.76 -18.69 25.34
C LEU A 428 -23.43 -18.83 26.84
N PRO A 429 -22.75 -19.93 27.26
CA PRO A 429 -22.43 -20.00 28.70
C PRO A 429 -21.60 -18.83 29.24
N TYR A 430 -20.68 -18.30 28.43
CA TYR A 430 -19.89 -17.15 28.85
C TYR A 430 -20.76 -15.92 28.98
N LEU A 431 -21.65 -15.74 28.02
CA LEU A 431 -22.59 -14.64 28.06
C LEU A 431 -23.46 -14.69 29.32
N GLN A 432 -23.84 -15.91 29.73
CA GLN A 432 -24.68 -16.07 30.92
C GLN A 432 -23.88 -16.08 32.23
N ASN A 433 -22.57 -15.85 32.14
CA ASN A 433 -21.65 -15.96 33.28
C ASN A 433 -21.76 -17.32 33.99
N GLU A 434 -21.88 -18.39 33.20
CA GLU A 434 -21.98 -19.76 33.71
C GLU A 434 -20.79 -20.60 33.39
N GLN A 435 -19.72 -20.00 32.88
CA GLN A 435 -18.54 -20.78 32.51
C GLN A 435 -17.83 -21.27 33.76
N ALA A 436 -16.81 -22.10 33.58
CA ALA A 436 -16.05 -22.67 34.71
C ALA A 436 -15.45 -21.60 35.63
N ASP A 437 -15.02 -20.49 35.03
CA ASP A 437 -14.41 -19.40 35.79
C ASP A 437 -15.11 -18.08 35.48
N PRO A 438 -16.28 -17.86 36.10
CA PRO A 438 -17.12 -16.68 35.83
C PRO A 438 -16.55 -15.39 36.42
N PHE A 439 -17.10 -14.26 36.00
CA PHE A 439 -16.59 -12.96 36.41
C PHE A 439 -17.39 -12.35 37.55
N ARG A 440 -16.76 -11.44 38.26
CA ARG A 440 -17.36 -10.70 39.35
C ARG A 440 -17.13 -9.23 39.07
N TYR A 441 -18.07 -8.37 39.47
CA TYR A 441 -17.84 -6.94 39.39
C TYR A 441 -17.28 -6.46 40.71
N ASP A 442 -16.11 -5.81 40.63
CA ASP A 442 -15.38 -5.37 41.82
C ASP A 442 -15.58 -3.87 42.06
N THR A 443 -16.24 -3.53 43.16
CA THR A 443 -16.51 -2.12 43.46
C THR A 443 -15.28 -1.32 43.93
N LEU A 444 -14.21 -2.00 44.33
CA LEU A 444 -13.03 -1.29 44.86
C LEU A 444 -12.13 -0.71 43.74
N TYR A 445 -11.62 -1.57 42.87
CA TYR A 445 -10.79 -1.11 41.76
C TYR A 445 -11.62 -0.79 40.51
N LYS A 446 -12.93 -1.03 40.61
CA LYS A 446 -13.87 -0.67 39.52
C LYS A 446 -13.53 -1.41 38.24
N GLY A 447 -13.66 -2.73 38.26
CA GLY A 447 -13.42 -3.56 37.09
C GLY A 447 -14.10 -4.90 37.29
N ILE A 448 -13.90 -5.82 36.36
CA ILE A 448 -14.38 -7.19 36.56
C ILE A 448 -13.19 -8.11 36.78
N VAL A 449 -13.38 -9.15 37.59
CA VAL A 449 -12.33 -10.12 37.87
C VAL A 449 -12.88 -11.52 37.84
N ALA A 450 -12.06 -12.45 37.34
CA ALA A 450 -12.40 -13.87 37.40
C ALA A 450 -12.51 -14.34 38.85
N LYS A 451 -13.33 -15.34 39.07
CA LYS A 451 -13.54 -15.95 40.39
C LYS A 451 -12.30 -16.71 40.94
N ALA A 452 -11.60 -17.40 40.05
CA ALA A 452 -10.67 -18.47 40.45
C ALA A 452 -9.56 -18.05 41.40
N GLY A 453 -9.06 -16.83 41.25
CA GLY A 453 -7.95 -16.37 42.07
C GLY A 453 -8.37 -15.74 43.38
N LEU A 454 -9.67 -15.66 43.63
CA LEU A 454 -10.18 -15.03 44.84
C LEU A 454 -10.11 -16.01 46.03
N PRO A 455 -10.30 -15.52 47.27
CA PRO A 455 -10.32 -16.46 48.39
C PRO A 455 -11.44 -17.50 48.31
N THR A 456 -11.26 -18.63 48.98
CA THR A 456 -12.23 -19.70 49.03
C THR A 456 -13.61 -19.21 49.45
N SER A 457 -13.65 -18.27 50.40
CA SER A 457 -14.91 -17.69 50.88
C SER A 457 -15.69 -17.00 49.76
N MSE A 458 -15.00 -16.65 48.68
CA MSE A 458 -15.65 -16.01 47.54
C MSE A 458 -15.75 -16.98 46.38
O MSE A 458 -16.01 -16.59 45.23
CB MSE A 458 -14.88 -14.74 47.13
CG MSE A 458 -15.00 -13.58 48.11
SE MSE A 458 -14.01 -11.98 47.49
CE MSE A 458 -14.34 -10.80 49.04
N GLY A 459 -15.54 -18.26 46.67
CA GLY A 459 -15.68 -19.30 45.66
C GLY A 459 -14.44 -19.54 44.83
N GLY A 460 -13.34 -18.91 45.22
CA GLY A 460 -12.08 -19.09 44.51
C GLY A 460 -11.23 -20.23 45.05
N THR A 461 -9.97 -20.24 44.64
CA THR A 461 -9.02 -21.29 44.99
C THR A 461 -8.03 -20.87 46.07
N ASP A 462 -8.12 -19.61 46.51
CA ASP A 462 -7.14 -18.99 47.41
C ASP A 462 -5.75 -18.81 46.78
N ASP A 463 -5.63 -19.11 45.48
CA ASP A 463 -4.36 -18.95 44.77
C ASP A 463 -4.42 -17.75 43.85
N LEU A 464 -3.73 -16.67 44.20
CA LEU A 464 -3.84 -15.43 43.43
C LEU A 464 -3.21 -15.53 42.03
N SER A 465 -2.49 -16.62 41.74
CA SER A 465 -1.93 -16.84 40.42
C SER A 465 -2.91 -17.54 39.49
N ALA A 466 -4.06 -17.97 40.02
CA ALA A 466 -5.03 -18.69 39.22
C ALA A 466 -5.53 -17.81 38.07
N GLU A 467 -5.93 -18.44 36.96
CA GLU A 467 -6.39 -17.71 35.78
C GLU A 467 -5.35 -16.65 35.38
N PHE A 468 -4.09 -17.04 35.47
CA PHE A 468 -2.97 -16.21 35.03
C PHE A 468 -2.96 -14.83 35.71
N GLY A 469 -3.50 -14.78 36.93
CA GLY A 469 -3.53 -13.56 37.72
C GLY A 469 -4.69 -12.64 37.41
N HIS A 470 -5.66 -13.11 36.63
CA HIS A 470 -6.78 -12.26 36.21
C HIS A 470 -7.54 -11.68 37.42
N SER A 471 -7.65 -12.45 38.48
CA SER A 471 -8.38 -11.99 39.67
C SER A 471 -7.65 -10.86 40.38
N TYR A 472 -6.35 -10.71 40.14
CA TYR A 472 -5.60 -9.57 40.66
C TYR A 472 -5.23 -8.61 39.52
N TYR A 473 -6.09 -8.59 38.50
CA TYR A 473 -6.03 -7.65 37.37
C TYR A 473 -4.85 -7.79 36.40
N SER A 474 -4.22 -8.96 36.36
CA SER A 474 -3.25 -9.24 35.29
C SER A 474 -3.95 -9.71 34.03
N ASP A 475 -3.42 -9.29 32.89
CA ASP A 475 -3.75 -9.90 31.60
C ASP A 475 -5.20 -9.73 31.11
N HIS A 476 -5.90 -8.69 31.54
CA HIS A 476 -7.29 -8.54 31.08
C HIS A 476 -7.42 -8.25 29.59
N HIS A 477 -6.49 -7.47 29.05
CA HIS A 477 -6.55 -7.19 27.62
C HIS A 477 -6.35 -8.49 26.83
N TYR A 478 -5.36 -9.29 27.24
CA TYR A 478 -5.14 -10.60 26.62
C TYR A 478 -6.38 -11.48 26.65
N HIS A 479 -6.93 -11.72 27.85
CA HIS A 479 -8.08 -12.63 27.97
C HIS A 479 -9.32 -12.07 27.29
N GLN A 480 -9.66 -10.82 27.59
CA GLN A 480 -10.96 -10.32 27.17
C GLN A 480 -10.98 -9.97 25.67
N GLY A 481 -9.80 -9.75 25.09
CA GLY A 481 -9.69 -9.58 23.64
C GLY A 481 -10.36 -10.71 22.86
N TYR A 482 -10.10 -11.96 23.25
CA TYR A 482 -10.71 -13.10 22.57
C TYR A 482 -12.24 -13.08 22.64
N PHE A 483 -12.77 -12.72 23.80
CA PHE A 483 -14.23 -12.69 23.95
C PHE A 483 -14.88 -11.55 23.19
N VAL A 484 -14.22 -10.39 23.15
CA VAL A 484 -14.76 -9.23 22.45
C VAL A 484 -14.79 -9.48 20.95
N VAL A 485 -13.69 -10.00 20.40
CA VAL A 485 -13.67 -10.37 18.98
C VAL A 485 -14.81 -11.34 18.70
N THR A 486 -14.96 -12.36 19.54
CA THR A 486 -16.00 -13.37 19.31
C THR A 486 -17.40 -12.75 19.36
N ALA A 487 -17.65 -11.93 20.39
CA ALA A 487 -18.93 -11.24 20.55
C ALA A 487 -19.25 -10.30 19.37
N ALA A 488 -18.23 -9.57 18.92
CA ALA A 488 -18.41 -8.64 17.80
C ALA A 488 -18.81 -9.39 16.55
N ILE A 489 -18.16 -10.53 16.32
CA ILE A 489 -18.50 -11.35 15.17
C ILE A 489 -19.92 -11.89 15.27
N ILE A 490 -20.30 -12.42 16.42
CA ILE A 490 -21.67 -12.89 16.58
C ILE A 490 -22.66 -11.73 16.34
N HIS A 491 -22.41 -10.59 16.97
CA HIS A 491 -23.35 -9.48 16.89
C HIS A 491 -23.42 -8.87 15.49
N HIS A 492 -22.30 -8.90 14.78
CA HIS A 492 -22.23 -8.44 13.41
C HIS A 492 -23.04 -9.37 12.49
N LEU A 493 -22.91 -10.67 12.68
CA LEU A 493 -23.57 -11.60 11.78
C LEU A 493 -25.04 -11.77 12.10
N ASP A 494 -25.39 -11.69 13.40
CA ASP A 494 -26.79 -11.78 13.81
C ASP A 494 -27.06 -10.76 14.93
N PRO A 495 -27.41 -9.53 14.55
CA PRO A 495 -27.64 -8.43 15.50
C PRO A 495 -28.82 -8.64 16.44
N THR A 496 -29.66 -9.64 16.16
CA THR A 496 -30.85 -9.90 16.96
CA THR A 496 -30.85 -9.87 16.98
C THR A 496 -30.55 -10.79 18.16
N TRP A 497 -29.59 -11.70 18.00
CA TRP A 497 -29.34 -12.76 18.99
C TRP A 497 -28.91 -12.23 20.34
N ASN A 498 -29.75 -12.44 21.35
CA ASN A 498 -29.49 -11.98 22.73
C ASN A 498 -28.92 -10.57 22.79
N ALA A 499 -29.42 -9.69 21.93
CA ALA A 499 -28.78 -8.40 21.66
C ALA A 499 -28.54 -7.53 22.88
N ASP A 500 -29.56 -7.33 23.69
CA ASP A 500 -29.41 -6.41 24.82
C ASP A 500 -28.37 -6.92 25.80
N ARG A 501 -28.43 -8.21 26.11
CA ARG A 501 -27.46 -8.77 27.06
C ARG A 501 -26.07 -8.85 26.46
N LEU A 502 -25.99 -9.24 25.18
CA LEU A 502 -24.69 -9.32 24.50
C LEU A 502 -23.99 -7.97 24.48
N LYS A 503 -24.76 -6.91 24.21
CA LYS A 503 -24.20 -5.55 24.21
C LYS A 503 -23.69 -5.17 25.59
N ALA A 504 -24.51 -5.38 26.62
CA ALA A 504 -24.13 -5.01 27.98
C ALA A 504 -22.90 -5.78 28.44
N TRP A 505 -22.90 -7.09 28.19
CA TRP A 505 -21.80 -7.97 28.59
C TRP A 505 -20.49 -7.61 27.88
N THR A 506 -20.55 -7.49 26.56
CA THR A 506 -19.33 -7.20 25.79
C THR A 506 -18.78 -5.82 26.11
N GLU A 507 -19.65 -4.83 26.20
CA GLU A 507 -19.17 -3.47 26.48
C GLU A 507 -18.60 -3.38 27.90
N ALA A 508 -19.07 -4.24 28.81
CA ALA A 508 -18.46 -4.32 30.15
C ALA A 508 -17.01 -4.81 30.06
N LEU A 509 -16.78 -5.82 29.23
CA LEU A 509 -15.43 -6.35 29.06
C LEU A 509 -14.53 -5.28 28.44
N ILE A 510 -15.08 -4.51 27.51
CA ILE A 510 -14.32 -3.43 26.86
C ILE A 510 -14.03 -2.29 27.84
N ARG A 511 -15.05 -1.90 28.61
CA ARG A 511 -14.90 -0.83 29.58
C ARG A 511 -13.89 -1.21 30.67
N ASP A 512 -13.85 -2.48 31.03
CA ASP A 512 -12.89 -2.93 32.03
C ASP A 512 -11.45 -2.62 31.60
N VAL A 513 -11.15 -2.91 30.33
CA VAL A 513 -9.80 -2.75 29.81
C VAL A 513 -9.52 -1.33 29.33
N ASN A 514 -10.54 -0.68 28.80
CA ASN A 514 -10.29 0.50 27.95
C ASN A 514 -11.32 1.63 28.06
N ASN A 515 -11.91 1.79 29.25
CA ASN A 515 -12.80 2.93 29.45
C ASN A 515 -12.04 4.24 29.26
N ALA A 516 -12.59 5.13 28.44
CA ALA A 516 -11.87 6.36 28.11
C ALA A 516 -12.41 7.60 28.81
N ASN A 517 -13.40 7.46 29.69
CA ASN A 517 -14.03 8.64 30.28
C ASN A 517 -14.48 8.45 31.72
N ASP A 518 -14.12 9.40 32.58
CA ASP A 518 -14.53 9.41 33.99
C ASP A 518 -16.05 9.36 34.18
N GLY A 519 -16.79 9.84 33.18
CA GLY A 519 -18.25 9.83 33.24
C GLY A 519 -18.84 8.44 33.24
N ASP A 520 -18.01 7.45 32.95
CA ASP A 520 -18.33 6.06 33.22
C ASP A 520 -17.96 5.79 34.67
N GLU A 521 -18.97 5.72 35.54
CA GLU A 521 -18.72 5.68 36.97
C GLU A 521 -18.43 4.27 37.50
N TYR A 522 -18.57 3.27 36.64
CA TYR A 522 -18.39 1.90 37.11
C TYR A 522 -17.02 1.29 36.78
N PHE A 523 -16.26 1.94 35.91
CA PHE A 523 -14.99 1.39 35.48
C PHE A 523 -13.86 2.40 35.50
N ALA A 524 -12.73 2.01 36.11
CA ALA A 524 -11.49 2.78 36.02
C ALA A 524 -11.15 3.07 34.57
N ALA A 525 -10.55 4.24 34.33
CA ALA A 525 -10.22 4.66 32.97
C ALA A 525 -8.87 4.09 32.54
N PHE A 526 -8.84 3.63 31.28
CA PHE A 526 -7.64 3.08 30.65
C PHE A 526 -6.84 2.14 31.54
N ARG A 527 -7.49 1.09 32.04
CA ARG A 527 -6.82 0.13 32.93
C ARG A 527 -5.55 -0.41 32.29
N ASN A 528 -5.64 -0.83 31.03
CA ASN A 528 -4.47 -1.45 30.39
C ASN A 528 -3.77 -0.63 29.33
N TRP A 529 -4.00 0.68 29.25
CA TRP A 529 -3.32 1.48 28.25
C TRP A 529 -2.55 2.61 28.90
N ASP A 530 -1.31 2.81 28.44
CA ASP A 530 -0.43 3.87 28.94
C ASP A 530 -0.18 4.88 27.83
N TRP A 531 -0.77 6.07 27.97
CA TRP A 531 -0.69 7.10 26.93
C TRP A 531 0.69 7.69 26.77
N PHE A 532 1.50 7.61 27.82
CA PHE A 532 2.88 8.14 27.76
C PHE A 532 3.83 7.11 27.16
N ALA A 533 3.78 5.88 27.66
CA ALA A 533 4.57 4.78 27.11
C ALA A 533 4.13 4.40 25.69
N GLY A 534 2.86 4.62 25.38
CA GLY A 534 2.33 4.32 24.06
C GLY A 534 2.10 2.84 23.78
N HIS A 535 1.85 2.09 24.85
CA HIS A 535 1.54 0.67 24.70
C HIS A 535 0.76 0.18 25.93
N SER A 536 0.39 -1.09 25.90
CA SER A 536 -0.34 -1.70 27.02
CA SER A 536 -0.34 -1.66 27.03
C SER A 536 0.59 -2.26 28.09
N TRP A 537 0.07 -2.40 29.31
CA TRP A 537 0.75 -3.15 30.37
C TRP A 537 -0.13 -4.33 30.77
N ALA A 538 0.50 -5.48 31.02
CA ALA A 538 -0.23 -6.71 31.35
C ALA A 538 -0.32 -6.96 32.86
N GLY A 539 0.79 -6.75 33.55
CA GLY A 539 0.88 -7.10 34.96
C GLY A 539 0.05 -6.24 35.90
N GLY A 540 -0.74 -6.90 36.73
CA GLY A 540 -1.61 -6.21 37.66
C GLY A 540 -1.07 -6.13 39.07
N ILE A 541 -1.94 -6.33 40.05
CA ILE A 541 -1.59 -6.19 41.46
C ILE A 541 -0.64 -7.27 41.94
N LYS A 542 0.49 -6.83 42.50
CA LYS A 542 1.47 -7.70 43.14
C LYS A 542 1.61 -7.33 44.61
N PRO A 543 1.06 -8.17 45.50
CA PRO A 543 1.00 -7.88 46.94
C PRO A 543 2.31 -7.43 47.61
N ASP A 544 3.44 -8.01 47.23
CA ASP A 544 4.69 -7.56 47.83
C ASP A 544 5.57 -6.81 46.81
N GLY A 545 4.92 -6.25 45.79
CA GLY A 545 5.58 -5.38 44.84
C GLY A 545 5.99 -6.03 43.53
N ALA A 546 5.75 -5.31 42.44
CA ALA A 546 6.28 -5.70 41.16
C ALA A 546 7.70 -5.13 41.10
N LEU A 547 8.69 -5.95 41.42
CA LEU A 547 10.03 -5.44 41.70
C LEU A 547 10.73 -4.91 40.44
N ASP A 548 10.23 -5.27 39.27
CA ASP A 548 10.74 -4.69 38.03
C ASP A 548 9.71 -3.80 37.34
N GLY A 549 8.66 -3.44 38.07
CA GLY A 549 7.63 -2.58 37.53
C GLY A 549 6.65 -3.37 36.67
N ARG A 550 5.84 -2.66 35.89
CA ARG A 550 4.85 -3.33 35.03
C ARG A 550 5.56 -4.20 33.98
N ASP A 551 4.85 -5.23 33.51
CA ASP A 551 5.35 -6.12 32.45
C ASP A 551 4.37 -6.21 31.29
N GLN A 552 4.90 -6.59 30.14
CA GLN A 552 4.09 -6.91 28.98
C GLN A 552 4.89 -7.91 28.14
N GLU A 553 4.25 -8.95 27.65
CA GLU A 553 4.95 -9.94 26.86
C GLU A 553 4.34 -10.00 25.46
N SER A 554 3.11 -10.48 25.36
CA SER A 554 2.49 -10.66 24.04
C SER A 554 2.01 -9.36 23.41
N VAL A 555 2.74 -8.85 22.41
CA VAL A 555 2.16 -7.77 21.59
C VAL A 555 0.89 -8.20 20.81
N PRO A 556 0.87 -9.39 20.18
CA PRO A 556 -0.34 -9.71 19.42
C PRO A 556 -1.65 -9.88 20.23
N GLU A 557 -1.59 -10.35 21.47
CA GLU A 557 -2.81 -10.52 22.24
C GLU A 557 -3.31 -9.17 22.74
N SER A 558 -2.39 -8.19 22.84
CA SER A 558 -2.79 -6.81 23.07
C SER A 558 -3.44 -6.22 21.81
N VAL A 559 -2.76 -6.34 20.68
CA VAL A 559 -3.37 -5.98 19.39
C VAL A 559 -4.75 -6.59 19.24
N ASN A 560 -4.88 -7.85 19.61
CA ASN A 560 -6.15 -8.54 19.45
C ASN A 560 -7.27 -7.86 20.25
N PHE A 561 -6.96 -7.36 21.45
CA PHE A 561 -7.99 -6.63 22.18
C PHE A 561 -8.46 -5.40 21.40
N TYR A 562 -7.54 -4.56 20.92
CA TYR A 562 -7.96 -3.32 20.27
C TYR A 562 -8.60 -3.58 18.92
N TRP A 563 -8.17 -4.64 18.23
CA TRP A 563 -8.87 -5.08 17.03
C TRP A 563 -10.32 -5.42 17.37
N GLY A 564 -10.51 -6.23 18.42
CA GLY A 564 -11.86 -6.59 18.88
C GLY A 564 -12.70 -5.38 19.27
N ALA A 565 -12.10 -4.42 19.97
CA ALA A 565 -12.79 -3.16 20.29
C ALA A 565 -13.24 -2.45 19.01
N LYS A 566 -12.34 -2.39 18.02
CA LYS A 566 -12.69 -1.84 16.71
C LYS A 566 -13.84 -2.61 16.04
N LEU A 567 -13.74 -3.93 16.01
CA LEU A 567 -14.82 -4.77 15.48
C LEU A 567 -16.13 -4.51 16.21
N TRP A 568 -16.09 -4.35 17.54
CA TRP A 568 -17.31 -4.04 18.27
C TRP A 568 -17.86 -2.67 17.88
N GLY A 569 -16.97 -1.69 17.71
CA GLY A 569 -17.40 -0.39 17.22
C GLY A 569 -18.07 -0.48 15.86
N LEU A 570 -17.49 -1.27 14.96
CA LEU A 570 -18.09 -1.47 13.63
C LEU A 570 -19.45 -2.15 13.74
N ALA A 571 -19.54 -3.15 14.60
CA ALA A 571 -20.78 -3.92 14.77
C ALA A 571 -21.89 -3.08 15.39
N THR A 572 -21.55 -2.00 16.08
CA THR A 572 -22.56 -1.21 16.77
C THR A 572 -22.70 0.22 16.22
N GLY A 573 -21.96 0.54 15.16
CA GLY A 573 -21.98 1.86 14.58
C GLY A 573 -21.49 2.91 15.56
N ASN A 574 -20.43 2.58 16.29
CA ASN A 574 -19.90 3.47 17.33
C ASN A 574 -18.59 4.03 16.82
N THR A 575 -18.69 5.18 16.17
CA THR A 575 -17.51 5.79 15.55
C THR A 575 -16.41 6.19 16.55
N PRO A 576 -16.77 6.79 17.69
CA PRO A 576 -15.69 7.10 18.64
C PRO A 576 -14.93 5.86 19.12
N LEU A 577 -15.63 4.77 19.38
CA LEU A 577 -14.98 3.53 19.80
C LEU A 577 -14.08 3.00 18.70
N THR A 578 -14.61 2.93 17.48
CA THR A 578 -13.85 2.46 16.34
C THR A 578 -12.57 3.28 16.14
N LYS A 579 -12.71 4.61 16.27
CA LYS A 579 -11.57 5.50 16.03
C LYS A 579 -10.55 5.46 17.17
N LEU A 580 -11.02 5.35 18.40
CA LEU A 580 -10.10 5.24 19.53
C LEU A 580 -9.27 3.96 19.41
N ALA A 581 -9.93 2.83 19.15
CA ALA A 581 -9.24 1.57 18.97
C ALA A 581 -8.23 1.69 17.82
N SER A 582 -8.63 2.33 16.71
CA SER A 582 -7.73 2.59 15.58
C SER A 582 -6.50 3.39 16.02
N LEU A 583 -6.71 4.43 16.81
CA LEU A 583 -5.59 5.25 17.27
C LEU A 583 -4.61 4.42 18.12
N GLN A 584 -5.16 3.61 19.01
CA GLN A 584 -4.33 2.79 19.90
C GLN A 584 -3.57 1.72 19.13
N LEU A 585 -4.19 1.19 18.07
CA LEU A 585 -3.51 0.23 17.21
C LEU A 585 -2.33 0.90 16.51
N ALA A 586 -2.51 2.15 16.09
CA ALA A 586 -1.45 2.89 15.42
C ALA A 586 -0.30 3.21 16.38
N VAL A 587 -0.62 3.69 17.58
CA VAL A 587 0.41 3.96 18.57
C VAL A 587 1.11 2.65 18.93
N THR A 588 0.33 1.58 19.10
CA THR A 588 0.89 0.24 19.34
C THR A 588 1.89 -0.15 18.25
N LYS A 589 1.53 0.04 16.98
CA LYS A 589 2.44 -0.31 15.89
C LYS A 589 3.74 0.51 15.99
N ARG A 590 3.62 1.80 16.32
CA ARG A 590 4.79 2.68 16.45
C ARG A 590 5.72 2.20 17.58
N THR A 591 5.19 1.98 18.78
CA THR A 591 6.05 1.59 19.89
C THR A 591 6.59 0.14 19.77
N THR A 592 5.83 -0.72 19.10
CA THR A 592 6.28 -2.08 18.86
C THR A 592 7.63 -2.11 18.14
N TYR A 593 7.77 -1.32 17.07
CA TYR A 593 9.04 -1.33 16.34
C TYR A 593 10.10 -0.44 16.96
N GLU A 594 9.72 0.49 17.83
CA GLU A 594 10.76 1.24 18.58
C GLU A 594 11.39 0.40 19.69
N TYR A 595 10.58 -0.40 20.39
CA TYR A 595 11.04 -1.05 21.62
C TYR A 595 10.95 -2.57 21.69
N PHE A 596 10.11 -3.21 20.89
CA PHE A 596 9.79 -4.62 21.14
C PHE A 596 10.24 -5.56 20.02
N TRP A 597 9.93 -5.21 18.77
CA TRP A 597 10.36 -5.97 17.61
C TRP A 597 11.39 -5.13 16.88
N MSE A 598 12.62 -5.60 16.82
CA MSE A 598 13.72 -4.72 16.47
C MSE A 598 14.31 -5.00 15.08
O MSE A 598 14.87 -6.06 14.83
CB MSE A 598 14.79 -4.82 17.55
CG MSE A 598 14.26 -4.38 18.91
SE MSE A 598 15.43 -4.90 20.36
CE MSE A 598 15.17 -6.85 20.25
N LEU A 599 14.14 -4.03 14.20
CA LEU A 599 14.80 -4.08 12.90
C LEU A 599 16.26 -3.68 13.02
N ASP A 600 17.09 -4.23 12.14
CA ASP A 600 18.48 -3.79 12.04
C ASP A 600 18.49 -2.27 11.91
N GLY A 601 19.28 -1.60 12.75
CA GLY A 601 19.31 -0.14 12.76
C GLY A 601 18.60 0.47 13.96
N ASN A 602 17.90 -0.36 14.74
CA ASN A 602 17.22 0.13 15.94
C ASN A 602 18.23 0.77 16.89
N LYS A 603 17.93 1.98 17.38
CA LYS A 603 18.88 2.75 18.18
C LYS A 603 18.54 2.79 19.68
N ASN A 604 17.58 1.99 20.11
CA ASN A 604 17.09 2.05 21.49
C ASN A 604 17.65 0.91 22.33
N ARG A 605 18.44 0.06 21.68
CA ARG A 605 19.05 -1.11 22.31
C ARG A 605 20.45 -1.29 21.74
N PRO A 606 21.36 -1.91 22.53
CA PRO A 606 22.68 -2.21 21.98
C PRO A 606 22.58 -3.26 20.87
N GLU A 607 23.60 -3.33 20.01
CA GLU A 607 23.58 -4.21 18.85
C GLU A 607 23.31 -5.66 19.21
N ASN A 608 23.90 -6.13 20.30
CA ASN A 608 23.75 -7.53 20.68
C ASN A 608 22.39 -7.84 21.29
N ILE A 609 21.58 -6.81 21.51
CA ILE A 609 20.17 -7.06 21.85
C ILE A 609 19.32 -6.95 20.58
N VAL A 610 19.59 -5.94 19.76
CA VAL A 610 18.86 -5.77 18.50
C VAL A 610 18.86 -7.03 17.65
N ARG A 611 19.99 -7.75 17.61
CA ARG A 611 20.05 -8.95 16.77
C ARG A 611 19.14 -10.08 17.26
N ASN A 612 18.62 -10.00 18.48
CA ASN A 612 17.64 -10.98 18.96
C ASN A 612 16.28 -10.88 18.25
N LYS A 613 16.04 -9.73 17.62
CA LYS A 613 14.83 -9.40 16.83
C LYS A 613 13.57 -9.15 17.68
N VAL A 614 13.37 -9.90 18.77
CA VAL A 614 12.31 -9.54 19.72
C VAL A 614 12.86 -9.37 21.12
N ILE A 615 12.22 -8.51 21.90
CA ILE A 615 12.74 -8.10 23.20
C ILE A 615 12.52 -9.17 24.26
N GLY A 616 11.58 -10.07 24.00
CA GLY A 616 11.20 -11.09 24.98
C GLY A 616 10.18 -10.60 25.99
N ILE A 617 10.37 -10.94 27.26
CA ILE A 617 9.48 -10.45 28.31
C ILE A 617 9.93 -9.04 28.69
N TYR A 618 9.01 -8.09 28.59
CA TYR A 618 9.36 -6.68 28.74
C TYR A 618 8.87 -6.13 30.07
N PHE A 619 9.76 -5.52 30.84
CA PHE A 619 9.44 -4.84 32.10
C PHE A 619 9.86 -3.38 32.06
N GLU A 620 9.30 -2.57 32.96
CA GLU A 620 9.77 -1.19 33.08
C GLU A 620 11.26 -1.13 33.46
N GLN A 621 11.77 -2.15 34.13
CA GLN A 621 13.14 -2.07 34.65
C GLN A 621 14.09 -3.09 34.04
N LYS A 622 13.56 -4.06 33.29
CA LYS A 622 14.44 -5.04 32.66
C LYS A 622 13.80 -5.64 31.43
N THR A 623 14.62 -6.29 30.61
CA THR A 623 14.09 -7.06 29.46
C THR A 623 14.78 -8.42 29.47
N ASP A 624 14.08 -9.46 29.01
CA ASP A 624 14.64 -10.82 29.08
C ASP A 624 14.23 -11.67 27.87
N TYR A 625 15.20 -12.00 27.03
CA TYR A 625 14.97 -12.77 25.81
C TYR A 625 14.75 -14.24 26.17
N THR A 626 13.52 -14.53 26.60
CA THR A 626 13.16 -15.84 27.12
C THR A 626 11.64 -15.95 27.15
N THR A 627 11.14 -17.08 27.63
CA THR A 627 9.72 -17.26 27.92
C THR A 627 9.61 -17.92 29.28
N TYR A 628 8.38 -18.07 29.79
CA TYR A 628 8.20 -18.74 31.06
C TYR A 628 8.19 -20.27 30.94
N PHE A 629 8.32 -20.79 29.73
CA PHE A 629 8.27 -22.24 29.55
C PHE A 629 9.39 -22.75 28.64
N GLY A 630 10.51 -22.04 28.65
CA GLY A 630 11.69 -22.51 27.95
C GLY A 630 12.21 -21.54 26.91
N ARG A 631 13.43 -21.80 26.46
CA ARG A 631 14.11 -20.92 25.50
C ARG A 631 14.30 -21.58 24.14
N PHE A 632 13.23 -22.10 23.56
CA PHE A 632 13.29 -22.47 22.16
C PHE A 632 12.95 -21.23 21.34
N LEU A 633 13.62 -21.04 20.21
CA LEU A 633 13.33 -19.90 19.36
C LEU A 633 11.86 -19.85 18.95
N GLU A 634 11.26 -21.00 18.67
CA GLU A 634 9.89 -21.01 18.20
C GLU A 634 8.95 -20.54 19.31
N TYR A 635 9.30 -20.76 20.58
CA TYR A 635 8.53 -20.20 21.69
C TYR A 635 8.66 -18.68 21.76
N ILE A 636 9.90 -18.22 21.91
CA ILE A 636 10.16 -16.80 22.11
C ILE A 636 9.60 -15.98 20.96
N HIS A 637 9.91 -16.37 19.73
CA HIS A 637 9.42 -15.62 18.58
C HIS A 637 7.95 -15.95 18.26
N GLY A 638 7.52 -17.18 18.50
CA GLY A 638 6.16 -17.59 18.20
C GLY A 638 5.10 -16.86 19.01
N ILE A 639 5.43 -16.48 20.24
CA ILE A 639 4.52 -15.70 21.07
C ILE A 639 4.13 -14.38 20.40
N GLN A 640 5.03 -13.81 19.60
CA GLN A 640 4.75 -12.56 18.90
C GLN A 640 4.07 -12.77 17.55
N GLN A 641 3.52 -13.97 17.35
CA GLN A 641 2.91 -14.35 16.08
C GLN A 641 1.48 -14.94 16.21
N LEU A 642 0.90 -14.85 17.41
CA LEU A 642 -0.46 -15.37 17.59
C LEU A 642 -1.22 -14.53 18.60
N PRO A 643 -2.55 -14.36 18.40
CA PRO A 643 -3.34 -14.91 17.30
C PRO A 643 -3.10 -14.20 15.97
N MSE A 644 -2.97 -14.95 14.89
CA MSE A 644 -2.80 -14.36 13.56
C MSE A 644 -4.17 -14.02 12.98
O MSE A 644 -4.97 -14.90 12.68
CB MSE A 644 -2.05 -15.30 12.62
CG MSE A 644 -1.74 -14.71 11.23
SE MSE A 644 -0.44 -13.24 11.33
CE MSE A 644 1.15 -14.21 11.93
N THR A 645 -4.42 -12.72 12.85
CA THR A 645 -5.70 -12.20 12.38
C THR A 645 -5.36 -11.26 11.23
N PRO A 646 -6.38 -10.75 10.50
CA PRO A 646 -6.02 -9.77 9.46
C PRO A 646 -5.30 -8.55 10.02
N GLU A 647 -5.63 -8.14 11.25
CA GLU A 647 -4.95 -7.00 11.83
C GLU A 647 -3.46 -7.31 12.01
N LEU A 648 -3.14 -8.46 12.59
CA LEU A 648 -1.74 -8.79 12.83
C LEU A 648 -0.99 -9.01 11.52
N MSE A 649 -1.68 -9.61 10.56
CA MSE A 649 -1.03 -10.06 9.34
C MSE A 649 -0.86 -8.96 8.31
O MSE A 649 0.15 -8.93 7.61
CB MSE A 649 -1.83 -11.21 8.71
CG MSE A 649 -1.15 -11.77 7.47
SE MSE A 649 -2.12 -13.28 6.72
CE MSE A 649 -0.92 -14.65 7.32
N GLU A 650 -1.82 -8.06 8.20
CA GLU A 650 -1.85 -7.04 7.14
CA GLU A 650 -1.70 -7.08 7.12
C GLU A 650 -1.34 -5.67 7.59
N TYR A 651 -1.35 -5.43 8.90
CA TYR A 651 -1.02 -4.10 9.42
C TYR A 651 0.14 -4.12 10.42
N ILE A 652 0.08 -5.01 11.42
CA ILE A 652 1.08 -4.96 12.50
C ILE A 652 2.42 -5.57 12.11
N ARG A 653 2.41 -6.81 11.62
CA ARG A 653 3.66 -7.50 11.31
C ARG A 653 4.14 -7.18 9.89
N THR A 654 5.13 -6.31 9.74
CA THR A 654 5.57 -5.87 8.41
C THR A 654 6.39 -6.93 7.69
N PRO A 655 6.32 -6.96 6.36
CA PRO A 655 7.13 -7.94 5.64
C PRO A 655 8.63 -7.75 5.88
N GLU A 656 9.07 -6.50 6.06
CA GLU A 656 10.48 -6.24 6.35
C GLU A 656 10.90 -6.91 7.66
N PHE A 657 10.10 -6.76 8.71
CA PHE A 657 10.47 -7.41 9.98
C PHE A 657 10.37 -8.93 9.89
N VAL A 658 9.26 -9.42 9.33
CA VAL A 658 9.06 -10.86 9.24
C VAL A 658 10.20 -11.50 8.44
N SER A 659 10.64 -10.85 7.35
CA SER A 659 11.72 -11.44 6.56
CA SER A 659 11.75 -11.36 6.53
C SER A 659 13.06 -11.40 7.29
N GLN A 660 13.39 -10.30 7.97
CA GLN A 660 14.64 -10.24 8.73
C GLN A 660 14.67 -11.29 9.84
N GLU A 661 13.55 -11.40 10.55
CA GLU A 661 13.43 -12.38 11.62
C GLU A 661 13.56 -13.81 11.09
N TRP A 662 12.94 -14.09 9.95
CA TRP A 662 12.99 -15.42 9.35
C TRP A 662 14.41 -15.75 8.92
N ASP A 663 15.01 -14.77 8.28
CA ASP A 663 16.36 -14.85 7.76
C ASP A 663 17.34 -15.20 8.86
N GLU A 664 17.28 -14.44 9.95
CA GLU A 664 18.28 -14.53 11.00
C GLU A 664 18.02 -15.59 12.08
N LYS A 665 16.76 -15.94 12.31
CA LYS A 665 16.45 -16.85 13.43
C LYS A 665 15.61 -18.07 13.07
N LEU A 666 14.53 -17.87 12.31
CA LEU A 666 13.47 -18.88 12.26
C LEU A 666 13.54 -19.83 11.07
N GLY A 667 14.01 -19.34 9.91
CA GLY A 667 14.13 -20.17 8.73
C GLY A 667 14.91 -21.46 8.99
N ALA A 668 15.96 -21.35 9.79
CA ALA A 668 16.82 -22.49 10.07
C ALA A 668 16.13 -23.57 10.92
N ILE A 669 15.24 -23.18 11.82
CA ILE A 669 14.65 -24.17 12.72
C ILE A 669 13.24 -24.61 12.36
N ALA A 670 12.53 -23.81 11.57
CA ALA A 670 11.12 -24.09 11.31
C ALA A 670 10.85 -25.53 10.82
N PRO A 671 11.65 -26.05 9.85
CA PRO A 671 11.31 -27.41 9.43
C PRO A 671 11.62 -28.48 10.48
N THR A 672 12.30 -28.11 11.57
CA THR A 672 12.59 -29.07 12.62
C THR A 672 11.61 -29.02 13.80
N VAL A 673 10.66 -28.09 13.74
CA VAL A 673 9.72 -27.90 14.84
C VAL A 673 8.59 -28.92 14.74
N GLN A 674 8.51 -29.80 15.74
CA GLN A 674 7.51 -30.88 15.78
C GLN A 674 6.47 -30.63 16.86
N SER A 675 5.78 -29.52 16.78
CA SER A 675 4.87 -29.11 17.84
C SER A 675 3.89 -28.13 17.22
N PRO A 676 2.85 -27.73 17.97
CA PRO A 676 1.92 -26.71 17.45
C PRO A 676 2.61 -25.39 17.09
N TRP A 677 3.80 -25.12 17.62
CA TRP A 677 4.55 -23.93 17.24
C TRP A 677 4.93 -23.94 15.76
N ALA A 678 4.93 -25.12 15.13
CA ALA A 678 5.19 -25.19 13.69
C ALA A 678 4.09 -24.46 12.92
N GLY A 679 2.85 -24.69 13.33
CA GLY A 679 1.72 -23.98 12.71
C GLY A 679 1.84 -22.49 12.89
N VAL A 680 2.29 -22.07 14.07
CA VAL A 680 2.45 -20.65 14.36
C VAL A 680 3.50 -20.03 13.43
N LEU A 681 4.69 -20.64 13.39
CA LEU A 681 5.77 -20.12 12.53
C LEU A 681 5.38 -20.12 11.06
N TYR A 682 4.73 -21.17 10.58
CA TYR A 682 4.44 -21.24 9.14
C TYR A 682 3.30 -20.32 8.70
N LEU A 683 2.35 -20.02 9.58
CA LEU A 683 1.32 -19.04 9.23
C LEU A 683 1.93 -17.63 9.21
N ASN A 684 2.86 -17.37 10.12
CA ASN A 684 3.65 -16.16 10.07
C ASN A 684 4.43 -16.09 8.75
N TYR A 685 5.02 -17.23 8.36
CA TYR A 685 5.79 -17.34 7.13
C TYR A 685 4.97 -16.98 5.91
N ALA A 686 3.65 -17.21 5.97
CA ALA A 686 2.78 -16.91 4.83
C ALA A 686 2.75 -15.43 4.50
N ILE A 687 3.11 -14.57 5.45
CA ILE A 687 3.22 -13.14 5.17
C ILE A 687 4.20 -12.91 4.02
N ILE A 688 5.35 -13.58 4.04
CA ILE A 688 6.39 -13.34 3.04
C ILE A 688 6.49 -14.41 1.96
N ASN A 689 6.23 -15.68 2.30
CA ASN A 689 6.29 -16.76 1.31
C ASN A 689 5.10 -17.70 1.37
N PRO A 690 3.92 -17.19 0.98
CA PRO A 690 2.67 -17.96 1.08
C PRO A 690 2.69 -19.25 0.26
N ALA A 691 3.40 -19.24 -0.87
CA ALA A 691 3.44 -20.43 -1.72
C ALA A 691 4.09 -21.61 -1.00
N GLU A 692 5.11 -21.34 -0.18
CA GLU A 692 5.76 -22.40 0.56
C GLU A 692 5.05 -22.69 1.89
N ALA A 693 4.44 -21.67 2.46
CA ALA A 693 3.73 -21.82 3.74
C ALA A 693 2.50 -22.71 3.59
N TYR A 694 1.80 -22.57 2.48
CA TYR A 694 0.51 -23.25 2.29
C TYR A 694 0.61 -24.80 2.41
N PRO A 695 1.52 -25.46 1.65
CA PRO A 695 1.61 -26.92 1.86
C PRO A 695 2.10 -27.29 3.26
N ALA A 696 2.96 -26.48 3.86
CA ALA A 696 3.40 -26.77 5.22
C ALA A 696 2.20 -26.77 6.17
N LEU A 697 1.32 -25.79 6.01
CA LEU A 697 0.18 -25.64 6.90
C LEU A 697 -0.85 -26.77 6.73
N ARG A 698 -0.80 -27.45 5.59
CA ARG A 698 -1.67 -28.62 5.39
C ARG A 698 -1.22 -29.81 6.23
N LYS A 699 0.02 -29.80 6.73
CA LYS A 699 0.53 -30.98 7.42
C LYS A 699 1.02 -30.77 8.85
N VAL A 700 1.50 -29.58 9.21
CA VAL A 700 2.02 -29.38 10.56
C VAL A 700 0.89 -29.20 11.59
N GLN A 701 1.23 -29.24 12.87
CA GLN A 701 0.24 -29.06 13.93
C GLN A 701 -0.16 -27.61 14.10
N MSE A 702 -1.42 -27.40 14.49
CA MSE A 702 -1.99 -26.07 14.70
C MSE A 702 -1.88 -25.63 16.17
O MSE A 702 -2.02 -26.47 17.05
CB MSE A 702 -3.47 -26.04 14.29
CG MSE A 702 -3.78 -26.47 12.85
SE MSE A 702 -3.14 -25.12 11.57
CE MSE A 702 -1.33 -25.79 11.20
N ASP A 703 -1.63 -24.36 16.42
CA ASP A 703 -1.79 -23.81 17.77
C ASP A 703 -3.24 -24.02 18.21
N ASP A 704 -3.48 -24.10 19.51
CA ASP A 704 -4.85 -24.36 19.97
C ASP A 704 -5.80 -23.19 19.70
N GLY A 705 -5.26 -22.02 19.32
CA GLY A 705 -6.09 -20.90 18.90
C GLY A 705 -6.10 -20.70 17.40
N GLN A 706 -5.63 -21.72 16.68
CA GLN A 706 -5.42 -21.65 15.24
C GLN A 706 -6.17 -22.78 14.55
N THR A 707 -6.77 -22.56 13.38
CA THR A 707 -7.36 -23.65 12.62
C THR A 707 -6.65 -23.82 11.28
N ARG A 708 -6.64 -25.04 10.76
CA ARG A 708 -6.02 -25.30 9.46
C ARG A 708 -6.77 -24.54 8.38
N SER A 709 -8.10 -24.55 8.43
CA SER A 709 -8.88 -23.89 7.39
C SER A 709 -8.67 -22.38 7.36
N TYR A 710 -8.68 -21.73 8.52
CA TYR A 710 -8.46 -20.28 8.52
C TYR A 710 -7.02 -19.97 8.11
N SER A 711 -6.08 -20.83 8.49
CA SER A 711 -4.68 -20.66 8.10
C SER A 711 -4.51 -20.72 6.57
N LEU A 712 -5.16 -21.68 5.94
CA LEU A 712 -5.10 -21.80 4.48
C LEU A 712 -5.77 -20.60 3.81
N TYR A 713 -6.90 -20.16 4.39
CA TYR A 713 -7.62 -18.99 3.90
C TYR A 713 -6.72 -17.74 3.95
N LEU A 714 -6.12 -17.47 5.09
CA LEU A 714 -5.23 -16.32 5.24
C LEU A 714 -4.05 -16.41 4.26
N THR A 715 -3.56 -17.61 4.04
CA THR A 715 -2.40 -17.77 3.17
C THR A 715 -2.78 -17.55 1.72
N ALA A 716 -3.94 -18.08 1.32
CA ALA A 716 -4.37 -18.05 -0.07
C ALA A 716 -4.96 -16.71 -0.47
N THR A 717 -5.12 -15.82 0.50
CA THR A 717 -5.53 -14.44 0.22
C THR A 717 -4.34 -13.48 0.13
N ARG A 718 -3.12 -13.98 0.26
CA ARG A 718 -1.93 -13.16 -0.03
C ARG A 718 -1.90 -12.84 -1.52
N PRO A 719 -1.59 -11.59 -1.87
CA PRO A 719 -1.58 -11.24 -3.30
C PRO A 719 -0.55 -12.03 -4.11
N HIS A 720 0.48 -12.55 -3.44
CA HIS A 720 1.53 -13.28 -4.14
C HIS A 720 1.49 -14.80 -3.89
N PHE A 721 0.35 -15.29 -3.43
CA PHE A 721 0.14 -16.74 -3.33
C PHE A 721 0.07 -17.40 -4.69
N PHE A 722 0.68 -18.58 -4.80
CA PHE A 722 0.47 -19.50 -5.93
C PHE A 722 0.64 -20.93 -5.41
N ARG A 723 0.22 -21.90 -6.22
CA ARG A 723 0.23 -23.29 -5.79
CA ARG A 723 0.21 -23.31 -5.83
C ARG A 723 1.58 -23.97 -5.94
N ARG A 724 1.90 -24.80 -4.96
CA ARG A 724 3.11 -25.62 -4.94
C ARG A 724 2.90 -26.88 -4.11
N GLY B 5 -3.49 22.57 -11.27
CA GLY B 5 -2.45 21.76 -11.89
C GLY B 5 -1.94 22.33 -13.19
N ASP B 6 -1.47 21.46 -14.08
CA ASP B 6 -0.91 21.88 -15.36
C ASP B 6 -1.63 21.34 -16.60
N ASP B 7 -1.70 22.18 -17.63
CA ASP B 7 -2.14 21.75 -18.96
C ASP B 7 -1.09 20.79 -19.51
N LEU B 8 -1.48 19.55 -19.83
CA LEU B 8 -0.52 18.54 -20.25
C LEU B 8 -0.32 18.50 -21.77
N PHE B 9 -1.21 19.13 -22.51
CA PHE B 9 -1.09 19.11 -23.97
C PHE B 9 -0.35 20.36 -24.44
N VAL B 10 0.94 20.40 -24.14
CA VAL B 10 1.79 21.52 -24.50
C VAL B 10 3.04 20.95 -25.15
N PRO B 11 3.75 21.78 -25.92
CA PRO B 11 4.93 21.23 -26.60
C PRO B 11 6.04 20.80 -25.64
N VAL B 12 6.84 19.84 -26.07
CA VAL B 12 8.08 19.53 -25.37
C VAL B 12 9.08 20.64 -25.70
N SER B 13 9.13 20.99 -26.99
CA SER B 13 9.94 22.09 -27.47
C SER B 13 9.55 22.39 -28.92
N ASN B 14 10.09 23.46 -29.50
CA ASN B 14 9.87 23.65 -30.93
C ASN B 14 11.20 23.72 -31.65
N PHE B 15 12.18 23.01 -31.11
CA PHE B 15 13.45 22.83 -31.80
C PHE B 15 13.26 22.19 -33.18
N ASP B 16 13.95 22.72 -34.19
CA ASP B 16 13.89 22.22 -35.55
C ASP B 16 14.84 21.03 -35.73
N PRO B 17 14.28 19.83 -35.94
CA PRO B 17 15.07 18.59 -35.95
C PRO B 17 16.02 18.49 -37.15
N LYS B 18 15.82 19.34 -38.16
CA LYS B 18 16.67 19.33 -39.35
C LYS B 18 18.14 19.68 -39.04
N SER B 19 18.36 20.33 -37.91
CA SER B 19 19.71 20.68 -37.46
C SER B 19 20.48 19.49 -36.92
N ILE B 20 19.79 18.37 -36.74
CA ILE B 20 20.40 17.18 -36.17
C ILE B 20 20.27 15.97 -37.09
N PHE B 21 19.13 15.83 -37.75
CA PHE B 21 18.92 14.72 -38.68
C PHE B 21 18.78 15.20 -40.12
N PRO B 22 19.48 14.55 -41.06
CA PRO B 22 19.29 14.88 -42.47
C PRO B 22 17.84 14.74 -42.92
N GLU B 23 17.36 15.74 -43.67
CA GLU B 23 15.99 15.82 -44.16
C GLU B 23 15.70 14.84 -45.30
N ILE B 24 14.53 14.22 -45.26
CA ILE B 24 14.00 13.47 -46.39
C ILE B 24 12.51 13.74 -46.50
N LYS B 25 11.92 13.35 -47.63
CA LYS B 25 10.46 13.29 -47.77
C LYS B 25 10.13 11.81 -47.95
N HIS B 26 9.29 11.25 -47.08
CA HIS B 26 9.02 9.83 -47.12
C HIS B 26 8.60 9.41 -48.53
N PRO B 27 9.19 8.31 -49.02
CA PRO B 27 8.93 7.89 -50.41
C PRO B 27 7.55 7.28 -50.61
N PHE B 28 6.88 6.86 -49.54
CA PHE B 28 5.57 6.23 -49.71
C PHE B 28 4.46 7.16 -49.24
N GLU B 29 3.75 7.75 -50.20
CA GLU B 29 2.81 8.81 -49.91
C GLU B 29 1.39 8.30 -49.66
N PRO B 30 0.60 9.07 -48.91
CA PRO B 30 -0.80 8.71 -48.73
C PRO B 30 -1.52 8.90 -50.06
N MSE B 31 -2.38 7.95 -50.45
CA MSE B 31 -3.01 8.06 -51.77
C MSE B 31 -4.35 8.75 -51.74
O MSE B 31 -4.70 9.50 -52.65
CB MSE B 31 -3.17 6.69 -52.41
CG MSE B 31 -3.66 6.78 -53.85
SE MSE B 31 -3.03 5.29 -54.92
CE MSE B 31 -4.28 3.95 -54.33
N TYR B 32 -5.11 8.52 -50.66
CA TYR B 32 -6.47 9.00 -50.63
C TYR B 32 -6.67 10.16 -49.68
N ALA B 33 -5.57 10.81 -49.30
CA ALA B 33 -5.64 11.94 -48.38
C ALA B 33 -5.94 13.21 -49.13
N ASN B 34 -6.83 14.02 -48.57
CA ASN B 34 -7.04 15.38 -49.04
C ASN B 34 -5.80 16.24 -48.78
N THR B 35 -5.08 16.57 -49.86
CA THR B 35 -3.84 17.31 -49.76
C THR B 35 -4.01 18.81 -49.49
N GLU B 36 -5.24 19.30 -49.47
CA GLU B 36 -5.46 20.73 -49.37
C GLU B 36 -5.84 21.21 -47.96
N ASN B 37 -5.89 20.33 -46.97
CA ASN B 37 -6.35 20.79 -45.65
C ASN B 37 -5.21 21.06 -44.68
N GLY B 38 -3.99 20.71 -45.08
CA GLY B 38 -2.81 20.99 -44.28
C GLY B 38 -2.67 20.19 -43.00
N LYS B 39 -3.40 19.09 -42.88
CA LYS B 39 -3.29 18.26 -41.70
C LYS B 39 -2.32 17.12 -41.98
N ILE B 40 -1.81 16.49 -40.92
CA ILE B 40 -0.82 15.43 -41.06
C ILE B 40 -1.50 14.06 -41.02
N VAL B 41 -1.20 13.25 -42.02
CA VAL B 41 -1.71 11.89 -42.07
C VAL B 41 -1.02 11.07 -40.97
N PRO B 42 -1.81 10.45 -40.06
CA PRO B 42 -1.20 9.66 -38.99
C PRO B 42 -0.75 8.30 -39.51
N THR B 43 0.32 7.75 -38.93
CA THR B 43 0.91 6.51 -39.43
C THR B 43 0.52 5.27 -38.62
N ASN B 44 0.15 5.47 -37.36
CA ASN B 44 -0.13 4.35 -36.43
C ASN B 44 -1.49 4.50 -35.80
N SER B 45 -2.44 5.06 -36.55
CA SER B 45 -3.75 5.38 -36.03
C SER B 45 -4.79 4.34 -36.45
N TRP B 46 -5.88 4.25 -35.68
CA TRP B 46 -6.99 3.41 -36.10
C TRP B 46 -7.61 3.87 -37.43
N ILE B 47 -7.36 5.11 -37.85
CA ILE B 47 -7.87 5.56 -39.16
C ILE B 47 -6.91 5.35 -40.33
N SER B 48 -5.71 4.83 -40.05
CA SER B 48 -4.64 4.85 -41.06
C SER B 48 -4.89 4.04 -42.35
N ASN B 49 -5.63 2.93 -42.27
CA ASN B 49 -5.90 2.16 -43.49
C ASN B 49 -6.67 2.96 -44.55
N LEU B 50 -7.43 3.97 -44.10
CA LEU B 50 -8.27 4.77 -45.00
C LEU B 50 -7.48 5.49 -46.08
N PHE B 51 -6.21 5.77 -45.81
CA PHE B 51 -5.41 6.61 -46.71
C PHE B 51 -4.73 5.83 -47.83
N TYR B 52 -4.82 4.51 -47.78
CA TYR B 52 -4.07 3.65 -48.70
C TYR B 52 -4.97 2.57 -49.31
N PRO B 53 -4.57 2.06 -50.49
CA PRO B 53 -5.31 0.92 -51.05
C PRO B 53 -5.07 -0.31 -50.20
N SER B 54 -5.81 -1.38 -50.47
CA SER B 54 -5.55 -2.62 -49.77
C SER B 54 -5.97 -3.77 -50.64
N ALA B 55 -5.31 -4.91 -50.43
CA ALA B 55 -5.61 -6.13 -51.14
C ALA B 55 -7.11 -6.45 -51.09
N ASP B 56 -7.72 -6.48 -52.27
CA ASP B 56 -9.14 -6.77 -52.45
C ASP B 56 -10.05 -5.79 -51.68
N ASN B 57 -9.51 -4.62 -51.36
CA ASN B 57 -10.23 -3.61 -50.58
C ASN B 57 -10.76 -4.17 -49.26
N LEU B 58 -10.02 -5.10 -48.67
CA LEU B 58 -10.48 -5.76 -47.46
C LEU B 58 -9.93 -5.15 -46.16
N ALA B 59 -9.04 -4.16 -46.25
CA ALA B 59 -8.51 -3.55 -45.00
C ALA B 59 -9.61 -2.90 -44.18
N PRO B 60 -9.69 -3.27 -42.89
CA PRO B 60 -10.77 -2.75 -42.03
C PRO B 60 -10.37 -1.47 -41.30
N THR B 61 -11.37 -0.63 -41.05
CA THR B 61 -11.23 0.51 -40.17
C THR B 61 -12.29 0.32 -39.10
N THR B 62 -11.88 0.44 -37.84
CA THR B 62 -12.68 -0.07 -36.74
C THR B 62 -12.98 0.99 -35.68
N PRO B 63 -13.97 1.87 -35.96
CA PRO B 63 -14.36 2.87 -34.95
C PRO B 63 -14.83 2.21 -33.66
N ASP B 64 -15.50 1.07 -33.80
CA ASP B 64 -16.00 0.26 -32.69
C ASP B 64 -17.22 0.92 -32.04
N PRO B 65 -18.30 0.17 -31.82
CA PRO B 65 -18.45 -1.27 -32.05
C PRO B 65 -18.62 -1.71 -33.51
N TYR B 66 -18.62 -0.79 -34.46
CA TYR B 66 -18.72 -1.18 -35.87
C TYR B 66 -17.34 -1.37 -36.48
N THR B 67 -17.24 -2.38 -37.34
CA THR B 67 -16.08 -2.60 -38.18
C THR B 67 -16.48 -2.19 -39.58
N LEU B 68 -15.62 -1.43 -40.27
CA LEU B 68 -15.97 -0.95 -41.61
C LEU B 68 -14.95 -1.39 -42.65
N ARG B 69 -15.44 -1.66 -43.86
CA ARG B 69 -14.57 -1.87 -45.01
C ARG B 69 -15.06 -1.03 -46.19
N LEU B 70 -14.15 -0.64 -47.07
CA LEU B 70 -14.44 0.32 -48.15
C LEU B 70 -14.32 -0.31 -49.52
N LEU B 71 -15.42 -0.41 -50.25
CA LEU B 71 -15.41 -0.87 -51.63
C LEU B 71 -14.92 -2.30 -51.79
N ASP B 72 -15.01 -3.09 -50.72
CA ASP B 72 -14.78 -4.54 -50.83
C ASP B 72 -15.72 -5.15 -51.89
N GLY B 73 -15.23 -6.15 -52.61
CA GLY B 73 -15.85 -6.61 -53.85
C GLY B 73 -17.03 -7.56 -53.85
N TYR B 74 -17.37 -8.19 -52.72
CA TYR B 74 -18.42 -9.21 -52.78
C TYR B 74 -19.78 -8.71 -52.33
N GLY B 75 -20.81 -9.49 -52.67
CA GLY B 75 -22.16 -9.24 -52.21
C GLY B 75 -23.01 -8.30 -53.03
N GLY B 76 -22.41 -7.62 -54.02
CA GLY B 76 -23.13 -6.65 -54.83
C GLY B 76 -22.43 -5.30 -54.93
N ASN B 77 -23.20 -4.25 -55.20
CA ASN B 77 -22.69 -2.89 -55.36
C ASN B 77 -21.70 -2.45 -54.26
N PRO B 78 -20.55 -1.86 -54.65
CA PRO B 78 -19.55 -1.47 -53.66
C PRO B 78 -19.94 -0.22 -52.86
N GLY B 79 -19.48 -0.14 -51.62
CA GLY B 79 -19.78 1.01 -50.78
C GLY B 79 -19.12 0.90 -49.41
N LEU B 80 -19.83 1.34 -48.37
CA LEU B 80 -19.31 1.23 -47.01
C LEU B 80 -19.91 0.00 -46.34
N THR B 81 -19.06 -1.00 -46.12
CA THR B 81 -19.50 -2.27 -45.56
C THR B 81 -19.43 -2.24 -44.04
N ILE B 82 -20.50 -2.69 -43.39
CA ILE B 82 -20.56 -2.74 -41.94
C ILE B 82 -20.53 -4.17 -41.43
N ARG B 83 -19.64 -4.45 -40.49
CA ARG B 83 -19.70 -5.69 -39.72
C ARG B 83 -19.81 -5.32 -38.26
N GLN B 84 -20.73 -5.97 -37.54
CA GLN B 84 -20.85 -5.76 -36.11
C GLN B 84 -20.82 -7.12 -35.43
N PRO B 85 -19.63 -7.53 -34.98
CA PRO B 85 -19.39 -8.93 -34.57
C PRO B 85 -19.91 -9.28 -33.18
N SER B 86 -21.16 -9.74 -33.10
CA SER B 86 -21.72 -10.25 -31.85
C SER B 86 -20.93 -11.44 -31.32
N ALA B 87 -20.42 -12.25 -32.24
CA ALA B 87 -19.74 -13.48 -31.89
C ALA B 87 -18.38 -13.55 -32.56
N LYS B 88 -17.45 -14.26 -31.92
CA LYS B 88 -16.10 -14.42 -32.42
C LYS B 88 -15.85 -15.82 -32.96
N VAL B 89 -14.89 -15.91 -33.83
CA VAL B 89 -14.37 -17.17 -34.24
C VAL B 89 -13.09 -17.51 -33.47
N LEU B 90 -13.13 -18.61 -32.74
CA LEU B 90 -12.02 -19.16 -31.99
C LEU B 90 -11.29 -20.28 -32.69
N GLY B 91 -9.99 -20.22 -32.69
CA GLY B 91 -9.18 -21.29 -33.24
C GLY B 91 -8.03 -21.78 -32.38
N SER B 92 -7.59 -23.00 -32.63
CA SER B 92 -6.34 -23.45 -32.02
C SER B 92 -5.21 -23.74 -32.92
N TYR B 93 -4.10 -24.03 -32.29
CA TYR B 93 -2.90 -24.41 -32.96
C TYR B 93 -2.74 -25.88 -32.65
N PRO B 94 -2.26 -26.61 -33.62
CA PRO B 94 -1.94 -28.04 -33.43
C PRO B 94 -0.75 -28.19 -32.52
N PRO B 95 -0.47 -29.38 -32.06
CA PRO B 95 0.74 -29.60 -31.24
C PRO B 95 2.04 -29.41 -32.03
N THR B 96 3.10 -28.97 -31.35
CA THR B 96 4.46 -29.15 -31.83
C THR B 96 5.33 -29.82 -30.77
N ALA B 104 -7.57 -22.56 -26.91
CA ALA B 104 -7.72 -21.66 -28.05
C ALA B 104 -6.48 -20.79 -28.22
N GLY B 105 -6.07 -20.62 -29.47
CA GLY B 105 -4.84 -19.89 -29.76
C GLY B 105 -5.12 -18.52 -30.30
N TYR B 106 -6.20 -18.38 -31.06
CA TYR B 106 -6.51 -17.09 -31.64
C TYR B 106 -8.01 -16.81 -31.62
N MSE B 107 -8.32 -15.53 -31.72
CA MSE B 107 -9.68 -15.04 -31.73
C MSE B 107 -9.79 -14.08 -32.91
O MSE B 107 -8.98 -13.18 -33.04
CB MSE B 107 -10.01 -14.34 -30.41
CG MSE B 107 -11.39 -13.72 -30.31
SE MSE B 107 -11.65 -13.00 -28.49
CE MSE B 107 -10.29 -11.56 -28.49
N ILE B 108 -10.76 -14.31 -33.80
CA ILE B 108 -10.90 -13.48 -34.99
C ILE B 108 -12.36 -13.12 -35.23
N ASN B 109 -12.57 -12.06 -36.00
CA ASN B 109 -13.91 -11.63 -36.37
C ASN B 109 -14.16 -12.01 -37.82
N SER B 110 -15.28 -12.68 -38.10
CA SER B 110 -15.59 -13.11 -39.45
C SER B 110 -15.72 -11.91 -40.39
N VAL B 111 -15.28 -12.10 -41.63
CA VAL B 111 -15.41 -11.08 -42.65
C VAL B 111 -16.69 -11.37 -43.43
N VAL B 112 -17.77 -10.69 -43.07
CA VAL B 112 -19.03 -10.85 -43.77
C VAL B 112 -19.70 -9.50 -43.83
N VAL B 113 -20.47 -9.27 -44.89
CA VAL B 113 -21.22 -8.02 -45.03
C VAL B 113 -22.53 -8.13 -44.25
N ASP B 114 -22.54 -7.60 -43.03
CA ASP B 114 -23.79 -7.56 -42.25
C ASP B 114 -24.76 -6.58 -42.89
N LEU B 115 -24.22 -5.41 -43.22
CA LEU B 115 -25.01 -4.40 -43.94
C LEU B 115 -24.06 -3.47 -44.68
N ARG B 116 -24.43 -3.07 -45.88
CA ARG B 116 -23.61 -2.14 -46.65
C ARG B 116 -24.43 -0.97 -47.16
N LEU B 117 -23.88 0.24 -47.04
CA LEU B 117 -24.47 1.43 -47.63
C LEU B 117 -23.85 1.67 -49.00
N THR B 118 -24.66 1.63 -50.04
CA THR B 118 -24.16 1.87 -51.38
C THR B 118 -25.20 2.68 -52.14
N SER B 119 -25.18 2.60 -53.47
CA SER B 119 -26.18 3.31 -54.28
C SER B 119 -26.47 2.56 -55.59
N SER B 120 -27.65 2.78 -56.17
CA SER B 120 -28.00 2.06 -57.39
C SER B 120 -27.12 2.54 -58.55
N GLU B 121 -26.66 3.79 -58.48
CA GLU B 121 -25.77 4.34 -59.51
C GLU B 121 -24.40 3.66 -59.56
N TRP B 122 -24.04 2.89 -58.53
CA TRP B 122 -22.74 2.24 -58.49
C TRP B 122 -22.80 0.75 -58.82
N SER B 123 -23.71 0.37 -59.73
CA SER B 123 -23.81 -1.02 -60.17
C SER B 123 -22.61 -1.42 -61.03
N ASP B 124 -22.09 -0.48 -61.81
CA ASP B 124 -21.05 -0.78 -62.77
C ASP B 124 -19.86 0.17 -62.77
N VAL B 125 -19.69 0.91 -61.69
CA VAL B 125 -18.52 1.77 -61.55
C VAL B 125 -17.98 1.69 -60.13
N VAL B 126 -16.67 1.86 -59.98
CA VAL B 126 -16.05 1.90 -58.66
C VAL B 126 -15.88 3.35 -58.21
N PRO B 127 -16.58 3.72 -57.14
CA PRO B 127 -16.56 5.09 -56.61
C PRO B 127 -15.14 5.58 -56.33
N ASP B 128 -14.87 6.85 -56.57
CA ASP B 128 -13.66 7.46 -56.07
C ASP B 128 -13.78 7.59 -54.56
N ARG B 129 -12.65 7.67 -53.88
CA ARG B 129 -12.65 7.87 -52.43
C ARG B 129 -11.65 8.96 -52.03
N GLN B 130 -11.96 9.66 -50.95
CA GLN B 130 -11.01 10.59 -50.35
C GLN B 130 -11.29 10.69 -48.86
N VAL B 131 -10.22 10.78 -48.08
CA VAL B 131 -10.34 11.17 -46.67
C VAL B 131 -10.26 12.70 -46.64
N THR B 132 -11.39 13.35 -46.47
CA THR B 132 -11.46 14.80 -46.68
C THR B 132 -10.96 15.57 -45.46
N ASP B 133 -11.09 14.97 -44.29
CA ASP B 133 -10.68 15.61 -43.05
C ASP B 133 -10.59 14.52 -41.99
N TRP B 134 -9.81 14.79 -40.93
CA TRP B 134 -9.65 13.81 -39.86
C TRP B 134 -9.11 14.46 -38.59
N ASP B 135 -9.29 13.80 -37.46
CA ASP B 135 -8.57 14.16 -36.25
C ASP B 135 -8.24 12.88 -35.49
N HIS B 136 -7.88 13.00 -34.22
CA HIS B 136 -7.47 11.83 -33.44
C HIS B 136 -8.60 10.80 -33.31
N LEU B 137 -9.84 11.27 -33.36
CA LEU B 137 -10.99 10.42 -33.04
C LEU B 137 -11.91 10.15 -34.22
N SER B 138 -11.55 10.60 -35.41
CA SER B 138 -12.50 10.58 -36.52
C SER B 138 -11.83 10.78 -37.85
N ALA B 139 -12.56 10.44 -38.91
CA ALA B 139 -12.15 10.75 -40.28
C ALA B 139 -13.42 10.85 -41.11
N ASN B 140 -13.47 11.82 -42.02
CA ASN B 140 -14.60 11.89 -42.93
C ASN B 140 -14.20 11.26 -44.24
N LEU B 141 -14.96 10.25 -44.64
CA LEU B 141 -14.71 9.51 -45.86
C LEU B 141 -15.77 9.91 -46.88
N ARG B 142 -15.34 10.35 -48.06
CA ARG B 142 -16.27 10.64 -49.14
C ARG B 142 -16.14 9.62 -50.25
N LEU B 143 -17.27 9.06 -50.68
CA LEU B 143 -17.31 8.19 -51.85
C LEU B 143 -18.11 8.91 -52.93
N SER B 144 -17.58 8.95 -54.12
CA SER B 144 -18.17 9.75 -55.20
C SER B 144 -18.21 9.03 -56.55
N THR B 145 -19.22 9.32 -57.36
CA THR B 145 -19.25 8.85 -58.72
C THR B 145 -18.09 9.40 -59.54
N PRO B 146 -17.29 8.55 -60.14
CA PRO B 146 -16.13 9.10 -60.79
C PRO B 146 -16.49 10.11 -61.88
N GLN B 147 -17.58 9.94 -62.59
CA GLN B 147 -17.77 10.92 -63.65
C GLN B 147 -18.52 12.17 -63.16
N ASP B 148 -18.98 12.13 -61.92
CA ASP B 148 -19.73 13.19 -61.32
C ASP B 148 -19.52 13.42 -59.80
N SER B 149 -18.60 14.35 -59.49
CA SER B 149 -18.21 14.68 -58.12
C SER B 149 -19.29 15.29 -57.34
N ASN B 150 -20.33 15.75 -57.98
CA ASN B 150 -21.44 16.25 -57.21
C ASN B 150 -22.42 15.18 -56.71
N SER B 151 -22.21 13.94 -57.14
CA SER B 151 -22.92 12.76 -56.67
C SER B 151 -21.99 11.99 -55.73
N TYR B 152 -22.25 12.10 -54.46
CA TYR B 152 -21.35 11.56 -53.45
C TYR B 152 -22.06 11.24 -52.16
N ILE B 153 -21.35 10.53 -51.27
CA ILE B 153 -21.79 10.30 -49.91
C ILE B 153 -20.63 10.66 -48.97
N ASP B 154 -20.93 11.45 -47.94
CA ASP B 154 -19.97 11.71 -46.85
C ASP B 154 -20.30 10.82 -45.65
N PHE B 155 -19.28 10.12 -45.15
CA PHE B 155 -19.44 9.31 -43.95
C PHE B 155 -18.55 9.87 -42.83
N PRO B 156 -19.12 10.53 -41.81
CA PRO B 156 -18.30 10.89 -40.64
C PRO B 156 -18.08 9.67 -39.75
N ILE B 157 -16.85 9.14 -39.75
CA ILE B 157 -16.53 7.92 -39.02
C ILE B 157 -15.86 8.28 -37.71
N VAL B 158 -16.52 8.02 -36.59
CA VAL B 158 -16.05 8.50 -35.30
C VAL B 158 -15.96 7.36 -34.28
N ARG B 159 -14.90 7.34 -33.47
CA ARG B 159 -14.78 6.40 -32.37
C ARG B 159 -16.06 6.25 -31.58
N GLY B 160 -16.47 5.02 -31.31
CA GLY B 160 -17.62 4.77 -30.46
C GLY B 160 -18.99 5.02 -31.05
N MSE B 161 -19.06 5.44 -32.31
CA MSE B 161 -20.36 5.88 -32.85
C MSE B 161 -21.38 4.76 -32.85
O MSE B 161 -21.08 3.61 -33.21
CB MSE B 161 -20.21 6.46 -34.26
CG MSE B 161 -19.85 5.50 -35.37
SE MSE B 161 -19.64 6.48 -37.04
CE MSE B 161 -19.21 4.98 -38.23
N ALA B 162 -22.59 5.10 -32.40
CA ALA B 162 -23.67 4.13 -32.17
C ALA B 162 -24.48 3.86 -33.42
N TYR B 163 -24.35 4.76 -34.39
CA TYR B 163 -24.96 4.62 -35.70
C TYR B 163 -23.88 4.82 -36.75
N ILE B 164 -24.10 4.32 -37.95
CA ILE B 164 -23.31 4.76 -39.08
C ILE B 164 -24.09 5.90 -39.72
N THR B 165 -23.41 7.01 -39.98
CA THR B 165 -24.05 8.18 -40.59
C THR B 165 -23.57 8.38 -42.02
N ALA B 166 -24.51 8.67 -42.93
CA ALA B 166 -24.19 8.82 -44.35
C ALA B 166 -24.96 9.98 -44.97
N ASN B 167 -24.24 11.02 -45.40
CA ASN B 167 -24.91 12.13 -46.07
C ASN B 167 -24.90 11.92 -47.57
N TYR B 168 -26.03 11.49 -48.10
CA TYR B 168 -26.17 11.25 -49.52
C TYR B 168 -26.34 12.56 -50.28
N ASN B 169 -25.70 12.67 -51.43
CA ASN B 169 -25.88 13.83 -52.28
C ASN B 169 -26.11 13.43 -53.73
N ASN B 170 -27.36 13.55 -54.18
CA ASN B 170 -27.73 13.19 -55.54
C ASN B 170 -27.36 11.74 -55.90
N LEU B 171 -27.69 10.82 -54.99
CA LEU B 171 -27.47 9.40 -55.23
C LEU B 171 -28.66 8.64 -54.70
N THR B 172 -28.96 7.51 -55.34
CA THR B 172 -30.08 6.68 -54.95
C THR B 172 -29.65 5.64 -53.91
N PRO B 173 -30.08 5.80 -52.65
CA PRO B 173 -29.63 4.87 -51.60
C PRO B 173 -29.98 3.41 -51.87
N GLN B 174 -29.00 2.54 -51.62
CA GLN B 174 -29.18 1.11 -51.70
C GLN B 174 -28.54 0.47 -50.47
N PHE B 175 -29.26 -0.48 -49.87
CA PHE B 175 -28.81 -1.17 -48.69
C PHE B 175 -28.74 -2.65 -49.02
N LEU B 176 -27.57 -3.26 -48.83
CA LEU B 176 -27.46 -4.69 -49.07
C LEU B 176 -26.78 -5.44 -47.93
N SER B 177 -26.93 -6.75 -47.95
CA SER B 177 -26.32 -7.64 -46.96
C SER B 177 -25.86 -8.91 -47.66
N GLN B 178 -24.95 -9.65 -47.03
CA GLN B 178 -24.67 -11.01 -47.52
C GLN B 178 -25.61 -11.99 -46.86
N HIS B 179 -26.35 -11.51 -45.85
CA HIS B 179 -27.44 -12.30 -45.28
C HIS B 179 -28.74 -12.04 -46.05
N ALA B 180 -29.74 -12.87 -45.81
CA ALA B 180 -31.08 -12.62 -46.35
C ALA B 180 -31.82 -11.68 -45.41
N ILE B 181 -32.54 -10.73 -45.99
CA ILE B 181 -33.40 -9.85 -45.19
C ILE B 181 -34.76 -10.52 -45.06
N ILE B 182 -35.10 -10.99 -43.86
CA ILE B 182 -36.31 -11.78 -43.68
C ILE B 182 -37.49 -10.94 -43.20
N SER B 183 -37.24 -9.67 -42.88
CA SER B 183 -38.31 -8.78 -42.44
C SER B 183 -37.98 -7.31 -42.64
N VAL B 184 -39.00 -6.54 -43.05
CA VAL B 184 -38.90 -5.08 -43.11
C VAL B 184 -40.15 -4.46 -42.47
N GLU B 185 -39.94 -3.58 -41.48
CA GLU B 185 -41.01 -2.78 -40.89
C GLU B 185 -40.77 -1.29 -41.15
N ALA B 186 -41.67 -0.68 -41.92
CA ALA B 186 -41.60 0.75 -42.19
C ALA B 186 -42.47 1.53 -41.20
N ASP B 187 -41.88 2.56 -40.61
CA ASP B 187 -42.57 3.41 -39.63
C ASP B 187 -43.36 2.61 -38.62
N GLU B 188 -42.76 1.53 -38.15
CA GLU B 188 -43.31 0.70 -37.07
C GLU B 188 -44.66 0.08 -37.41
N LYS B 189 -44.89 -0.19 -38.70
CA LYS B 189 -46.12 -0.85 -39.10
C LYS B 189 -45.79 -2.24 -39.62
N LYS B 190 -46.52 -3.24 -39.14
CA LYS B 190 -46.30 -4.60 -39.62
C LYS B 190 -46.71 -4.67 -41.08
N SER B 191 -45.87 -5.31 -41.89
CA SER B 191 -46.12 -5.41 -43.32
C SER B 191 -46.52 -6.83 -43.71
N ASP B 192 -47.01 -6.96 -44.94
CA ASP B 192 -47.44 -8.25 -45.48
C ASP B 192 -46.25 -9.21 -45.57
N ASP B 193 -46.53 -10.49 -45.74
CA ASP B 193 -45.43 -11.47 -45.80
C ASP B 193 -44.72 -11.35 -47.14
N ASN B 194 -45.46 -10.89 -48.14
CA ASN B 194 -44.93 -10.78 -49.50
C ASN B 194 -44.97 -9.36 -50.07
N THR B 195 -45.14 -8.35 -49.20
CA THR B 195 -44.96 -6.97 -49.63
C THR B 195 -43.52 -6.73 -50.03
N SER B 196 -43.32 -5.94 -51.07
CA SER B 196 -41.97 -5.69 -51.57
C SER B 196 -41.63 -4.20 -51.73
N THR B 197 -42.53 -3.33 -51.30
CA THR B 197 -42.27 -1.89 -51.32
C THR B 197 -42.62 -1.24 -49.97
N PHE B 198 -41.77 -0.31 -49.53
CA PHE B 198 -41.85 0.23 -48.17
C PHE B 198 -41.57 1.73 -48.14
N SER B 199 -42.43 2.50 -47.47
CA SER B 199 -42.25 3.95 -47.40
C SER B 199 -42.20 4.42 -45.96
N GLY B 200 -41.42 5.47 -45.70
CA GLY B 200 -41.34 6.06 -44.38
C GLY B 200 -40.00 6.69 -44.06
N ARG B 201 -39.78 6.93 -42.77
CA ARG B 201 -38.56 7.57 -42.30
C ARG B 201 -37.75 6.64 -41.40
N LYS B 202 -38.33 5.49 -41.09
CA LYS B 202 -37.71 4.51 -40.22
C LYS B 202 -37.96 3.11 -40.77
N PHE B 203 -36.90 2.33 -40.94
CA PHE B 203 -37.05 0.96 -41.45
C PHE B 203 -36.30 0.01 -40.55
N LYS B 204 -37.02 -0.92 -39.94
CA LYS B 204 -36.39 -1.92 -39.11
C LYS B 204 -36.28 -3.22 -39.88
N ILE B 205 -35.05 -3.67 -40.11
CA ILE B 205 -34.82 -4.88 -40.91
C ILE B 205 -34.09 -5.97 -40.11
N THR B 206 -34.53 -7.19 -40.36
CA THR B 206 -34.04 -8.35 -39.64
C THR B 206 -33.41 -9.33 -40.61
N MSE B 207 -32.29 -9.91 -40.20
CA MSE B 207 -31.48 -10.80 -41.02
C MSE B 207 -31.64 -12.28 -40.63
O MSE B 207 -32.02 -12.58 -39.50
CB MSE B 207 -30.00 -10.42 -40.91
CG MSE B 207 -29.39 -9.76 -42.11
SE MSE B 207 -30.32 -8.21 -42.81
CE MSE B 207 -30.48 -7.30 -41.14
N ASN B 208 -31.30 -13.18 -41.55
CA ASN B 208 -31.30 -14.62 -41.24
C ASN B 208 -29.98 -15.13 -40.66
N ASP B 209 -29.20 -14.25 -40.06
CA ASP B 209 -27.93 -14.69 -39.49
C ASP B 209 -28.10 -15.19 -38.05
N ASP B 210 -27.00 -15.66 -37.47
CA ASP B 210 -27.00 -16.24 -36.12
C ASP B 210 -25.77 -15.73 -35.36
N PRO B 211 -26.00 -14.94 -34.29
CA PRO B 211 -27.31 -14.50 -33.79
C PRO B 211 -27.97 -13.48 -34.71
N THR B 212 -29.29 -13.35 -34.58
CA THR B 212 -30.09 -12.50 -35.44
C THR B 212 -29.72 -11.01 -35.37
N SER B 213 -29.33 -10.44 -36.51
CA SER B 213 -29.07 -9.00 -36.59
C SER B 213 -30.33 -8.22 -36.93
N THR B 214 -30.61 -7.18 -36.15
CA THR B 214 -31.65 -6.24 -36.48
C THR B 214 -31.03 -4.88 -36.67
N PHE B 215 -31.28 -4.26 -37.81
CA PHE B 215 -30.81 -2.91 -38.07
C PHE B 215 -31.98 -1.97 -38.23
N ILE B 216 -31.80 -0.72 -37.79
CA ILE B 216 -32.79 0.32 -38.04
C ILE B 216 -32.19 1.39 -38.92
N ILE B 217 -32.88 1.66 -40.03
CA ILE B 217 -32.48 2.73 -40.93
C ILE B 217 -33.36 3.95 -40.69
N TYR B 218 -32.72 5.09 -40.45
CA TYR B 218 -33.41 6.37 -40.27
C TYR B 218 -33.10 7.33 -41.41
N SER B 219 -34.11 7.83 -42.10
CA SER B 219 -33.90 8.86 -43.13
C SER B 219 -34.29 10.22 -42.57
N LEU B 220 -33.32 11.13 -42.49
CA LEU B 220 -33.48 12.40 -41.79
C LEU B 220 -33.63 13.60 -42.70
N GLY B 221 -33.51 13.39 -44.01
CA GLY B 221 -33.63 14.46 -44.98
C GLY B 221 -35.04 15.03 -45.03
N ASP B 222 -35.22 16.06 -45.86
CA ASP B 222 -36.51 16.73 -46.01
C ASP B 222 -37.57 15.70 -46.39
N LYS B 223 -37.14 14.72 -47.16
CA LYS B 223 -38.03 13.72 -47.74
C LYS B 223 -37.92 12.35 -47.07
N PRO B 224 -39.02 11.60 -47.07
CA PRO B 224 -39.04 10.21 -46.62
C PRO B 224 -38.43 9.30 -47.69
N LEU B 225 -38.18 8.03 -47.36
CA LEU B 225 -37.69 7.08 -48.35
C LEU B 225 -38.74 6.09 -48.82
N GLU B 226 -38.65 5.68 -50.07
CA GLU B 226 -39.41 4.55 -50.55
C GLU B 226 -38.46 3.48 -51.08
N LEU B 227 -38.43 2.34 -50.41
CA LEU B 227 -37.50 1.26 -50.70
C LEU B 227 -38.20 0.07 -51.36
N ARG B 228 -37.62 -0.42 -52.45
CA ARG B 228 -38.09 -1.65 -53.11
C ARG B 228 -37.15 -2.81 -52.79
N LYS B 229 -37.70 -3.98 -52.48
CA LYS B 229 -36.86 -5.15 -52.24
C LYS B 229 -36.48 -5.78 -53.58
N GLN B 230 -35.24 -5.54 -54.02
CA GLN B 230 -34.81 -5.92 -55.36
C GLN B 230 -34.51 -7.42 -55.41
N ASP B 231 -34.01 -7.95 -54.29
CA ASP B 231 -33.99 -9.39 -54.04
C ASP B 231 -33.92 -9.55 -52.52
N ASN B 232 -33.69 -10.77 -52.04
CA ASN B 232 -33.67 -11.03 -50.60
C ASN B 232 -32.58 -10.26 -49.85
N SER B 233 -31.61 -9.71 -50.57
CA SER B 233 -30.45 -9.08 -49.92
C SER B 233 -30.22 -7.63 -50.33
N ASN B 234 -31.17 -7.07 -51.09
CA ASN B 234 -31.03 -5.71 -51.62
C ASN B 234 -32.30 -4.88 -51.45
N LEU B 235 -32.15 -3.72 -50.81
CA LEU B 235 -33.21 -2.72 -50.75
C LEU B 235 -32.73 -1.49 -51.50
N VAL B 236 -33.55 -1.04 -52.46
CA VAL B 236 -33.18 0.05 -53.36
C VAL B 236 -34.21 1.18 -53.31
N ALA B 237 -33.74 2.41 -53.17
CA ALA B 237 -34.65 3.56 -53.15
C ALA B 237 -35.18 3.86 -54.55
N SER B 238 -36.28 4.61 -54.62
CA SER B 238 -36.99 4.81 -55.88
C SER B 238 -36.45 5.98 -56.72
N LYS B 239 -35.63 6.84 -56.11
CA LYS B 239 -35.07 8.01 -56.81
C LYS B 239 -33.85 8.54 -56.05
N PRO B 240 -33.05 9.42 -56.69
CA PRO B 240 -31.91 10.01 -55.99
C PRO B 240 -32.32 10.76 -54.71
N TYR B 241 -31.44 10.73 -53.71
CA TYR B 241 -31.75 11.29 -52.41
C TYR B 241 -30.68 12.31 -52.03
N THR B 242 -31.07 13.34 -51.32
CA THR B 242 -30.11 14.29 -50.78
C THR B 242 -30.47 14.50 -49.33
N GLY B 243 -29.54 14.14 -48.44
CA GLY B 243 -29.82 14.22 -47.03
C GLY B 243 -29.15 13.11 -46.25
N VAL B 244 -29.28 13.18 -44.93
CA VAL B 244 -28.60 12.26 -44.04
C VAL B 244 -29.42 11.00 -43.79
N ILE B 245 -28.77 9.85 -43.96
CA ILE B 245 -29.36 8.58 -43.57
C ILE B 245 -28.46 7.94 -42.52
N ARG B 246 -29.06 7.39 -41.48
CA ARG B 246 -28.28 6.72 -40.45
C ARG B 246 -28.78 5.30 -40.27
N VAL B 247 -27.87 4.40 -39.92
CA VAL B 247 -28.27 3.03 -39.60
C VAL B 247 -27.61 2.59 -38.30
N ALA B 248 -28.40 1.95 -37.45
CA ALA B 248 -27.88 1.43 -36.20
C ALA B 248 -28.29 -0.02 -36.06
N LYS B 249 -27.39 -0.82 -35.50
CA LYS B 249 -27.75 -2.16 -35.03
C LYS B 249 -28.53 -1.98 -33.74
N LEU B 250 -29.71 -2.61 -33.67
CA LEU B 250 -30.50 -2.66 -32.45
C LEU B 250 -30.02 -3.83 -31.59
N PRO B 251 -29.36 -3.53 -30.46
CA PRO B 251 -28.74 -4.62 -29.69
C PRO B 251 -29.76 -5.53 -29.01
N ALA B 252 -30.92 -4.97 -28.66
CA ALA B 252 -31.97 -5.70 -27.97
C ALA B 252 -33.26 -4.89 -28.07
N PRO B 253 -34.44 -5.54 -28.02
CA PRO B 253 -35.69 -4.81 -28.28
C PRO B 253 -35.89 -3.61 -27.36
N GLU B 254 -35.46 -3.71 -26.11
CA GLU B 254 -35.71 -2.67 -25.12
C GLU B 254 -34.93 -1.38 -25.37
N PHE B 255 -34.08 -1.36 -26.39
CA PHE B 255 -33.28 -0.17 -26.66
C PHE B 255 -33.73 0.58 -27.91
N GLU B 256 -34.86 0.16 -28.47
CA GLU B 256 -35.34 0.79 -29.70
C GLU B 256 -35.71 2.26 -29.49
N THR B 257 -36.43 2.54 -28.41
CA THR B 257 -36.85 3.92 -28.14
C THR B 257 -35.63 4.82 -27.87
N LEU B 258 -34.63 4.26 -27.22
CA LEU B 258 -33.38 4.98 -26.99
C LEU B 258 -32.72 5.39 -28.31
N LEU B 259 -32.63 4.46 -29.26
CA LEU B 259 -32.06 4.77 -30.57
C LEU B 259 -32.91 5.75 -31.36
N ASP B 260 -34.24 5.61 -31.28
CA ASP B 260 -35.13 6.57 -31.90
C ASP B 260 -34.84 7.99 -31.38
N ALA B 261 -34.73 8.12 -30.07
CA ALA B 261 -34.61 9.44 -29.44
C ALA B 261 -33.34 10.19 -29.84
N SER B 262 -32.27 9.45 -30.17
CA SER B 262 -31.01 10.11 -30.50
C SER B 262 -30.71 10.09 -31.98
N ARG B 263 -31.71 9.82 -32.81
CA ARG B 263 -31.48 9.64 -34.23
C ARG B 263 -31.00 10.92 -34.92
N ALA B 264 -31.36 12.08 -34.37
CA ALA B 264 -31.10 13.34 -35.07
C ALA B 264 -29.72 13.93 -34.78
N VAL B 265 -28.98 13.33 -33.85
CA VAL B 265 -27.66 13.86 -33.48
C VAL B 265 -26.55 12.84 -33.73
N TRP B 266 -25.56 13.25 -34.52
CA TRP B 266 -24.42 12.39 -34.83
C TRP B 266 -23.08 13.08 -34.56
N PRO B 267 -22.04 12.30 -34.18
CA PRO B 267 -20.70 12.87 -33.98
C PRO B 267 -19.98 13.13 -35.29
N THR B 268 -19.11 14.15 -35.29
CA THR B 268 -18.31 14.49 -36.46
C THR B 268 -16.82 14.51 -36.12
N GLY B 269 -16.50 14.40 -34.84
CA GLY B 269 -15.11 14.42 -34.39
C GLY B 269 -15.05 14.65 -32.90
N GLY B 270 -13.90 15.13 -32.41
CA GLY B 270 -13.78 15.42 -30.99
C GLY B 270 -12.50 16.16 -30.66
N ASP B 271 -12.53 16.91 -29.57
CA ASP B 271 -11.35 17.63 -29.09
C ASP B 271 -10.92 17.01 -27.77
N ILE B 272 -9.62 16.75 -27.63
CA ILE B 272 -9.10 16.13 -26.42
C ILE B 272 -8.19 17.09 -25.64
N SER B 273 -8.33 17.08 -24.32
CA SER B 273 -7.49 17.90 -23.47
C SER B 273 -7.10 17.08 -22.26
N ALA B 274 -6.09 17.51 -21.52
CA ALA B 274 -5.67 16.78 -20.32
C ALA B 274 -4.99 17.70 -19.32
N ARG B 275 -5.20 17.42 -18.04
CA ARG B 275 -4.65 18.24 -16.95
C ARG B 275 -4.26 17.36 -15.78
N SER B 276 -3.18 17.74 -15.10
CA SER B 276 -2.82 17.14 -13.82
C SER B 276 -3.48 17.94 -12.70
N ASP B 277 -3.59 17.35 -11.51
CA ASP B 277 -3.99 18.11 -10.33
C ASP B 277 -2.83 18.16 -9.33
N ASP B 278 -3.08 18.65 -8.13
CA ASP B 278 -2.03 18.74 -7.12
C ASP B 278 -2.16 17.63 -6.10
N ASN B 279 -2.91 16.60 -6.47
CA ASN B 279 -3.17 15.46 -5.58
C ASN B 279 -2.77 14.09 -6.18
N ASN B 280 -1.68 14.09 -6.94
CA ASN B 280 -1.15 12.87 -7.56
C ASN B 280 -2.17 12.21 -8.51
N GLY B 281 -2.97 13.05 -9.17
CA GLY B 281 -3.94 12.58 -10.15
C GLY B 281 -3.88 13.38 -11.43
N ALA B 282 -4.54 12.89 -12.47
CA ALA B 282 -4.69 13.62 -13.72
C ALA B 282 -5.95 13.17 -14.44
N SER B 283 -6.36 13.92 -15.46
CA SER B 283 -7.56 13.56 -16.19
C SER B 283 -7.39 13.94 -17.63
N TYR B 284 -8.19 13.33 -18.49
CA TYR B 284 -8.28 13.76 -19.88
C TYR B 284 -9.75 13.85 -20.27
N THR B 285 -10.06 14.81 -21.13
CA THR B 285 -11.45 15.05 -21.47
C THR B 285 -11.64 15.01 -22.98
N ILE B 286 -12.67 14.29 -23.41
CA ILE B 286 -13.06 14.31 -24.82
C ILE B 286 -14.32 15.14 -24.99
N LYS B 287 -14.23 16.21 -25.77
CA LYS B 287 -15.41 16.98 -26.12
C LYS B 287 -15.84 16.59 -27.51
N TRP B 288 -16.88 15.77 -27.60
CA TRP B 288 -17.38 15.31 -28.90
C TRP B 288 -17.98 16.45 -29.72
N LYS B 289 -17.57 16.54 -30.98
CA LYS B 289 -18.17 17.47 -31.92
C LYS B 289 -19.38 16.79 -32.54
N THR B 290 -20.47 17.53 -32.71
CA THR B 290 -21.70 16.97 -33.30
C THR B 290 -22.32 17.88 -34.35
N ASN B 291 -23.28 17.37 -35.11
CA ASN B 291 -23.97 18.21 -36.08
C ASN B 291 -24.84 19.25 -35.37
N SER B 292 -25.35 18.85 -34.22
CA SER B 292 -26.23 19.70 -33.42
C SER B 292 -26.35 19.12 -32.02
N ASN B 293 -26.98 19.88 -31.13
CA ASN B 293 -27.24 19.41 -29.78
C ASN B 293 -28.75 19.35 -29.52
N GLU B 294 -29.51 19.20 -30.61
CA GLU B 294 -30.97 19.14 -30.51
C GLU B 294 -31.47 17.87 -29.82
N ALA B 295 -30.58 16.89 -29.63
CA ALA B 295 -30.94 15.60 -29.06
C ALA B 295 -29.72 14.98 -28.37
N PRO B 296 -29.94 13.97 -27.50
CA PRO B 296 -28.82 13.41 -26.75
C PRO B 296 -27.77 12.71 -27.61
N LEU B 297 -26.50 12.82 -27.25
CA LEU B 297 -25.44 12.07 -27.90
C LEU B 297 -25.25 10.73 -27.22
N LEU B 298 -25.46 9.66 -27.98
CA LEU B 298 -25.25 8.28 -27.54
C LEU B 298 -23.92 7.76 -28.06
N THR B 299 -23.00 7.40 -27.16
CA THR B 299 -21.67 6.94 -27.57
C THR B 299 -21.25 5.68 -26.83
N TYR B 300 -20.80 4.66 -27.57
CA TYR B 300 -20.31 3.44 -26.93
C TYR B 300 -18.94 3.64 -26.29
N ALA B 301 -18.76 3.06 -25.11
CA ALA B 301 -17.53 3.20 -24.36
C ALA B 301 -16.92 1.83 -24.07
N TYR B 302 -15.59 1.78 -24.04
CA TYR B 302 -14.86 0.56 -23.69
C TYR B 302 -14.94 0.28 -22.20
N ALA B 303 -14.59 -0.94 -21.81
CA ALA B 303 -14.55 -1.33 -20.42
C ALA B 303 -13.77 -0.36 -19.53
N HIS B 304 -12.61 0.11 -20.01
CA HIS B 304 -11.76 0.93 -19.17
C HIS B 304 -12.29 2.35 -19.07
N HIS B 305 -13.12 2.75 -20.03
CA HIS B 305 -13.81 4.04 -19.90
C HIS B 305 -14.79 4.01 -18.74
N LEU B 306 -15.54 2.92 -18.61
CA LEU B 306 -16.55 2.80 -17.58
C LEU B 306 -15.95 2.85 -16.17
N THR B 307 -14.76 2.29 -15.99
CA THR B 307 -14.16 2.25 -14.65
C THR B 307 -13.40 3.52 -14.29
N SER B 308 -13.19 4.42 -15.26
CA SER B 308 -12.44 5.64 -14.98
C SER B 308 -13.21 6.92 -15.27
N ILE B 309 -14.40 6.82 -15.87
CA ILE B 309 -15.10 8.04 -16.26
C ILE B 309 -15.75 8.73 -15.06
N ASP B 310 -15.78 10.06 -15.12
CA ASP B 310 -16.52 10.88 -14.14
C ASP B 310 -18.02 10.90 -14.47
N ASP B 311 -18.83 10.31 -13.59
CA ASP B 311 -20.29 10.21 -13.78
C ASP B 311 -21.09 11.51 -13.69
N SER B 312 -20.46 12.62 -13.35
CA SER B 312 -21.18 13.84 -13.00
CA SER B 312 -21.24 13.80 -12.97
C SER B 312 -22.01 14.40 -14.15
N ASN B 313 -21.50 14.27 -15.37
CA ASN B 313 -22.19 14.84 -16.50
C ASN B 313 -22.50 13.86 -17.64
N VAL B 314 -22.50 12.56 -17.34
CA VAL B 314 -22.94 11.58 -18.32
C VAL B 314 -23.90 10.60 -17.69
N LYS B 315 -24.70 9.94 -18.51
CA LYS B 315 -25.57 8.89 -18.02
C LYS B 315 -25.21 7.54 -18.63
N ARG B 316 -25.11 6.52 -17.78
CA ARG B 316 -24.83 5.18 -18.25
C ARG B 316 -26.13 4.50 -18.66
N THR B 317 -26.11 3.85 -19.82
CA THR B 317 -27.25 3.04 -20.25
C THR B 317 -26.85 1.58 -20.10
N ASP B 318 -27.81 0.68 -20.35
CA ASP B 318 -27.54 -0.75 -20.36
C ASP B 318 -27.34 -1.27 -21.78
N MSE B 319 -27.39 -0.37 -22.76
CA MSE B 319 -27.25 -0.77 -24.16
C MSE B 319 -25.81 -1.19 -24.48
O MSE B 319 -24.89 -0.38 -24.34
CB MSE B 319 -27.70 0.35 -25.10
CG MSE B 319 -27.72 -0.09 -26.56
SE MSE B 319 -28.54 1.18 -27.82
CE MSE B 319 -27.16 2.56 -27.90
N THR B 320 -25.64 -2.44 -24.90
CA THR B 320 -24.30 -2.99 -25.12
C THR B 320 -24.19 -3.71 -26.46
N LEU B 321 -23.01 -3.62 -27.04
CA LEU B 321 -22.60 -4.35 -28.25
C LEU B 321 -21.14 -4.80 -28.05
N GLN B 322 -20.76 -5.91 -28.68
CA GLN B 322 -19.36 -6.37 -28.61
C GLN B 322 -18.44 -5.54 -29.50
N SER B 323 -17.31 -5.11 -28.94
CA SER B 323 -16.26 -4.52 -29.75
C SER B 323 -15.57 -5.63 -30.54
N ALA B 324 -14.71 -5.25 -31.47
CA ALA B 324 -13.99 -6.25 -32.27
C ALA B 324 -13.09 -7.10 -31.39
N THR B 325 -12.27 -6.49 -30.53
CA THR B 325 -11.33 -7.28 -29.71
C THR B 325 -11.12 -6.76 -28.29
N LYS B 326 -12.04 -5.93 -27.79
CA LYS B 326 -11.88 -5.38 -26.44
C LYS B 326 -13.07 -5.71 -25.52
N GLY B 327 -13.88 -6.68 -25.90
CA GLY B 327 -15.03 -7.04 -25.09
C GLY B 327 -16.22 -6.13 -25.31
N PRO B 328 -17.21 -6.24 -24.43
CA PRO B 328 -18.46 -5.48 -24.56
C PRO B 328 -18.27 -3.97 -24.35
N MSE B 329 -18.97 -3.18 -25.14
CA MSE B 329 -18.99 -1.73 -24.98
C MSE B 329 -20.37 -1.34 -24.48
O MSE B 329 -21.36 -1.99 -24.81
CB MSE B 329 -18.70 -1.03 -26.30
CG MSE B 329 -17.33 -1.36 -26.88
SE MSE B 329 -17.08 -0.45 -28.59
CE MSE B 329 -16.46 1.32 -27.93
N THR B 330 -20.43 -0.27 -23.69
CA THR B 330 -21.69 0.21 -23.12
C THR B 330 -21.94 1.64 -23.57
N ALA B 331 -23.16 1.93 -24.00
CA ALA B 331 -23.49 3.26 -24.53
C ALA B 331 -23.63 4.28 -23.40
N LEU B 332 -22.99 5.43 -23.58
CA LEU B 332 -23.10 6.54 -22.62
C LEU B 332 -23.76 7.77 -23.25
N VAL B 333 -24.61 8.45 -22.48
CA VAL B 333 -25.22 9.70 -22.95
C VAL B 333 -24.47 10.94 -22.45
N GLY B 334 -24.17 11.87 -23.35
CA GLY B 334 -23.47 13.09 -22.97
C GLY B 334 -22.55 13.57 -24.09
N ASN B 335 -22.34 14.88 -24.18
CA ASN B 335 -21.54 15.46 -25.25
C ASN B 335 -20.05 15.46 -24.89
N GLU B 336 -19.74 15.07 -23.67
CA GLU B 336 -18.42 15.29 -23.06
C GLU B 336 -18.06 14.18 -22.08
N TRP B 337 -16.87 13.59 -22.23
CA TRP B 337 -16.40 12.60 -21.25
C TRP B 337 -15.16 13.11 -20.55
N THR B 338 -15.12 12.96 -19.22
CA THR B 338 -13.88 13.18 -18.47
C THR B 338 -13.44 11.89 -17.81
N LEU B 339 -12.23 11.44 -18.16
CA LEU B 339 -11.67 10.21 -17.63
C LEU B 339 -10.60 10.55 -16.59
N ARG B 340 -10.60 9.87 -15.45
CA ARG B 340 -9.68 10.24 -14.39
C ARG B 340 -8.75 9.11 -13.98
N GLU B 341 -7.49 9.45 -13.74
CA GLU B 341 -6.57 8.51 -13.13
C GLU B 341 -6.07 9.11 -11.83
N THR B 342 -6.55 8.60 -10.71
CA THR B 342 -6.28 9.21 -9.40
C THR B 342 -5.06 8.64 -8.70
N GLU B 343 -4.49 7.57 -9.24
CA GLU B 343 -3.32 6.94 -8.63
C GLU B 343 -2.13 6.85 -9.61
N LEU B 344 -1.39 7.95 -9.74
CA LEU B 344 -0.24 7.95 -10.65
C LEU B 344 0.94 7.22 -10.02
N SER B 345 1.76 6.58 -10.85
CA SER B 345 2.91 5.84 -10.34
C SER B 345 3.85 6.74 -9.56
N PRO B 346 4.33 6.26 -8.40
CA PRO B 346 5.31 6.99 -7.60
C PRO B 346 6.73 6.68 -8.04
N VAL B 347 6.88 5.78 -9.02
CA VAL B 347 8.21 5.32 -9.39
C VAL B 347 9.04 6.40 -10.09
N GLU B 348 10.30 6.55 -9.68
CA GLU B 348 11.22 7.41 -10.42
C GLU B 348 12.36 6.56 -10.96
N TRP B 349 13.57 6.74 -10.42
CA TRP B 349 14.76 6.10 -10.98
C TRP B 349 15.03 4.70 -10.41
N LEU B 350 14.65 4.51 -9.14
CA LEU B 350 15.09 3.36 -8.36
C LEU B 350 13.91 2.58 -7.79
N PRO B 351 14.14 1.33 -7.34
CA PRO B 351 13.13 0.60 -6.55
C PRO B 351 12.68 1.40 -5.33
N LEU B 352 11.48 1.15 -4.83
CA LEU B 352 10.96 1.92 -3.69
C LEU B 352 11.84 1.77 -2.46
N GLN B 353 12.34 0.56 -2.23
CA GLN B 353 13.40 0.35 -1.24
C GLN B 353 14.73 0.36 -1.99
N ALA B 354 15.41 1.51 -2.00
CA ALA B 354 16.57 1.68 -2.88
C ALA B 354 17.77 0.87 -2.43
N ALA B 355 17.88 0.60 -1.13
CA ALA B 355 19.03 -0.14 -0.62
C ALA B 355 18.73 -1.63 -0.54
N PRO B 356 19.59 -2.46 -1.15
CA PRO B 356 19.36 -3.90 -1.09
C PRO B 356 19.70 -4.46 0.29
N ASN B 357 19.21 -5.66 0.56
CA ASN B 357 19.58 -6.37 1.78
C ASN B 357 21.10 -6.38 1.91
N PRO B 358 21.62 -5.93 3.06
CA PRO B 358 23.07 -5.79 3.29
C PRO B 358 23.89 -7.05 2.98
N THR B 359 23.33 -8.24 3.19
CA THR B 359 24.09 -9.45 2.95
C THR B 359 24.30 -9.75 1.45
N THR B 360 23.64 -8.97 0.58
CA THR B 360 23.78 -9.20 -0.87
C THR B 360 24.70 -8.19 -1.54
N ILE B 361 25.12 -7.17 -0.82
CA ILE B 361 25.86 -6.05 -1.42
C ILE B 361 27.17 -6.52 -2.04
N ASN B 362 27.92 -7.34 -1.31
CA ASN B 362 29.18 -7.89 -1.81
C ASN B 362 28.97 -8.66 -3.11
N GLU B 363 27.94 -9.49 -3.12
CA GLU B 363 27.55 -10.26 -4.31
CA GLU B 363 27.63 -10.26 -4.33
C GLU B 363 27.21 -9.35 -5.48
N ILE B 364 26.38 -8.35 -5.21
CA ILE B 364 25.96 -7.43 -6.27
C ILE B 364 27.17 -6.66 -6.81
N MSE B 365 28.04 -6.19 -5.91
CA MSE B 365 29.24 -5.46 -6.32
C MSE B 365 30.17 -6.32 -7.15
O MSE B 365 30.74 -5.87 -8.15
CB MSE B 365 30.00 -4.92 -5.09
CG MSE B 365 29.31 -3.77 -4.39
SE MSE B 365 28.88 -2.26 -5.60
CE MSE B 365 30.56 -2.14 -6.57
N THR B 366 30.32 -7.57 -6.74
CA THR B 366 31.16 -8.51 -7.47
C THR B 366 30.65 -8.68 -8.92
N GLU B 367 29.35 -8.86 -9.09
CA GLU B 367 28.78 -9.03 -10.44
C GLU B 367 28.77 -7.74 -11.26
N ILE B 368 28.52 -6.59 -10.62
CA ILE B 368 28.46 -5.34 -11.36
C ILE B 368 29.84 -5.04 -11.94
N ASN B 369 30.89 -5.34 -11.19
CA ASN B 369 32.24 -5.17 -11.70
C ASN B 369 32.45 -5.99 -12.98
N LYS B 370 31.97 -7.23 -12.97
CA LYS B 370 32.10 -8.11 -14.15
C LYS B 370 31.28 -7.55 -15.32
N ASP B 371 30.05 -7.13 -15.01
CA ASP B 371 29.15 -6.64 -16.05
C ASP B 371 29.68 -5.37 -16.74
N ILE B 372 30.26 -4.47 -15.94
CA ILE B 372 30.84 -3.24 -16.47
C ILE B 372 32.06 -3.52 -17.34
N ALA B 373 32.74 -4.64 -17.08
CA ALA B 373 33.88 -5.05 -17.89
C ALA B 373 33.46 -5.64 -19.23
N SER B 374 32.16 -5.77 -19.48
CA SER B 374 31.68 -6.24 -20.79
C SER B 374 32.27 -5.41 -21.94
N ASN B 375 32.28 -5.99 -23.13
CA ASN B 375 32.66 -5.24 -24.32
C ASN B 375 31.48 -4.38 -24.76
N TYR B 376 31.49 -3.09 -24.43
CA TYR B 376 30.32 -2.26 -24.68
C TYR B 376 30.07 -2.07 -26.17
N THR B 377 31.13 -2.04 -26.98
CA THR B 377 30.95 -1.93 -28.42
C THR B 377 30.20 -3.13 -29.00
N GLN B 378 30.63 -4.33 -28.64
CA GLN B 378 29.92 -5.52 -29.09
C GLN B 378 28.46 -5.55 -28.63
N GLU B 379 28.20 -5.13 -27.41
CA GLU B 379 26.86 -5.30 -26.84
C GLU B 379 25.95 -4.09 -27.02
N THR B 380 26.50 -2.97 -27.52
CA THR B 380 25.64 -1.80 -27.76
C THR B 380 25.71 -1.27 -29.20
N ALA B 381 26.67 -1.74 -29.99
CA ALA B 381 26.74 -1.34 -31.40
C ALA B 381 26.37 -2.50 -32.29
N LYS B 382 25.10 -2.90 -32.25
CA LYS B 382 24.59 -3.98 -33.08
C LYS B 382 24.20 -3.49 -34.47
N GLU B 383 23.76 -4.42 -35.31
CA GLU B 383 23.32 -4.13 -36.67
C GLU B 383 22.14 -3.15 -36.73
N ASP B 384 21.31 -3.18 -35.69
CA ASP B 384 20.08 -2.40 -35.67
C ASP B 384 19.99 -1.58 -34.39
N ASN B 385 19.12 -0.58 -34.40
CA ASN B 385 18.93 0.28 -33.24
C ASN B 385 18.24 -0.43 -32.07
N TYR B 386 17.39 -1.41 -32.37
CA TYR B 386 16.58 -2.06 -31.34
C TYR B 386 17.45 -2.87 -30.37
N PHE B 387 18.22 -3.81 -30.90
CA PHE B 387 19.06 -4.61 -30.00
C PHE B 387 20.18 -3.76 -29.41
N SER B 388 20.61 -2.73 -30.12
CA SER B 388 21.54 -1.75 -29.56
C SER B 388 20.95 -1.02 -28.35
N GLY B 389 19.72 -0.52 -28.50
CA GLY B 389 19.03 0.13 -27.40
C GLY B 389 18.90 -0.74 -26.15
N LYS B 390 18.59 -2.02 -26.35
CA LYS B 390 18.48 -2.96 -25.23
C LYS B 390 19.80 -3.02 -24.43
N GLY B 391 20.91 -3.04 -25.16
CA GLY B 391 22.24 -3.05 -24.57
C GLY B 391 22.59 -1.76 -23.86
N LEU B 392 22.29 -0.63 -24.50
CA LEU B 392 22.56 0.66 -23.88
C LEU B 392 21.80 0.79 -22.56
N GLN B 393 20.52 0.43 -22.56
CA GLN B 393 19.74 0.61 -21.34
C GLN B 393 20.23 -0.30 -20.22
N LYS B 394 20.65 -1.52 -20.53
CA LYS B 394 21.08 -2.43 -19.47
C LYS B 394 22.35 -1.92 -18.80
N PHE B 395 23.23 -1.27 -19.55
CA PHE B 395 24.42 -0.69 -18.94
C PHE B 395 24.12 0.64 -18.27
N ALA B 396 23.09 1.34 -18.75
CA ALA B 396 22.66 2.57 -18.12
C ALA B 396 22.15 2.27 -16.70
N MSE B 397 21.53 1.12 -16.50
CA MSE B 397 21.02 0.74 -15.16
C MSE B 397 22.17 0.67 -14.17
O MSE B 397 22.03 1.04 -13.00
CB MSE B 397 20.29 -0.59 -15.18
CG MSE B 397 19.05 -0.67 -16.06
SE MSE B 397 17.58 0.48 -15.38
CE MSE B 397 17.64 1.79 -16.81
N LEU B 398 23.33 0.18 -14.63
CA LEU B 398 24.48 0.00 -13.75
C LEU B 398 25.12 1.33 -13.38
N ALA B 399 25.26 2.23 -14.35
CA ALA B 399 25.74 3.58 -14.07
C ALA B 399 24.81 4.26 -13.06
N LEU B 400 23.52 4.05 -13.24
CA LEU B 400 22.51 4.70 -12.40
C LEU B 400 22.64 4.28 -10.93
N ILE B 401 22.65 2.98 -10.66
CA ILE B 401 22.63 2.54 -9.26
C ILE B 401 23.97 2.80 -8.55
N LEU B 402 25.07 2.78 -9.31
CA LEU B 402 26.39 3.11 -8.72
C LEU B 402 26.56 4.60 -8.44
N ASN B 403 25.90 5.45 -9.22
CA ASN B 403 26.01 6.90 -9.04
C ASN B 403 24.87 7.49 -8.25
N LYS B 404 24.04 6.63 -7.68
CA LYS B 404 23.08 7.09 -6.67
C LYS B 404 23.34 6.32 -5.36
N SER B 405 24.62 6.16 -5.03
CA SER B 405 25.03 5.28 -3.93
C SER B 405 24.56 5.75 -2.55
N ASP B 406 24.24 7.04 -2.40
CA ASP B 406 23.68 7.50 -1.13
CA ASP B 406 23.65 7.53 -1.15
C ASP B 406 22.34 6.81 -0.85
N GLN B 407 21.66 6.39 -1.92
CA GLN B 407 20.40 5.66 -1.80
C GLN B 407 20.56 4.14 -1.91
N THR B 408 21.37 3.69 -2.88
CA THR B 408 21.49 2.27 -3.16
C THR B 408 22.50 1.56 -2.25
N GLN B 409 23.37 2.33 -1.60
CA GLN B 409 24.43 1.77 -0.75
C GLN B 409 25.45 0.93 -1.53
N LEU B 410 25.44 1.08 -2.85
CA LEU B 410 26.44 0.44 -3.71
C LEU B 410 27.56 1.41 -3.99
N ARG B 411 28.51 1.50 -3.06
CA ARG B 411 29.54 2.54 -3.09
C ARG B 411 30.87 2.08 -3.63
N ASN B 412 31.26 2.65 -4.77
CA ASN B 412 32.56 2.38 -5.37
C ASN B 412 32.83 3.48 -6.39
N PRO B 413 33.40 4.60 -5.92
CA PRO B 413 33.59 5.79 -6.74
C PRO B 413 34.31 5.51 -8.06
N GLU B 414 35.33 4.68 -8.02
CA GLU B 414 36.09 4.36 -9.23
C GLU B 414 35.23 3.60 -10.22
N LEU B 415 34.49 2.61 -9.74
CA LEU B 415 33.63 1.81 -10.60
C LEU B 415 32.45 2.64 -11.13
N ALA B 416 31.96 3.55 -10.29
CA ALA B 416 30.86 4.42 -10.67
C ALA B 416 31.27 5.32 -11.83
N GLN B 417 32.51 5.77 -11.81
CA GLN B 417 33.02 6.62 -12.88
C GLN B 417 33.20 5.86 -14.17
N ILE B 418 33.78 4.66 -14.09
CA ILE B 418 33.94 3.82 -15.25
C ILE B 418 32.57 3.49 -15.88
N ALA B 419 31.61 3.15 -15.04
CA ALA B 419 30.27 2.79 -15.53
C ALA B 419 29.65 3.92 -16.33
N LEU B 420 29.80 5.15 -15.84
CA LEU B 420 29.24 6.32 -16.50
C LEU B 420 30.08 6.74 -17.70
N ASP B 421 31.41 6.69 -17.57
CA ASP B 421 32.29 6.96 -18.71
C ASP B 421 32.02 6.01 -19.87
N LYS B 422 31.98 4.70 -19.59
CA LYS B 422 31.74 3.73 -20.65
C LYS B 422 30.35 3.88 -21.26
N LEU B 423 29.35 4.20 -20.44
CA LEU B 423 28.00 4.44 -20.96
C LEU B 423 27.99 5.63 -21.91
N LYS B 424 28.59 6.73 -21.49
CA LYS B 424 28.71 7.91 -22.35
C LYS B 424 29.33 7.57 -23.69
N ALA B 425 30.44 6.85 -23.66
CA ALA B 425 31.17 6.52 -24.90
C ALA B 425 30.35 5.61 -25.82
N ALA B 426 29.63 4.65 -25.24
CA ALA B 426 28.79 3.75 -26.04
C ALA B 426 27.60 4.49 -26.66
N PHE B 427 27.07 5.47 -25.94
CA PHE B 427 25.89 6.23 -26.36
C PHE B 427 26.23 7.32 -27.38
N LEU B 428 27.43 7.88 -27.27
CA LEU B 428 27.82 9.04 -28.08
C LEU B 428 27.58 8.90 -29.60
N PRO B 429 27.96 7.75 -30.21
CA PRO B 429 27.67 7.65 -31.66
C PRO B 429 26.20 7.84 -32.03
N TYR B 430 25.28 7.37 -31.17
CA TYR B 430 23.86 7.56 -31.45
C TYR B 430 23.49 9.04 -31.36
N LEU B 431 24.00 9.71 -30.35
CA LEU B 431 23.77 11.14 -30.20
C LEU B 431 24.30 11.91 -31.42
N GLN B 432 25.42 11.46 -32.00
CA GLN B 432 26.00 12.13 -33.15
C GLN B 432 25.37 11.71 -34.48
N ASN B 433 24.34 10.85 -34.39
CA ASN B 433 23.70 10.26 -35.57
C ASN B 433 24.70 9.56 -36.50
N GLU B 434 25.67 8.88 -35.90
CA GLU B 434 26.69 8.17 -36.67
C GLU B 434 26.65 6.66 -36.45
N GLN B 435 25.57 6.17 -35.86
CA GLN B 435 25.43 4.74 -35.62
C GLN B 435 25.18 4.01 -36.93
N ALA B 436 25.18 2.68 -36.90
CA ALA B 436 24.97 1.87 -38.10
C ALA B 436 23.68 2.20 -38.83
N ASP B 437 22.62 2.49 -38.09
CA ASP B 437 21.33 2.84 -38.71
C ASP B 437 20.84 4.18 -38.15
N PRO B 438 21.38 5.27 -38.70
CA PRO B 438 21.06 6.63 -38.25
C PRO B 438 19.66 7.06 -38.67
N PHE B 439 19.19 8.15 -38.07
CA PHE B 439 17.85 8.62 -38.34
C PHE B 439 17.84 9.76 -39.36
N ARG B 440 16.69 9.96 -39.96
CA ARG B 440 16.41 11.04 -40.89
C ARG B 440 15.15 11.75 -40.42
N TYR B 441 15.06 13.05 -40.64
CA TYR B 441 13.81 13.75 -40.36
C TYR B 441 12.92 13.76 -41.60
N ASP B 442 11.69 13.27 -41.45
CA ASP B 442 10.78 13.13 -42.57
C ASP B 442 9.74 14.26 -42.61
N THR B 443 9.78 15.08 -43.66
CA THR B 443 8.87 16.22 -43.77
C THR B 443 7.44 15.84 -44.18
N LEU B 444 7.22 14.61 -44.65
CA LEU B 444 5.88 14.25 -45.10
C LEU B 444 4.98 13.85 -43.92
N TYR B 445 5.37 12.83 -43.17
CA TYR B 445 4.58 12.39 -42.01
C TYR B 445 4.99 13.09 -40.72
N LYS B 446 6.02 13.93 -40.82
CA LYS B 446 6.48 14.76 -39.71
C LYS B 446 6.97 13.90 -38.55
N GLY B 447 8.07 13.19 -38.78
CA GLY B 447 8.66 12.38 -37.74
C GLY B 447 10.09 12.05 -38.10
N ILE B 448 10.71 11.18 -37.30
CA ILE B 448 12.03 10.68 -37.65
C ILE B 448 11.91 9.22 -38.07
N VAL B 449 12.75 8.81 -39.01
CA VAL B 449 12.75 7.44 -39.51
C VAL B 449 14.18 6.95 -39.65
N ALA B 450 14.40 5.67 -39.36
CA ALA B 450 15.68 5.05 -39.61
C ALA B 450 16.00 5.07 -41.10
N LYS B 451 17.29 5.09 -41.44
CA LYS B 451 17.74 5.05 -42.84
C LYS B 451 17.49 3.70 -43.51
N ALA B 452 17.63 2.61 -42.76
CA ALA B 452 17.79 1.29 -43.36
C ALA B 452 16.66 0.87 -44.30
N GLY B 453 15.41 1.24 -43.96
CA GLY B 453 14.26 0.81 -44.74
C GLY B 453 13.90 1.71 -45.90
N LEU B 454 14.69 2.75 -46.10
CA LEU B 454 14.46 3.73 -47.16
C LEU B 454 15.01 3.23 -48.50
N PRO B 455 14.66 3.90 -49.61
CA PRO B 455 15.23 3.49 -50.91
C PRO B 455 16.74 3.65 -50.98
N THR B 456 17.37 2.92 -51.90
CA THR B 456 18.81 3.01 -52.14
C THR B 456 19.24 4.45 -52.39
N SER B 457 18.42 5.22 -53.11
CA SER B 457 18.74 6.61 -53.41
C SER B 457 18.93 7.46 -52.16
N MSE B 458 18.35 7.04 -51.04
CA MSE B 458 18.50 7.75 -49.77
C MSE B 458 19.48 7.07 -48.83
O MSE B 458 19.60 7.44 -47.64
CB MSE B 458 17.13 7.89 -49.07
CG MSE B 458 16.07 8.59 -49.91
SE MSE B 458 14.35 8.78 -48.95
CE MSE B 458 13.35 9.71 -50.36
N GLY B 459 20.19 6.08 -49.35
CA GLY B 459 21.19 5.38 -48.57
C GLY B 459 20.65 4.16 -47.83
N GLY B 460 19.40 3.80 -48.10
CA GLY B 460 18.79 2.65 -47.47
C GLY B 460 19.01 1.35 -48.23
N THR B 461 18.26 0.32 -47.84
CA THR B 461 18.41 -1.03 -48.40
C THR B 461 17.30 -1.38 -49.39
N ASP B 462 16.34 -0.47 -49.58
CA ASP B 462 15.12 -0.72 -50.37
C ASP B 462 14.17 -1.75 -49.75
N ASP B 463 14.50 -2.21 -48.54
CA ASP B 463 13.71 -3.23 -47.86
C ASP B 463 12.89 -2.58 -46.74
N LEU B 464 11.59 -2.42 -46.96
CA LEU B 464 10.76 -1.66 -46.02
C LEU B 464 10.58 -2.36 -44.67
N SER B 465 11.00 -3.62 -44.57
CA SER B 465 10.90 -4.34 -43.29
C SER B 465 12.16 -4.19 -42.44
N ALA B 466 13.21 -3.56 -42.99
CA ALA B 466 14.46 -3.42 -42.25
C ALA B 466 14.24 -2.61 -40.98
N GLU B 467 15.05 -2.85 -39.96
CA GLU B 467 14.92 -2.18 -38.67
C GLU B 467 13.50 -2.34 -38.15
N PHE B 468 12.95 -3.55 -38.32
CA PHE B 468 11.63 -3.88 -37.80
C PHE B 468 10.53 -2.95 -38.29
N GLY B 469 10.71 -2.38 -39.49
CA GLY B 469 9.71 -1.51 -40.08
C GLY B 469 9.79 -0.06 -39.60
N HIS B 470 10.85 0.29 -38.88
CA HIS B 470 10.97 1.64 -38.32
C HIS B 470 10.88 2.73 -39.39
N SER B 471 11.44 2.48 -40.58
CA SER B 471 11.44 3.49 -41.63
C SER B 471 10.03 3.73 -42.16
N TYR B 472 9.13 2.79 -41.92
CA TYR B 472 7.72 2.95 -42.27
C TYR B 472 6.86 3.12 -41.02
N TYR B 473 7.50 3.69 -39.99
CA TYR B 473 6.87 4.12 -38.74
C TYR B 473 6.31 3.01 -37.84
N SER B 474 6.80 1.79 -38.01
CA SER B 474 6.51 0.74 -37.02
C SER B 474 7.45 0.84 -35.82
N ASP B 475 6.90 0.56 -34.63
CA ASP B 475 7.70 0.27 -33.44
C ASP B 475 8.57 1.41 -32.89
N HIS B 476 8.21 2.67 -33.15
CA HIS B 476 9.04 3.77 -32.65
C HIS B 476 9.04 3.89 -31.13
N HIS B 477 7.90 3.62 -30.51
CA HIS B 477 7.88 3.67 -29.05
C HIS B 477 8.79 2.59 -28.45
N TYR B 478 8.74 1.38 -29.01
CA TYR B 478 9.63 0.30 -28.57
C TYR B 478 11.11 0.67 -28.65
N HIS B 479 11.54 1.10 -29.84
CA HIS B 479 12.95 1.42 -30.07
C HIS B 479 13.41 2.64 -29.29
N GLN B 480 12.65 3.72 -29.38
CA GLN B 480 13.14 5.00 -28.88
C GLN B 480 13.04 5.08 -27.36
N GLY B 481 12.17 4.28 -26.76
CA GLY B 481 12.12 4.15 -25.31
C GLY B 481 13.49 3.83 -24.70
N TYR B 482 14.19 2.86 -25.28
CA TYR B 482 15.52 2.51 -24.77
C TYR B 482 16.50 3.68 -24.82
N PHE B 483 16.44 4.47 -25.89
CA PHE B 483 17.36 5.60 -26.02
C PHE B 483 17.01 6.75 -25.09
N VAL B 484 15.72 7.00 -24.92
CA VAL B 484 15.26 8.06 -24.04
C VAL B 484 15.61 7.75 -22.58
N VAL B 485 15.38 6.52 -22.15
CA VAL B 485 15.79 6.11 -20.81
C VAL B 485 17.27 6.34 -20.61
N THR B 486 18.07 5.90 -21.57
CA THR B 486 19.52 6.01 -21.46
C THR B 486 19.94 7.48 -21.41
N ALA B 487 19.37 8.29 -22.31
CA ALA B 487 19.67 9.71 -22.35
C ALA B 487 19.28 10.39 -21.04
N ALA B 488 18.13 10.02 -20.49
CA ALA B 488 17.69 10.65 -19.23
C ALA B 488 18.66 10.35 -18.10
N ILE B 489 19.12 9.11 -18.04
CA ILE B 489 20.07 8.72 -17.01
C ILE B 489 21.39 9.48 -17.14
N ILE B 490 21.92 9.56 -18.35
CA ILE B 490 23.14 10.33 -18.57
C ILE B 490 22.95 11.79 -18.13
N HIS B 491 21.86 12.41 -18.55
CA HIS B 491 21.66 13.83 -18.24
C HIS B 491 21.43 14.04 -16.73
N HIS B 492 20.81 13.06 -16.08
CA HIS B 492 20.64 13.10 -14.63
C HIS B 492 21.97 13.00 -13.89
N LEU B 493 22.82 12.09 -14.33
CA LEU B 493 24.09 11.86 -13.66
C LEU B 493 25.15 12.91 -14.03
N ASP B 494 25.12 13.41 -15.26
CA ASP B 494 26.04 14.47 -15.67
C ASP B 494 25.34 15.50 -16.57
N PRO B 495 24.71 16.51 -15.95
CA PRO B 495 23.94 17.51 -16.70
C PRO B 495 24.79 18.37 -17.64
N THR B 496 26.11 18.33 -17.53
CA THR B 496 26.94 19.18 -18.39
C THR B 496 27.38 18.49 -19.68
N TRP B 497 27.22 17.16 -19.73
CA TRP B 497 27.72 16.36 -20.86
C TRP B 497 26.91 16.58 -22.15
N ASN B 498 27.53 17.20 -23.16
CA ASN B 498 26.87 17.47 -24.45
C ASN B 498 25.42 17.95 -24.30
N ALA B 499 25.19 18.83 -23.32
CA ALA B 499 23.83 19.17 -22.84
C ALA B 499 22.89 19.70 -23.93
N ASP B 500 23.33 20.67 -24.74
CA ASP B 500 22.43 21.24 -25.74
C ASP B 500 22.03 20.19 -26.77
N ARG B 501 23.01 19.43 -27.24
CA ARG B 501 22.69 18.41 -28.25
C ARG B 501 21.90 17.24 -27.67
N LEU B 502 22.27 16.79 -26.47
CA LEU B 502 21.53 15.69 -25.84
C LEU B 502 20.05 16.07 -25.64
N LYS B 503 19.82 17.31 -25.21
CA LYS B 503 18.45 17.79 -25.02
C LYS B 503 17.68 17.83 -26.34
N ALA B 504 18.26 18.40 -27.38
CA ALA B 504 17.59 18.49 -28.67
C ALA B 504 17.30 17.11 -29.25
N TRP B 505 18.31 16.24 -29.22
CA TRP B 505 18.21 14.89 -29.78
C TRP B 505 17.17 14.04 -29.04
N THR B 506 17.25 14.03 -27.72
CA THR B 506 16.33 13.20 -26.93
C THR B 506 14.90 13.68 -27.06
N GLU B 507 14.70 14.99 -27.00
CA GLU B 507 13.35 15.53 -27.10
C GLU B 507 12.78 15.31 -28.52
N ALA B 508 13.63 15.23 -29.53
CA ALA B 508 13.16 14.89 -30.88
C ALA B 508 12.59 13.47 -30.88
N LEU B 509 13.27 12.55 -30.21
CA LEU B 509 12.80 11.16 -30.12
C LEU B 509 11.48 11.08 -29.37
N ILE B 510 11.35 11.88 -28.31
CA ILE B 510 10.12 11.92 -27.52
C ILE B 510 8.96 12.53 -28.33
N ARG B 511 9.25 13.62 -29.03
CA ARG B 511 8.23 14.31 -29.84
C ARG B 511 7.77 13.43 -31.01
N ASP B 512 8.67 12.66 -31.57
CA ASP B 512 8.32 11.75 -32.65
C ASP B 512 7.22 10.79 -32.19
N VAL B 513 7.40 10.24 -30.98
CA VAL B 513 6.46 9.25 -30.46
C VAL B 513 5.23 9.86 -29.77
N ASN B 514 5.42 11.01 -29.10
CA ASN B 514 4.45 11.46 -28.11
C ASN B 514 4.27 12.97 -28.03
N ASN B 515 4.41 13.67 -29.16
CA ASN B 515 4.11 15.10 -29.18
C ASN B 515 2.64 15.36 -28.84
N ALA B 516 2.40 16.25 -27.88
CA ALA B 516 1.05 16.46 -27.37
C ALA B 516 0.39 17.74 -27.87
N ASN B 517 1.04 18.47 -28.77
CA ASN B 517 0.49 19.75 -29.20
C ASN B 517 0.68 20.01 -30.69
N ASP B 518 -0.42 20.36 -31.38
CA ASP B 518 -0.39 20.74 -32.80
C ASP B 518 0.57 21.89 -33.10
N GLY B 519 0.78 22.76 -32.11
CA GLY B 519 1.68 23.89 -32.28
C GLY B 519 3.14 23.50 -32.44
N ASP B 520 3.46 22.25 -32.13
CA ASP B 520 4.76 21.69 -32.50
C ASP B 520 4.63 21.31 -33.96
N GLU B 521 5.19 22.14 -34.82
CA GLU B 521 4.98 22.04 -36.26
C GLU B 521 5.88 21.02 -36.96
N TYR B 522 6.80 20.42 -36.22
CA TYR B 522 7.73 19.50 -36.85
C TYR B 522 7.33 18.04 -36.65
N PHE B 523 6.41 17.80 -35.71
CA PHE B 523 6.04 16.43 -35.36
C PHE B 523 4.54 16.21 -35.25
N ALA B 524 4.05 15.16 -35.92
CA ALA B 524 2.67 14.71 -35.75
C ALA B 524 2.36 14.48 -34.28
N ALA B 525 1.11 14.74 -33.89
CA ALA B 525 0.70 14.61 -32.51
C ALA B 525 0.35 13.16 -32.18
N PHE B 526 0.82 12.73 -31.00
CA PHE B 526 0.54 11.41 -30.46
C PHE B 526 0.63 10.29 -31.49
N ARG B 527 1.79 10.15 -32.13
CA ARG B 527 1.96 9.15 -33.17
CA ARG B 527 1.98 9.14 -33.17
C ARG B 527 1.63 7.74 -32.68
N ASN B 528 2.13 7.40 -31.49
CA ASN B 528 1.94 6.05 -30.99
C ASN B 528 0.99 5.94 -29.81
N TRP B 529 0.16 6.96 -29.57
CA TRP B 529 -0.80 6.86 -28.46
C TRP B 529 -2.23 7.05 -28.94
N ASP B 530 -3.14 6.20 -28.46
CA ASP B 530 -4.56 6.28 -28.81
C ASP B 530 -5.39 6.62 -27.57
N TRP B 531 -5.93 7.84 -27.52
CA TRP B 531 -6.66 8.29 -26.33
C TRP B 531 -8.00 7.58 -26.12
N PHE B 532 -8.57 7.02 -27.19
CA PHE B 532 -9.82 6.28 -27.06
C PHE B 532 -9.59 4.83 -26.68
N ALA B 533 -8.66 4.16 -27.36
CA ALA B 533 -8.28 2.79 -27.00
C ALA B 533 -7.60 2.72 -25.62
N GLY B 534 -6.94 3.80 -25.23
CA GLY B 534 -6.23 3.84 -23.95
C GLY B 534 -4.90 3.07 -23.93
N HIS B 535 -4.28 2.94 -25.10
CA HIS B 535 -2.98 2.27 -25.16
C HIS B 535 -2.23 2.65 -26.43
N SER B 536 -1.01 2.14 -26.57
CA SER B 536 -0.18 2.45 -27.73
CA SER B 536 -0.18 2.44 -27.73
C SER B 536 -0.44 1.46 -28.87
N TRP B 537 -0.16 1.90 -30.10
CA TRP B 537 -0.17 1.02 -31.27
C TRP B 537 1.24 0.97 -31.84
N ALA B 538 1.67 -0.21 -32.29
CA ALA B 538 3.03 -0.38 -32.78
C ALA B 538 3.15 -0.32 -34.31
N GLY B 539 2.19 -0.93 -35.00
CA GLY B 539 2.27 -1.06 -36.45
C GLY B 539 2.08 0.22 -37.23
N GLY B 540 3.01 0.51 -38.14
CA GLY B 540 2.94 1.71 -38.95
C GLY B 540 2.38 1.51 -40.35
N ILE B 541 2.98 2.17 -41.34
CA ILE B 541 2.47 2.16 -42.70
C ILE B 541 2.60 0.78 -43.36
N LYS B 542 1.47 0.24 -43.83
CA LYS B 542 1.43 -1.02 -44.59
C LYS B 542 0.88 -0.76 -45.98
N PRO B 543 1.76 -0.75 -46.98
CA PRO B 543 1.40 -0.36 -48.36
C PRO B 543 0.16 -1.04 -48.95
N ASP B 544 -0.05 -2.32 -48.69
CA ASP B 544 -1.26 -2.97 -49.23
C ASP B 544 -2.25 -3.28 -48.11
N GLY B 545 -2.18 -2.50 -47.03
CA GLY B 545 -3.18 -2.54 -45.99
C GLY B 545 -2.80 -3.39 -44.80
N ALA B 546 -3.11 -2.89 -43.61
CA ALA B 546 -3.04 -3.69 -42.39
C ALA B 546 -4.36 -4.43 -42.28
N LEU B 547 -4.40 -5.67 -42.75
CA LEU B 547 -5.67 -6.35 -42.96
C LEU B 547 -6.39 -6.73 -41.65
N ASP B 548 -5.69 -6.68 -40.52
CA ASP B 548 -6.34 -6.85 -39.22
C ASP B 548 -6.28 -5.57 -38.38
N GLY B 549 -5.93 -4.46 -39.02
CA GLY B 549 -5.86 -3.18 -38.35
C GLY B 549 -4.53 -3.01 -37.62
N ARG B 550 -4.44 -2.02 -36.74
CA ARG B 550 -3.20 -1.78 -35.98
C ARG B 550 -2.89 -2.97 -35.10
N ASP B 551 -1.61 -3.15 -34.79
CA ASP B 551 -1.14 -4.18 -33.89
C ASP B 551 -0.35 -3.57 -32.73
N GLN B 552 -0.30 -4.31 -31.65
CA GLN B 552 0.53 -3.97 -30.50
C GLN B 552 0.89 -5.28 -29.79
N GLU B 553 2.14 -5.43 -29.38
CA GLU B 553 2.54 -6.66 -28.72
C GLU B 553 3.16 -6.43 -27.35
N SER B 554 4.35 -5.83 -27.33
CA SER B 554 5.07 -5.67 -26.06
C SER B 554 4.52 -4.52 -25.21
N VAL B 555 3.73 -4.85 -24.20
CA VAL B 555 3.34 -3.85 -23.22
C VAL B 555 4.57 -3.26 -22.49
N PRO B 556 5.56 -4.11 -22.09
CA PRO B 556 6.69 -3.52 -21.37
C PRO B 556 7.55 -2.52 -22.14
N GLU B 557 7.71 -2.71 -23.45
CA GLU B 557 8.54 -1.79 -24.20
C GLU B 557 7.76 -0.51 -24.48
N SER B 558 6.45 -0.58 -24.44
CA SER B 558 5.63 0.63 -24.48
CA SER B 558 5.62 0.62 -24.48
C SER B 558 5.76 1.37 -23.16
N VAL B 559 5.54 0.65 -22.05
CA VAL B 559 5.77 1.19 -20.71
C VAL B 559 7.13 1.87 -20.61
N ASN B 560 8.14 1.21 -21.16
CA ASN B 560 9.50 1.70 -21.08
C ASN B 560 9.65 3.07 -21.76
N PHE B 561 8.96 3.29 -22.88
CA PHE B 561 8.99 4.63 -23.47
C PHE B 561 8.42 5.68 -22.51
N TYR B 562 7.24 5.44 -21.93
CA TYR B 562 6.62 6.48 -21.10
C TYR B 562 7.39 6.62 -19.77
N TRP B 563 7.98 5.54 -19.28
CA TRP B 563 8.89 5.66 -18.14
C TRP B 563 10.07 6.56 -18.49
N GLY B 564 10.66 6.33 -19.66
CA GLY B 564 11.75 7.18 -20.13
C GLY B 564 11.36 8.64 -20.28
N ALA B 565 10.17 8.89 -20.81
CA ALA B 565 9.66 10.25 -20.95
C ALA B 565 9.55 10.91 -19.58
N LYS B 566 9.01 10.17 -18.61
CA LYS B 566 8.96 10.66 -17.24
C LYS B 566 10.36 10.97 -16.68
N LEU B 567 11.29 10.03 -16.83
CA LEU B 567 12.68 10.28 -16.40
C LEU B 567 13.28 11.52 -17.05
N TRP B 568 13.04 11.71 -18.33
CA TRP B 568 13.55 12.90 -19.00
C TRP B 568 12.94 14.17 -18.39
N GLY B 569 11.63 14.13 -18.11
CA GLY B 569 10.97 15.23 -17.44
C GLY B 569 11.60 15.56 -16.09
N LEU B 570 11.93 14.52 -15.31
CA LEU B 570 12.62 14.69 -14.03
C LEU B 570 14.02 15.27 -14.21
N ALA B 571 14.74 14.75 -15.22
CA ALA B 571 16.11 15.18 -15.48
C ALA B 571 16.22 16.62 -16.01
N THR B 572 15.16 17.13 -16.64
CA THR B 572 15.21 18.47 -17.22
C THR B 572 14.29 19.47 -16.55
N GLY B 573 13.55 19.05 -15.53
CA GLY B 573 12.60 19.95 -14.90
C GLY B 573 11.42 20.33 -15.77
N ASN B 574 10.76 19.32 -16.34
CA ASN B 574 9.58 19.52 -17.18
C ASN B 574 8.38 18.80 -16.56
N THR B 575 7.65 19.47 -15.68
CA THR B 575 6.53 18.84 -15.01
C THR B 575 5.38 18.41 -15.97
N PRO B 576 5.00 19.26 -16.94
CA PRO B 576 3.96 18.78 -17.88
C PRO B 576 4.34 17.48 -18.59
N LEU B 577 5.60 17.33 -18.99
CA LEU B 577 6.05 16.08 -19.60
C LEU B 577 5.97 14.92 -18.61
N THR B 578 6.50 15.13 -17.40
CA THR B 578 6.47 14.12 -16.36
C THR B 578 5.05 13.67 -16.04
N LYS B 579 4.13 14.63 -15.97
CA LYS B 579 2.74 14.34 -15.63
C LYS B 579 1.99 13.68 -16.79
N LEU B 580 2.27 14.11 -18.02
CA LEU B 580 1.64 13.47 -19.17
C LEU B 580 2.04 12.00 -19.23
N ALA B 581 3.34 11.75 -19.12
CA ALA B 581 3.85 10.37 -19.09
C ALA B 581 3.22 9.56 -17.95
N SER B 582 3.11 10.16 -16.76
CA SER B 582 2.43 9.51 -15.63
C SER B 582 0.98 9.11 -15.96
N LEU B 583 0.25 10.03 -16.59
CA LEU B 583 -1.14 9.75 -16.97
C LEU B 583 -1.20 8.57 -17.94
N GLN B 584 -0.34 8.60 -18.96
CA GLN B 584 -0.34 7.56 -19.98
C GLN B 584 0.10 6.21 -19.39
N LEU B 585 0.98 6.23 -18.38
CA LEU B 585 1.35 5.00 -17.70
C LEU B 585 0.17 4.43 -16.93
N ALA B 586 -0.64 5.32 -16.33
CA ALA B 586 -1.81 4.89 -15.57
C ALA B 586 -2.89 4.33 -16.50
N VAL B 587 -3.16 5.03 -17.60
CA VAL B 587 -4.14 4.50 -18.56
C VAL B 587 -3.64 3.18 -19.14
N THR B 588 -2.35 3.10 -19.45
CA THR B 588 -1.72 1.86 -19.90
C THR B 588 -1.92 0.71 -18.91
N LYS B 589 -1.69 0.98 -17.63
CA LYS B 589 -1.89 -0.08 -16.62
C LYS B 589 -3.35 -0.53 -16.61
N ARG B 590 -4.25 0.42 -16.73
CA ARG B 590 -5.68 0.10 -16.74
C ARG B 590 -6.07 -0.79 -17.92
N THR B 591 -5.70 -0.39 -19.14
CA THR B 591 -6.11 -1.16 -20.31
C THR B 591 -5.35 -2.48 -20.41
N THR B 592 -4.12 -2.52 -19.88
CA THR B 592 -3.36 -3.77 -19.85
C THR B 592 -4.15 -4.89 -19.17
N TYR B 593 -4.73 -4.63 -18.00
CA TYR B 593 -5.47 -5.69 -17.33
C TYR B 593 -6.90 -5.86 -17.86
N GLU B 594 -7.42 -4.88 -18.60
CA GLU B 594 -8.71 -5.12 -19.27
C GLU B 594 -8.57 -6.00 -20.51
N TYR B 595 -7.51 -5.80 -21.30
CA TYR B 595 -7.44 -6.42 -22.63
C TYR B 595 -6.22 -7.30 -22.91
N PHE B 596 -5.11 -7.11 -22.17
CA PHE B 596 -3.83 -7.74 -22.54
C PHE B 596 -3.35 -8.84 -21.59
N TRP B 597 -3.33 -8.52 -20.29
CA TRP B 597 -2.93 -9.47 -19.25
C TRP B 597 -4.17 -9.80 -18.42
N MSE B 598 -4.60 -11.04 -18.47
CA MSE B 598 -5.95 -11.37 -18.04
C MSE B 598 -5.96 -12.09 -16.70
O MSE B 598 -5.46 -13.20 -16.57
CB MSE B 598 -6.63 -12.20 -19.13
CG MSE B 598 -6.76 -11.42 -20.42
SE MSE B 598 -7.28 -12.50 -21.97
CE MSE B 598 -5.56 -13.42 -22.22
N LEU B 599 -6.53 -11.42 -15.70
CA LEU B 599 -6.76 -12.03 -14.40
C LEU B 599 -7.95 -12.99 -14.52
N ASP B 600 -8.06 -13.91 -13.57
CA ASP B 600 -9.17 -14.88 -13.52
C ASP B 600 -10.54 -14.28 -13.84
N GLY B 601 -10.80 -13.08 -13.33
CA GLY B 601 -12.10 -12.45 -13.48
C GLY B 601 -12.40 -11.71 -14.78
N ASN B 602 -11.46 -11.73 -15.73
CA ASN B 602 -11.61 -10.93 -16.95
C ASN B 602 -12.88 -11.23 -17.74
N LYS B 603 -13.63 -10.18 -18.08
CA LYS B 603 -14.92 -10.32 -18.75
C LYS B 603 -14.90 -9.92 -20.24
N ASN B 604 -13.71 -9.69 -20.79
CA ASN B 604 -13.63 -9.17 -22.15
C ASN B 604 -13.21 -10.23 -23.17
N ARG B 605 -12.99 -11.44 -22.67
CA ARG B 605 -12.56 -12.56 -23.50
C ARG B 605 -13.27 -13.82 -23.05
N PRO B 606 -13.46 -14.78 -23.97
CA PRO B 606 -14.07 -16.05 -23.55
C PRO B 606 -13.12 -16.79 -22.63
N GLU B 607 -13.66 -17.70 -21.80
CA GLU B 607 -12.87 -18.36 -20.77
C GLU B 607 -11.62 -19.08 -21.29
N ASN B 608 -11.70 -19.71 -22.46
CA ASN B 608 -10.53 -20.43 -22.92
C ASN B 608 -9.44 -19.51 -23.47
N ILE B 609 -9.75 -18.22 -23.64
CA ILE B 609 -8.72 -17.23 -23.96
C ILE B 609 -8.16 -16.63 -22.67
N VAL B 610 -9.05 -16.35 -21.71
CA VAL B 610 -8.62 -15.86 -20.40
C VAL B 610 -7.57 -16.79 -19.77
N ARG B 611 -7.75 -18.11 -19.96
CA ARG B 611 -6.84 -19.09 -19.35
CA ARG B 611 -6.84 -19.09 -19.37
C ARG B 611 -5.42 -19.01 -19.91
N ASN B 612 -5.26 -18.39 -21.08
CA ASN B 612 -3.91 -18.17 -21.63
C ASN B 612 -3.11 -17.15 -20.82
N LYS B 613 -3.82 -16.32 -20.07
CA LYS B 613 -3.26 -15.29 -19.17
C LYS B 613 -2.67 -14.06 -19.91
N VAL B 614 -2.07 -14.24 -21.08
CA VAL B 614 -1.71 -13.09 -21.91
C VAL B 614 -2.30 -13.23 -23.31
N ILE B 615 -2.57 -12.09 -23.94
CA ILE B 615 -3.34 -12.06 -25.19
C ILE B 615 -2.48 -12.40 -26.41
N GLY B 616 -1.16 -12.26 -26.25
CA GLY B 616 -0.24 -12.50 -27.35
C GLY B 616 -0.09 -11.28 -28.25
N ILE B 617 -0.09 -11.51 -29.56
CA ILE B 617 -0.05 -10.39 -30.49
C ILE B 617 -1.45 -9.84 -30.65
N TYR B 618 -1.61 -8.55 -30.36
CA TYR B 618 -2.92 -7.93 -30.29
C TYR B 618 -3.17 -7.03 -31.52
N PHE B 619 -4.28 -7.28 -32.23
CA PHE B 619 -4.69 -6.46 -33.37
C PHE B 619 -6.09 -5.88 -33.13
N GLU B 620 -6.44 -4.85 -33.90
CA GLU B 620 -7.81 -4.34 -33.86
C GLU B 620 -8.85 -5.40 -34.23
N GLN B 621 -8.47 -6.39 -35.05
CA GLN B 621 -9.46 -7.35 -35.55
C GLN B 621 -9.23 -8.79 -35.10
N LYS B 622 -8.08 -9.07 -34.47
CA LYS B 622 -7.83 -10.42 -34.00
C LYS B 622 -6.81 -10.41 -32.87
N THR B 623 -6.72 -11.53 -32.18
CA THR B 623 -5.66 -11.72 -31.20
C THR B 623 -5.03 -13.08 -31.48
N ASP B 624 -3.74 -13.21 -31.22
CA ASP B 624 -3.02 -14.44 -31.59
C ASP B 624 -2.01 -14.81 -30.52
N TYR B 625 -2.28 -15.89 -29.80
CA TYR B 625 -1.44 -16.35 -28.71
C TYR B 625 -0.19 -17.01 -29.28
N THR B 626 0.77 -16.18 -29.69
CA THR B 626 1.97 -16.65 -30.37
C THR B 626 3.03 -15.56 -30.34
N THR B 627 4.19 -15.85 -30.93
CA THR B 627 5.21 -14.82 -31.21
C THR B 627 5.69 -15.02 -32.64
N TYR B 628 6.50 -14.11 -33.16
CA TYR B 628 6.98 -14.25 -34.53
CA TYR B 628 7.00 -14.23 -34.53
C TYR B 628 8.17 -15.21 -34.61
N PHE B 629 8.59 -15.75 -33.47
CA PHE B 629 9.74 -16.66 -33.48
C PHE B 629 9.47 -17.94 -32.71
N GLY B 630 8.21 -18.36 -32.65
CA GLY B 630 7.86 -19.63 -32.04
C GLY B 630 6.81 -19.50 -30.96
N ARG B 631 6.24 -20.62 -30.55
CA ARG B 631 5.17 -20.61 -29.57
C ARG B 631 5.53 -21.28 -28.25
N PHE B 632 6.78 -21.17 -27.82
CA PHE B 632 7.12 -21.68 -26.51
C PHE B 632 6.49 -20.73 -25.50
N LEU B 633 6.00 -21.27 -24.39
CA LEU B 633 5.39 -20.44 -23.36
C LEU B 633 6.32 -19.34 -22.88
N GLU B 634 7.62 -19.65 -22.73
CA GLU B 634 8.56 -18.67 -22.20
C GLU B 634 8.75 -17.53 -23.18
N TYR B 635 8.57 -17.80 -24.47
CA TYR B 635 8.60 -16.72 -25.46
C TYR B 635 7.39 -15.81 -25.29
N ILE B 636 6.21 -16.41 -25.39
CA ILE B 636 4.97 -15.65 -25.41
C ILE B 636 4.84 -14.81 -24.13
N HIS B 637 5.02 -15.47 -23.00
CA HIS B 637 4.88 -14.78 -21.73
C HIS B 637 6.08 -13.91 -21.40
N GLY B 638 7.27 -14.34 -21.82
CA GLY B 638 8.51 -13.59 -21.55
C GLY B 638 8.56 -12.23 -22.22
N ILE B 639 7.95 -12.11 -23.39
CA ILE B 639 7.91 -10.81 -24.05
C ILE B 639 7.23 -9.75 -23.16
N GLN B 640 6.29 -10.20 -22.33
CA GLN B 640 5.58 -9.28 -21.45
C GLN B 640 6.29 -9.04 -20.12
N GLN B 641 7.58 -9.40 -20.06
CA GLN B 641 8.35 -9.33 -18.82
C GLN B 641 9.70 -8.62 -18.98
N LEU B 642 9.92 -7.98 -20.12
CA LEU B 642 11.19 -7.28 -20.33
C LEU B 642 10.95 -6.03 -21.18
N PRO B 643 11.70 -4.94 -20.93
CA PRO B 643 12.77 -4.82 -19.92
C PRO B 643 12.19 -4.71 -18.52
N MSE B 644 12.79 -5.38 -17.55
CA MSE B 644 12.37 -5.27 -16.18
C MSE B 644 13.02 -4.04 -15.57
O MSE B 644 14.23 -3.99 -15.42
CB MSE B 644 12.71 -6.51 -15.36
CG MSE B 644 12.16 -6.49 -13.93
SE MSE B 644 10.19 -6.56 -13.86
CE MSE B 644 9.87 -8.32 -14.64
N THR B 645 12.20 -3.04 -15.24
CA THR B 645 12.66 -1.80 -14.64
C THR B 645 11.87 -1.59 -13.36
N PRO B 646 12.24 -0.57 -12.54
CA PRO B 646 11.38 -0.34 -11.38
C PRO B 646 9.93 -0.04 -11.74
N GLU B 647 9.70 0.60 -12.89
CA GLU B 647 8.33 0.88 -13.32
C GLU B 647 7.54 -0.40 -13.56
N LEU B 648 8.14 -1.32 -14.31
CA LEU B 648 7.45 -2.56 -14.63
C LEU B 648 7.26 -3.40 -13.37
N MSE B 649 8.29 -3.43 -12.53
CA MSE B 649 8.30 -4.31 -11.37
C MSE B 649 7.43 -3.83 -10.20
O MSE B 649 6.77 -4.66 -9.54
CB MSE B 649 9.75 -4.48 -10.88
CG MSE B 649 9.87 -5.41 -9.68
SE MSE B 649 11.73 -5.82 -9.24
CE MSE B 649 11.84 -7.59 -10.05
N GLU B 650 7.42 -2.53 -9.95
CA GLU B 650 6.73 -1.96 -8.78
C GLU B 650 5.32 -1.47 -9.07
N TYR B 651 5.03 -1.16 -10.34
CA TYR B 651 3.77 -0.52 -10.68
C TYR B 651 2.94 -1.27 -11.72
N ILE B 652 3.54 -1.67 -12.84
CA ILE B 652 2.76 -2.24 -13.93
C ILE B 652 2.38 -3.71 -13.72
N ARG B 653 3.36 -4.57 -13.40
CA ARG B 653 3.11 -6.00 -13.25
C ARG B 653 2.71 -6.31 -11.80
N THR B 654 1.42 -6.53 -11.56
CA THR B 654 0.95 -6.74 -10.18
C THR B 654 1.29 -8.14 -9.68
N PRO B 655 1.53 -8.28 -8.37
CA PRO B 655 1.81 -9.62 -7.83
C PRO B 655 0.62 -10.55 -8.03
N GLU B 656 -0.60 -10.02 -8.03
CA GLU B 656 -1.77 -10.85 -8.31
C GLU B 656 -1.71 -11.48 -9.70
N PHE B 657 -1.37 -10.69 -10.71
CA PHE B 657 -1.28 -11.27 -12.05
C PHE B 657 -0.08 -12.19 -12.17
N VAL B 658 1.06 -11.74 -11.66
CA VAL B 658 2.28 -12.54 -11.77
C VAL B 658 2.10 -13.93 -11.14
N SER B 659 1.47 -14.00 -9.97
CA SER B 659 1.33 -15.28 -9.29
C SER B 659 0.34 -16.20 -10.00
N GLN B 660 -0.74 -15.63 -10.56
CA GLN B 660 -1.68 -16.43 -11.36
C GLN B 660 -0.99 -17.01 -12.60
N GLU B 661 -0.23 -16.16 -13.29
CA GLU B 661 0.50 -16.60 -14.47
C GLU B 661 1.54 -17.68 -14.11
N TRP B 662 2.23 -17.50 -12.99
CA TRP B 662 3.24 -18.46 -12.54
C TRP B 662 2.56 -19.79 -12.25
N ASP B 663 1.45 -19.69 -11.52
CA ASP B 663 0.65 -20.85 -11.14
C ASP B 663 0.20 -21.68 -12.34
N GLU B 664 -0.42 -21.03 -13.32
N GLU B 664 -0.38 -21.01 -13.32
CA GLU B 664 -1.06 -21.75 -14.42
CA GLU B 664 -1.05 -21.70 -14.42
C GLU B 664 -0.13 -22.07 -15.59
C GLU B 664 -0.11 -22.08 -15.57
N LYS B 665 0.91 -21.27 -15.79
CA LYS B 665 1.76 -21.44 -16.96
C LYS B 665 3.25 -21.64 -16.71
N LEU B 666 3.86 -20.80 -15.90
CA LEU B 666 5.31 -20.67 -15.95
C LEU B 666 6.11 -21.45 -14.90
N GLY B 667 5.54 -21.63 -13.72
CA GLY B 667 6.22 -22.34 -12.64
C GLY B 667 6.70 -23.73 -13.04
N ALA B 668 5.86 -24.41 -13.81
CA ALA B 668 6.13 -25.76 -14.27
C ALA B 668 7.25 -25.85 -15.31
N ILE B 669 7.39 -24.81 -16.15
CA ILE B 669 8.41 -24.89 -17.21
C ILE B 669 9.71 -24.14 -16.88
N ALA B 670 9.65 -23.17 -15.97
CA ALA B 670 10.82 -22.34 -15.67
C ALA B 670 12.12 -23.12 -15.38
N PRO B 671 12.05 -24.18 -14.54
CA PRO B 671 13.33 -24.86 -14.26
C PRO B 671 13.87 -25.66 -15.45
N THR B 672 13.07 -25.82 -16.49
CA THR B 672 13.51 -26.52 -17.70
C THR B 672 13.92 -25.59 -18.84
N VAL B 673 13.86 -24.28 -18.62
CA VAL B 673 14.23 -23.34 -19.67
C VAL B 673 15.74 -23.16 -19.69
N GLN B 674 16.38 -23.62 -20.76
CA GLN B 674 17.84 -23.53 -20.86
C GLN B 674 18.22 -22.51 -21.92
N SER B 675 17.84 -21.26 -21.68
CA SER B 675 18.03 -20.18 -22.66
C SER B 675 17.98 -18.84 -21.93
N PRO B 676 18.29 -17.73 -22.64
CA PRO B 676 18.18 -16.44 -21.96
C PRO B 676 16.76 -16.14 -21.43
N TRP B 677 15.73 -16.81 -21.93
CA TRP B 677 14.38 -16.61 -21.39
C TRP B 677 14.28 -17.03 -19.93
N ALA B 678 15.20 -17.87 -19.46
CA ALA B 678 15.21 -18.26 -18.05
C ALA B 678 15.47 -17.04 -17.16
N GLY B 679 16.42 -16.20 -17.57
CA GLY B 679 16.67 -14.97 -16.84
C GLY B 679 15.43 -14.07 -16.81
N VAL B 680 14.72 -14.00 -17.93
CA VAL B 680 13.52 -13.18 -18.00
C VAL B 680 12.46 -13.70 -17.02
N LEU B 681 12.16 -14.99 -17.08
CA LEU B 681 11.15 -15.58 -16.20
C LEU B 681 11.50 -15.43 -14.73
N TYR B 682 12.76 -15.65 -14.38
CA TYR B 682 13.11 -15.64 -12.95
C TYR B 682 13.21 -14.23 -12.36
N LEU B 683 13.54 -13.24 -13.18
CA LEU B 683 13.53 -11.86 -12.67
C LEU B 683 12.07 -11.42 -12.48
N ASN B 684 11.21 -11.86 -13.38
CA ASN B 684 9.77 -11.70 -13.20
C ASN B 684 9.31 -12.38 -11.90
N TYR B 685 9.81 -13.60 -11.66
CA TYR B 685 9.48 -14.38 -10.46
C TYR B 685 9.83 -13.63 -9.17
N ALA B 686 10.85 -12.78 -9.23
CA ALA B 686 11.29 -11.99 -8.08
C ALA B 686 10.23 -11.02 -7.57
N ILE B 687 9.26 -10.69 -8.42
CA ILE B 687 8.15 -9.86 -7.98
C ILE B 687 7.40 -10.55 -6.83
N ILE B 688 7.16 -11.84 -6.97
CA ILE B 688 6.35 -12.57 -5.98
C ILE B 688 7.18 -13.41 -5.01
N ASN B 689 8.30 -13.95 -5.49
CA ASN B 689 9.12 -14.82 -4.63
C ASN B 689 10.61 -14.52 -4.74
N PRO B 690 11.05 -13.35 -4.29
CA PRO B 690 12.46 -12.95 -4.46
C PRO B 690 13.46 -13.87 -3.76
N ALA B 691 13.07 -14.48 -2.64
CA ALA B 691 13.97 -15.38 -1.91
C ALA B 691 14.39 -16.57 -2.76
N GLU B 692 13.46 -17.06 -3.56
CA GLU B 692 13.72 -18.18 -4.46
C GLU B 692 14.28 -17.72 -5.81
N ALA B 693 13.88 -16.53 -6.26
CA ALA B 693 14.38 -16.01 -7.54
C ALA B 693 15.87 -15.72 -7.50
N TYR B 694 16.35 -15.20 -6.38
CA TYR B 694 17.73 -14.75 -6.25
C TYR B 694 18.75 -15.85 -6.57
N PRO B 695 18.66 -17.05 -5.94
CA PRO B 695 19.66 -18.05 -6.35
C PRO B 695 19.54 -18.50 -7.81
N ALA B 696 18.32 -18.54 -8.36
CA ALA B 696 18.19 -18.89 -9.77
C ALA B 696 18.90 -17.86 -10.63
N LEU B 697 18.74 -16.58 -10.28
CA LEU B 697 19.32 -15.49 -11.07
C LEU B 697 20.85 -15.47 -10.97
N ARG B 698 21.42 -16.09 -9.94
CA ARG B 698 22.88 -16.22 -9.89
C ARG B 698 23.40 -17.18 -10.95
N LYS B 699 22.55 -18.04 -11.52
CA LYS B 699 23.07 -19.08 -12.41
C LYS B 699 22.51 -19.15 -13.84
N VAL B 700 21.26 -18.75 -14.07
CA VAL B 700 20.66 -18.91 -15.40
C VAL B 700 21.15 -17.86 -16.40
N GLN B 701 20.86 -18.06 -17.68
CA GLN B 701 21.28 -17.10 -18.70
C GLN B 701 20.48 -15.81 -18.62
N MSE B 702 21.10 -14.70 -19.01
CA MSE B 702 20.48 -13.38 -19.02
C MSE B 702 19.94 -13.01 -20.41
O MSE B 702 20.55 -13.34 -21.42
CB MSE B 702 21.50 -12.32 -18.61
CG MSE B 702 22.16 -12.55 -17.26
SE MSE B 702 20.90 -12.17 -15.81
CE MSE B 702 20.07 -13.92 -15.56
N ASP B 703 18.80 -12.32 -20.46
CA ASP B 703 18.36 -11.71 -21.71
C ASP B 703 19.42 -10.70 -22.14
N ASP B 704 19.50 -10.41 -23.44
CA ASP B 704 20.53 -9.49 -23.94
C ASP B 704 20.27 -8.06 -23.48
N GLY B 705 19.08 -7.80 -22.94
CA GLY B 705 18.80 -6.49 -22.36
C GLY B 705 18.84 -6.49 -20.85
N GLN B 706 19.36 -7.56 -20.28
CA GLN B 706 19.32 -7.84 -18.84
C GLN B 706 20.76 -8.07 -18.33
N THR B 707 21.09 -7.61 -17.12
CA THR B 707 22.38 -7.95 -16.51
C THR B 707 22.17 -8.73 -15.22
N ARG B 708 23.14 -9.58 -14.88
CA ARG B 708 23.05 -10.35 -13.65
C ARG B 708 23.11 -9.43 -12.43
N SER B 709 23.97 -8.42 -12.45
CA SER B 709 24.07 -7.54 -11.29
C SER B 709 22.80 -6.76 -11.04
N TYR B 710 22.19 -6.20 -12.10
CA TYR B 710 20.95 -5.44 -11.90
C TYR B 710 19.81 -6.36 -11.46
N SER B 711 19.78 -7.58 -12.00
CA SER B 711 18.76 -8.56 -11.62
C SER B 711 18.82 -8.90 -10.13
N LEU B 712 20.04 -9.11 -9.62
CA LEU B 712 20.23 -9.38 -8.21
C LEU B 712 19.87 -8.17 -7.35
N TYR B 713 20.24 -6.97 -7.82
CA TYR B 713 19.87 -5.73 -7.13
C TYR B 713 18.34 -5.57 -7.05
N LEU B 714 17.65 -5.73 -8.18
CA LEU B 714 16.19 -5.62 -8.19
C LEU B 714 15.55 -6.64 -7.26
N THR B 715 16.11 -7.84 -7.22
CA THR B 715 15.53 -8.89 -6.41
C THR B 715 15.77 -8.62 -4.92
N ALA B 716 16.98 -8.16 -4.58
CA ALA B 716 17.36 -7.96 -3.18
C ALA B 716 16.78 -6.68 -2.59
N THR B 717 16.13 -5.86 -3.43
CA THR B 717 15.41 -4.69 -2.93
C THR B 717 13.91 -4.94 -2.72
N ARG B 718 13.44 -6.16 -2.95
CA ARG B 718 12.06 -6.49 -2.63
CA ARG B 718 12.05 -6.51 -2.63
C ARG B 718 11.88 -6.50 -1.12
N PRO B 719 10.77 -5.92 -0.64
CA PRO B 719 10.59 -5.84 0.82
C PRO B 719 10.52 -7.21 1.50
N HIS B 720 10.14 -8.25 0.77
CA HIS B 720 10.04 -9.57 1.38
C HIS B 720 11.15 -10.51 0.93
N PHE B 721 12.26 -9.94 0.48
CA PHE B 721 13.44 -10.75 0.18
C PHE B 721 14.02 -11.31 1.46
N PHE B 722 14.48 -12.56 1.41
CA PHE B 722 15.32 -13.07 2.48
C PHE B 722 16.24 -14.11 1.88
N ARG B 723 17.27 -14.51 2.63
CA ARG B 723 18.26 -15.45 2.10
C ARG B 723 17.86 -16.87 2.41
N ARG B 724 17.92 -17.72 1.39
CA ARG B 724 17.59 -19.12 1.58
C ARG B 724 18.22 -20.01 0.50
C TRS C . -0.93 -15.57 28.94
C1 TRS C . -1.09 -17.00 29.45
C2 TRS C . -0.50 -15.61 27.48
C3 TRS C . -2.25 -14.79 29.08
N TRS C . 0.14 -14.94 29.72
O1 TRS C . 0.17 -17.63 29.29
O2 TRS C . -0.30 -14.30 26.99
O3 TRS C . -2.66 -14.70 30.42
C TRS D . 14.23 -27.62 18.30
C1 TRS D . 14.09 -26.24 18.92
C2 TRS D . 15.44 -27.69 17.39
C3 TRS D . 13.00 -27.96 17.47
N TRS D . 14.37 -28.62 19.37
O1 TRS D . 14.08 -25.24 17.92
O2 TRS D . 16.33 -26.65 17.71
O3 TRS D . 11.87 -27.77 18.28
C TRS E . 10.51 -5.73 -31.57
C1 TRS E . 10.31 -6.14 -30.11
C2 TRS E . 11.74 -6.42 -32.13
C3 TRS E . 10.65 -4.20 -31.66
N TRS E . 9.34 -6.20 -32.33
O1 TRS E . 9.21 -5.43 -29.55
O2 TRS E . 11.41 -7.73 -32.54
O3 TRS E . 10.74 -3.74 -33.01
C TRS F . 10.57 -25.71 -22.79
C1 TRS F . 10.40 -27.20 -22.54
C2 TRS F . 11.80 -25.17 -22.08
C3 TRS F . 9.31 -24.94 -22.35
N TRS F . 10.77 -25.52 -24.22
O1 TRS F . 9.94 -27.80 -23.73
O2 TRS F . 12.47 -24.33 -23.00
O3 TRS F . 8.71 -24.31 -23.45
C1 MPD G . 5.16 -6.93 0.46
C1 MPD G . 5.16 -6.91 0.18
C2 MPD G . 4.21 -8.08 0.21
C2 MPD G . 4.19 -8.08 0.28
O2 MPD G . 4.37 -9.03 1.30
O2 MPD G . 4.61 -8.96 1.35
CM MPD G . 2.78 -7.60 0.23
CM MPD G . 2.81 -7.55 0.66
C3 MPD G . 4.57 -8.78 -1.11
C3 MPD G . 4.14 -8.88 -1.02
C4 MPD G . 3.93 -8.15 -2.34
C4 MPD G . 4.04 -8.03 -2.28
O4 MPD G . 4.22 -6.79 -2.43
O4 MPD G . 4.82 -8.58 -3.32
C5 MPD G . 4.45 -8.83 -3.62
C5 MPD G . 2.59 -7.99 -2.75
#